data_4XUP
#
_entry.id   4XUP
#
_cell.length_a   84.170
_cell.length_b   110.359
_cell.length_c   118.522
_cell.angle_alpha   90.00
_cell.angle_beta   90.63
_cell.angle_gamma   90.00
#
_symmetry.space_group_name_H-M   'P 1 21 1'
#
loop_
_entity.id
_entity.type
_entity.pdbx_description
1 polymer 'Endo-1,4-beta-xylanase C'
2 non-polymer 'CALCIUM ION'
3 non-polymer GLYCEROL
4 water water
#
_entity_poly.entity_id   1
_entity_poly.type   'polypeptide(L)'
_entity_poly.pdbx_seq_one_letter_code
;KASAAKAGDILLSHSFEEGTTQGWTARGGVKVDVTAEQAYQGKQSLQTTGRTEAWNGPSLSLTDVVHKNEVVEISGYVKL
VAGSAPADLKFTVERRDGNGDTQYDQVNAAEQVTDQKWVKLQGQYSYEQGSSLLLYLESTDAKAAYLLDEFQIRLVKAAP
ENPGEPGEAGQALFKADFEDGNIGNWRARGTEKLEVVSGIGHNSNRSLKTSSRSETYHGPLVEVLPYLQKGSTVHISFWA
MYDEGPATQVINGSLEKEFNRDTANLEYAMFASTTLNKGQWKKIEADIIVPAESTGISGLRMYAETPWKQSSEVTETDTI
PFYVDDVQITATEA
;
_entity_poly.pdbx_strand_id   A,B,C,D,E,F
#
loop_
_chem_comp.id
_chem_comp.type
_chem_comp.name
_chem_comp.formula
CA non-polymer 'CALCIUM ION' 'Ca 2'
GOL non-polymer GLYCEROL 'C3 H8 O3'
#
# COMPACT_ATOMS: atom_id res chain seq x y z
N ALA A 2 8.13 18.77 -12.24
CA ALA A 2 8.54 18.82 -13.68
C ALA A 2 9.42 17.57 -14.02
N SER A 3 8.87 16.38 -13.78
CA SER A 3 9.67 15.11 -13.86
C SER A 3 10.39 14.95 -15.23
N ALA A 4 11.68 14.64 -15.19
CA ALA A 4 12.49 14.52 -16.44
C ALA A 4 12.18 13.19 -17.14
N ALA A 5 12.32 12.13 -16.36
CA ALA A 5 12.10 10.79 -16.88
C ALA A 5 10.64 10.48 -17.06
N LYS A 6 10.39 9.62 -18.05
CA LYS A 6 9.03 9.16 -18.37
C LYS A 6 8.90 7.65 -18.21
N ALA A 7 7.66 7.21 -18.14
CA ALA A 7 7.37 5.77 -18.06
C ALA A 7 8.12 5.00 -19.15
N GLY A 8 8.69 3.88 -18.74
CA GLY A 8 9.52 3.01 -19.61
C GLY A 8 11.01 3.34 -19.66
N ASP A 9 11.38 4.51 -19.16
CA ASP A 9 12.79 4.96 -19.18
C ASP A 9 13.66 4.18 -18.23
N ILE A 10 14.85 3.87 -18.70
CA ILE A 10 15.87 3.29 -17.85
C ILE A 10 16.53 4.37 -16.97
N LEU A 11 16.52 4.12 -15.66
CA LEU A 11 17.17 5.01 -14.68
C LEU A 11 18.62 4.63 -14.35
N LEU A 12 18.83 3.33 -14.30
CA LEU A 12 20.13 2.73 -14.06
C LEU A 12 20.26 1.39 -14.73
N SER A 13 21.44 1.14 -15.25
CA SER A 13 21.81 -0.16 -15.82
C SER A 13 23.25 -0.49 -15.51
N HIS A 14 23.46 -1.60 -14.83
CA HIS A 14 24.80 -2.03 -14.39
C HIS A 14 25.11 -3.44 -14.83
N SER A 15 26.10 -3.54 -15.70
CA SER A 15 26.63 -4.82 -16.19
C SER A 15 27.99 -5.21 -15.56
N PHE A 16 28.58 -4.26 -14.84
CA PHE A 16 29.85 -4.41 -14.11
C PHE A 16 31.00 -4.81 -15.01
N GLU A 17 30.95 -4.40 -16.26
CA GLU A 17 31.92 -4.83 -17.27
C GLU A 17 33.24 -4.02 -17.27
N GLU A 18 33.25 -2.89 -16.57
CA GLU A 18 34.39 -1.94 -16.58
C GLU A 18 35.25 -1.96 -15.32
N GLY A 19 35.12 -3.00 -14.52
CA GLY A 19 35.95 -3.17 -13.28
C GLY A 19 35.78 -2.13 -12.18
N THR A 20 34.69 -1.38 -12.24
CA THR A 20 34.26 -0.51 -11.13
C THR A 20 32.96 -1.14 -10.65
N THR A 21 32.63 -0.94 -9.38
CA THR A 21 31.35 -1.46 -8.82
C THR A 21 30.12 -0.59 -9.16
N GLN A 22 30.33 0.42 -9.97
CA GLN A 22 29.28 1.32 -10.46
C GLN A 22 28.37 1.87 -9.34
N GLY A 23 28.99 2.15 -8.20
CA GLY A 23 28.33 2.79 -7.05
C GLY A 23 28.00 1.85 -5.91
N TRP A 24 28.05 0.57 -6.19
CA TRP A 24 27.76 -0.43 -5.16
C TRP A 24 28.89 -0.44 -4.14
N THR A 25 28.50 -0.53 -2.88
CA THR A 25 29.46 -0.66 -1.77
C THR A 25 29.00 -1.56 -0.67
N ALA A 26 29.99 -1.87 0.17
CA ALA A 26 29.79 -2.76 1.31
C ALA A 26 28.85 -2.16 2.32
N ARG A 27 27.87 -2.97 2.67
CA ARG A 27 27.02 -2.73 3.83
C ARG A 27 27.42 -3.77 4.85
N GLY A 28 28.00 -3.30 5.94
CA GLY A 28 28.53 -4.16 6.97
C GLY A 28 29.96 -4.51 6.62
N GLY A 29 30.54 -5.43 7.38
CA GLY A 29 31.99 -5.75 7.31
C GLY A 29 32.37 -6.66 6.16
N VAL A 30 31.77 -6.42 5.01
CA VAL A 30 31.84 -7.33 3.89
C VAL A 30 32.77 -6.83 2.81
N LYS A 31 33.03 -7.71 1.88
CA LYS A 31 33.88 -7.43 0.74
C LYS A 31 33.04 -7.42 -0.54
N VAL A 32 32.95 -6.26 -1.15
CA VAL A 32 32.20 -6.08 -2.37
C VAL A 32 33.10 -5.63 -3.49
N ASP A 33 33.23 -6.47 -4.49
CA ASP A 33 34.06 -6.13 -5.67
C ASP A 33 33.59 -6.80 -6.92
N VAL A 34 34.11 -6.31 -8.03
CA VAL A 34 33.90 -6.91 -9.32
C VAL A 34 34.77 -8.17 -9.46
N THR A 35 34.18 -9.20 -10.03
CA THR A 35 34.90 -10.42 -10.42
C THR A 35 34.74 -10.71 -11.89
N ALA A 36 35.80 -11.31 -12.46
CA ALA A 36 35.85 -11.78 -13.88
C ALA A 36 35.82 -13.31 -13.98
N GLU A 37 35.51 -13.92 -12.86
CA GLU A 37 35.48 -15.37 -12.69
C GLU A 37 34.19 -15.98 -13.23
N GLN A 38 33.12 -15.26 -12.97
CA GLN A 38 31.76 -15.64 -13.39
C GLN A 38 30.91 -14.41 -13.74
N ALA A 39 29.90 -14.67 -14.56
CA ALA A 39 29.01 -13.62 -15.06
C ALA A 39 27.74 -14.18 -15.70
N TYR A 40 26.69 -13.37 -15.68
CA TYR A 40 25.45 -13.70 -16.41
C TYR A 40 25.57 -13.27 -17.84
N GLN A 41 25.99 -12.04 -17.98
CA GLN A 41 26.24 -11.42 -19.28
C GLN A 41 27.62 -10.81 -19.23
N GLY A 42 28.31 -10.89 -20.35
CA GLY A 42 29.66 -10.39 -20.49
C GLY A 42 30.65 -11.22 -19.69
N LYS A 43 31.76 -10.60 -19.35
CA LYS A 43 32.85 -11.26 -18.60
C LYS A 43 32.82 -11.10 -17.09
N GLN A 44 32.05 -10.14 -16.63
CA GLN A 44 32.12 -9.72 -15.22
C GLN A 44 30.78 -9.54 -14.51
N SER A 45 30.87 -9.71 -13.21
CA SER A 45 29.75 -9.51 -12.30
C SER A 45 30.21 -8.95 -10.94
N LEU A 46 29.22 -8.59 -10.14
CA LEU A 46 29.44 -8.04 -8.79
C LEU A 46 29.41 -9.10 -7.70
N GLN A 47 30.54 -9.23 -7.04
CA GLN A 47 30.72 -10.26 -6.01
C GLN A 47 30.71 -9.70 -4.60
N THR A 48 30.05 -10.44 -3.75
CA THR A 48 29.98 -10.12 -2.35
C THR A 48 30.39 -11.33 -1.50
N THR A 49 31.39 -11.13 -0.68
CA THR A 49 31.87 -12.17 0.29
C THR A 49 32.06 -11.59 1.68
N GLY A 50 32.27 -12.47 2.62
CA GLY A 50 32.61 -12.07 4.00
C GLY A 50 31.42 -11.62 4.84
N ARG A 51 30.25 -12.02 4.41
CA ARG A 51 29.03 -11.76 5.18
C ARG A 51 29.10 -12.53 6.48
N THR A 52 28.63 -11.88 7.54
CA THR A 52 28.48 -12.47 8.89
C THR A 52 27.16 -12.16 9.57
N GLU A 53 26.45 -11.19 9.04
CA GLU A 53 25.07 -10.85 9.52
C GLU A 53 24.08 -10.82 8.37
N ALA A 54 22.85 -11.23 8.65
CA ALA A 54 21.79 -11.35 7.61
C ALA A 54 21.62 -10.07 6.80
N TRP A 55 21.70 -8.96 7.51
CA TRP A 55 21.51 -7.62 6.93
C TRP A 55 22.70 -7.10 6.10
N ASN A 56 23.84 -7.73 6.27
CA ASN A 56 24.99 -7.47 5.41
C ASN A 56 24.74 -7.74 3.94
N GLY A 57 25.37 -6.96 3.10
CA GLY A 57 25.31 -7.17 1.64
C GLY A 57 25.87 -6.04 0.81
N PRO A 58 25.77 -6.14 -0.52
CA PRO A 58 26.16 -5.04 -1.33
C PRO A 58 25.00 -4.11 -1.35
N SER A 59 25.32 -2.83 -1.44
CA SER A 59 24.35 -1.78 -1.33
C SER A 59 24.59 -0.68 -2.33
N LEU A 60 23.49 -0.01 -2.61
CA LEU A 60 23.46 1.02 -3.63
C LEU A 60 22.52 2.10 -3.19
N SER A 61 23.02 3.33 -3.24
CA SER A 61 22.24 4.49 -2.82
C SER A 61 21.31 4.83 -3.95
N LEU A 62 20.04 4.98 -3.61
CA LEU A 62 18.99 5.33 -4.58
C LEU A 62 18.43 6.73 -4.42
N THR A 63 18.99 7.48 -3.49
CA THR A 63 18.51 8.81 -3.11
C THR A 63 18.35 9.72 -4.34
N ASP A 64 19.36 9.69 -5.19
CA ASP A 64 19.39 10.53 -6.41
C ASP A 64 18.72 9.91 -7.66
N VAL A 65 18.22 8.70 -7.50
CA VAL A 65 17.70 7.88 -8.62
C VAL A 65 16.19 7.73 -8.63
N VAL A 66 15.65 7.51 -7.45
CA VAL A 66 14.24 7.23 -7.25
C VAL A 66 13.63 8.35 -6.42
N HIS A 67 12.59 8.93 -6.97
CA HIS A 67 11.93 10.02 -6.30
C HIS A 67 10.60 9.68 -5.69
N LYS A 68 10.19 10.59 -4.85
CA LYS A 68 8.94 10.49 -4.15
C LYS A 68 7.80 10.12 -5.12
N ASN A 69 7.04 9.09 -4.75
CA ASN A 69 5.81 8.64 -5.48
C ASN A 69 5.95 8.09 -6.91
N GLU A 70 7.17 8.07 -7.40
CA GLU A 70 7.49 7.33 -8.61
C GLU A 70 7.35 5.84 -8.30
N VAL A 71 6.84 5.11 -9.29
CA VAL A 71 6.92 3.66 -9.27
C VAL A 71 8.06 3.23 -10.16
N VAL A 72 9.00 2.52 -9.56
CA VAL A 72 10.10 1.90 -10.31
C VAL A 72 10.11 0.37 -10.24
N GLU A 73 10.82 -0.19 -11.20
CA GLU A 73 11.00 -1.62 -11.31
C GLU A 73 12.48 -1.95 -11.16
N ILE A 74 12.78 -2.68 -10.12
CA ILE A 74 14.14 -3.09 -9.80
C ILE A 74 14.36 -4.56 -10.12
N SER A 75 15.40 -4.84 -10.88
CA SER A 75 15.72 -6.20 -11.32
C SER A 75 17.21 -6.48 -11.40
N GLY A 76 17.53 -7.75 -11.29
CA GLY A 76 18.89 -8.24 -11.47
C GLY A 76 19.00 -9.75 -11.48
N TYR A 77 20.14 -10.23 -11.91
CA TYR A 77 20.43 -11.68 -11.93
C TYR A 77 21.42 -12.01 -10.84
N VAL A 78 21.10 -13.06 -10.11
CA VAL A 78 21.95 -13.48 -9.00
C VAL A 78 22.33 -14.95 -9.01
N LYS A 79 23.42 -15.23 -8.32
CA LYS A 79 23.95 -16.56 -8.20
C LYS A 79 24.87 -16.70 -7.04
N LEU A 80 24.80 -17.84 -6.37
CA LEU A 80 25.66 -18.07 -5.21
C LEU A 80 27.07 -18.41 -5.64
N VAL A 81 27.99 -17.96 -4.83
CA VAL A 81 29.43 -18.26 -5.01
C VAL A 81 29.63 -19.76 -4.81
N ALA A 82 30.56 -20.32 -5.60
CA ALA A 82 30.87 -21.78 -5.54
C ALA A 82 31.10 -22.27 -4.11
N GLY A 83 30.43 -23.38 -3.80
CA GLY A 83 30.53 -24.04 -2.50
C GLY A 83 29.56 -23.56 -1.44
N SER A 84 28.60 -22.77 -1.89
CA SER A 84 27.61 -22.15 -1.00
C SER A 84 26.35 -22.99 -0.96
N ALA A 85 25.83 -23.16 0.24
CA ALA A 85 24.58 -23.88 0.43
C ALA A 85 23.45 -23.01 -0.13
N PRO A 86 22.44 -23.63 -0.79
CA PRO A 86 21.29 -22.87 -1.24
C PRO A 86 20.72 -21.96 -0.17
N ALA A 87 20.34 -20.79 -0.63
CA ALA A 87 19.89 -19.74 0.27
C ALA A 87 18.94 -18.83 -0.43
N ASP A 88 18.15 -18.17 0.39
CA ASP A 88 17.10 -17.24 -0.05
C ASP A 88 17.61 -15.78 -0.12
N LEU A 89 17.46 -15.18 -1.29
CA LEU A 89 17.89 -13.81 -1.57
C LEU A 89 16.75 -12.86 -1.95
N LYS A 90 16.90 -11.61 -1.55
CA LYS A 90 15.96 -10.56 -1.90
C LYS A 90 16.60 -9.17 -1.85
N PHE A 91 15.96 -8.28 -2.59
CA PHE A 91 16.26 -6.87 -2.55
C PHE A 91 15.40 -6.20 -1.47
N THR A 92 16.05 -5.34 -0.72
CA THR A 92 15.43 -4.55 0.33
C THR A 92 15.89 -3.12 0.17
N VAL A 93 14.99 -2.21 0.49
CA VAL A 93 15.32 -0.78 0.59
C VAL A 93 15.22 -0.31 2.03
N GLU A 94 16.35 0.14 2.54
CA GLU A 94 16.42 0.85 3.81
C GLU A 94 16.11 2.28 3.55
N ARG A 95 15.09 2.75 4.23
CA ARG A 95 14.58 4.11 4.01
C ARG A 95 14.49 4.90 5.31
N ARG A 96 14.95 6.12 5.25
CA ARG A 96 14.74 7.06 6.35
C ARG A 96 13.44 7.77 6.10
N ASP A 97 12.49 7.54 7.00
CA ASP A 97 11.14 8.14 6.86
C ASP A 97 11.15 9.65 7.17
N GLY A 98 9.95 10.21 7.18
CA GLY A 98 9.76 11.68 7.26
C GLY A 98 10.36 12.31 8.50
N ASN A 99 10.39 11.52 9.58
CA ASN A 99 10.95 11.96 10.87
C ASN A 99 12.27 11.26 11.23
N GLY A 100 12.96 10.76 10.21
CA GLY A 100 14.35 10.23 10.38
C GLY A 100 14.48 8.84 11.01
N ASP A 101 13.34 8.18 11.20
CA ASP A 101 13.32 6.80 11.66
C ASP A 101 13.59 5.82 10.49
N THR A 102 14.23 4.72 10.81
CA THR A 102 14.61 3.76 9.79
C THR A 102 13.48 2.80 9.48
N GLN A 103 13.14 2.72 8.21
CA GLN A 103 12.17 1.75 7.71
C GLN A 103 12.83 0.76 6.79
N TYR A 104 12.29 -0.44 6.81
CA TYR A 104 12.76 -1.51 5.91
C TYR A 104 11.66 -1.93 4.93
N ASP A 105 11.82 -1.49 3.69
CA ASP A 105 10.83 -1.76 2.65
C ASP A 105 11.22 -2.96 1.80
N GLN A 106 10.26 -3.84 1.62
CA GLN A 106 10.42 -5.02 0.78
C GLN A 106 10.18 -4.64 -0.67
N VAL A 107 11.01 -5.21 -1.54
CA VAL A 107 10.99 -4.91 -2.97
C VAL A 107 10.34 -6.10 -3.65
N ASN A 108 10.99 -7.24 -3.52
CA ASN A 108 10.55 -8.51 -4.10
C ASN A 108 10.48 -9.55 -3.00
N ALA A 109 9.75 -10.60 -3.28
CA ALA A 109 9.67 -11.77 -2.38
C ALA A 109 10.92 -12.62 -2.60
N ALA A 110 11.45 -13.13 -1.49
CA ALA A 110 12.66 -13.89 -1.48
C ALA A 110 12.58 -15.08 -2.44
N GLU A 111 13.69 -15.35 -3.08
CA GLU A 111 13.80 -16.42 -4.07
C GLU A 111 14.96 -17.32 -3.68
N GLN A 112 14.78 -18.62 -3.85
CA GLN A 112 15.83 -19.57 -3.55
C GLN A 112 16.85 -19.48 -4.66
N VAL A 113 18.09 -19.35 -4.23
CA VAL A 113 19.21 -19.21 -5.11
C VAL A 113 20.26 -20.24 -4.73
N THR A 114 20.95 -20.64 -5.76
CA THR A 114 21.84 -21.79 -5.75
C THR A 114 23.18 -21.40 -6.36
N ASP A 115 24.19 -22.25 -6.19
CA ASP A 115 25.53 -21.99 -6.80
C ASP A 115 25.69 -22.52 -8.22
N GLN A 116 24.62 -23.10 -8.74
CA GLN A 116 24.66 -23.79 -10.05
C GLN A 116 24.13 -23.00 -11.23
N LYS A 117 23.36 -21.99 -10.92
CA LYS A 117 22.48 -21.38 -11.90
C LYS A 117 22.14 -19.92 -11.51
N TRP A 118 22.15 -19.02 -12.51
CA TRP A 118 21.68 -17.66 -12.34
C TRP A 118 20.14 -17.59 -12.22
N VAL A 119 19.68 -16.71 -11.34
CA VAL A 119 18.26 -16.50 -11.05
C VAL A 119 17.89 -15.02 -11.15
N LYS A 120 16.77 -14.74 -11.77
CA LYS A 120 16.29 -13.38 -11.93
C LYS A 120 15.53 -13.00 -10.69
N LEU A 121 15.95 -11.89 -10.10
CA LEU A 121 15.20 -11.22 -9.04
C LEU A 121 14.55 -9.96 -9.61
N GLN A 122 13.31 -9.71 -9.23
CA GLN A 122 12.55 -8.58 -9.76
C GLN A 122 11.40 -8.17 -8.90
N GLY A 123 11.19 -6.87 -8.84
CA GLY A 123 10.14 -6.30 -8.04
C GLY A 123 9.94 -4.82 -8.31
N GLN A 124 8.75 -4.34 -7.97
CA GLN A 124 8.40 -2.92 -8.09
C GLN A 124 8.50 -2.29 -6.74
N TYR A 125 8.85 -1.01 -6.78
CA TYR A 125 9.08 -0.22 -5.57
C TYR A 125 8.62 1.20 -5.71
N SER A 126 8.12 1.74 -4.62
CA SER A 126 7.79 3.18 -4.50
C SER A 126 7.77 3.60 -3.05
N TYR A 127 7.92 4.89 -2.81
CA TYR A 127 7.79 5.43 -1.46
C TYR A 127 7.07 6.80 -1.48
N GLU A 128 6.41 7.11 -0.38
CA GLU A 128 5.70 8.39 -0.20
C GLU A 128 6.56 9.47 0.49
N GLN A 129 7.26 9.06 1.53
CA GLN A 129 8.05 9.97 2.39
C GLN A 129 9.37 9.43 2.76
N GLY A 130 10.39 10.22 2.51
CA GLY A 130 11.72 9.81 2.87
C GLY A 130 12.88 10.68 2.46
N SER A 131 13.95 10.52 3.22
CA SER A 131 15.07 11.47 3.17
C SER A 131 16.25 10.81 2.49
N SER A 132 16.46 9.54 2.77
CA SER A 132 17.52 8.76 2.12
C SER A 132 17.01 7.38 1.80
N LEU A 133 17.57 6.81 0.74
CA LEU A 133 17.20 5.46 0.29
C LEU A 133 18.44 4.65 -0.04
N LEU A 134 18.47 3.48 0.58
CA LEU A 134 19.54 2.55 0.40
C LEU A 134 19.04 1.17 0.00
N LEU A 135 19.35 0.79 -1.23
CA LEU A 135 19.00 -0.54 -1.77
C LEU A 135 20.10 -1.53 -1.42
N TYR A 136 19.70 -2.69 -0.93
CA TYR A 136 20.66 -3.72 -0.67
C TYR A 136 20.13 -5.12 -0.99
N LEU A 137 21.07 -6.00 -1.26
CA LEU A 137 20.81 -7.38 -1.59
C LEU A 137 21.18 -8.29 -0.42
N GLU A 138 20.16 -8.94 0.11
CA GLU A 138 20.19 -9.56 1.42
C GLU A 138 19.87 -11.04 1.35
N SER A 139 20.42 -11.79 2.30
CA SER A 139 19.95 -13.15 2.53
C SER A 139 19.74 -13.46 4.00
N THR A 140 18.73 -14.26 4.26
CA THR A 140 18.47 -14.75 5.67
C THR A 140 19.61 -15.66 6.16
N ASP A 141 20.24 -16.34 5.21
CA ASP A 141 21.50 -17.05 5.48
C ASP A 141 22.61 -16.01 5.63
N ALA A 142 23.04 -15.82 6.86
CA ALA A 142 24.00 -14.73 7.23
C ALA A 142 25.41 -14.94 6.73
N LYS A 143 25.68 -16.18 6.32
CA LYS A 143 27.03 -16.60 5.84
C LYS A 143 27.15 -16.67 4.33
N ALA A 144 26.02 -16.59 3.65
CA ALA A 144 25.96 -16.78 2.20
C ALA A 144 26.73 -15.73 1.44
N ALA A 145 27.37 -16.17 0.37
CA ALA A 145 28.14 -15.29 -0.51
C ALA A 145 27.57 -15.40 -1.92
N TYR A 146 27.51 -14.29 -2.61
CA TYR A 146 26.81 -14.25 -3.87
C TYR A 146 27.23 -13.18 -4.84
N LEU A 147 26.85 -13.46 -6.08
CA LEU A 147 27.08 -12.61 -7.24
C LEU A 147 25.80 -11.92 -7.69
N LEU A 148 25.99 -10.78 -8.32
CA LEU A 148 24.93 -9.98 -8.92
C LEU A 148 25.40 -9.48 -10.25
N ASP A 149 24.53 -9.56 -11.24
CA ASP A 149 24.84 -9.09 -12.58
C ASP A 149 23.60 -8.58 -13.30
N GLU A 150 23.83 -7.80 -14.34
CA GLU A 150 22.78 -7.21 -15.18
C GLU A 150 21.69 -6.62 -14.32
N PHE A 151 22.13 -5.73 -13.45
CA PHE A 151 21.24 -5.04 -12.53
C PHE A 151 20.64 -3.88 -13.28
N GLN A 152 19.37 -3.67 -13.03
CA GLN A 152 18.64 -2.63 -13.73
C GLN A 152 17.50 -2.00 -12.90
N ILE A 153 17.32 -0.69 -13.10
CA ILE A 153 16.18 0.07 -12.56
C ILE A 153 15.48 0.81 -13.66
N ARG A 154 14.19 0.53 -13.79
CA ARG A 154 13.34 1.13 -14.84
C ARG A 154 12.22 1.92 -14.18
N LEU A 155 11.85 3.03 -14.82
CA LEU A 155 10.70 3.84 -14.37
C LEU A 155 9.42 3.27 -14.95
N VAL A 156 8.51 2.88 -14.08
CA VAL A 156 7.24 2.28 -14.51
C VAL A 156 6.20 3.36 -14.67
N LYS A 157 6.06 4.13 -13.62
CA LYS A 157 5.08 5.18 -13.57
C LYS A 157 5.67 6.44 -12.91
N ALA A 158 5.58 7.53 -13.64
CA ALA A 158 6.03 8.84 -13.18
C ALA A 158 5.18 9.29 -12.02
N ALA A 159 5.71 10.20 -11.22
CA ALA A 159 4.96 10.72 -10.07
C ALA A 159 3.87 11.65 -10.57
N PRO A 160 2.64 11.54 -10.01
CA PRO A 160 1.59 12.47 -10.44
C PRO A 160 2.03 13.89 -10.14
N GLU A 161 1.32 14.87 -10.68
CA GLU A 161 1.71 16.31 -10.49
C GLU A 161 0.58 17.08 -9.80
N ASN A 162 0.97 18.04 -8.97
CA ASN A 162 -0.01 18.75 -8.11
C ASN A 162 -0.95 17.75 -7.32
N PRO A 163 -0.31 16.85 -6.50
CA PRO A 163 -1.06 15.89 -5.62
C PRO A 163 -1.92 16.62 -4.54
N GLY A 167 -4.57 20.90 -0.61
CA GLY A 167 -5.80 20.09 -0.66
C GLY A 167 -6.44 19.73 0.71
N GLU A 168 -7.21 18.63 0.71
CA GLU A 168 -7.88 18.12 1.92
C GLU A 168 -7.75 16.57 2.00
N ALA A 169 -7.54 16.08 3.25
CA ALA A 169 -7.31 14.67 3.53
C ALA A 169 -8.67 14.03 3.67
N GLY A 170 -9.15 13.56 2.52
CA GLY A 170 -10.22 12.59 2.47
C GLY A 170 -9.71 11.29 1.88
N GLN A 171 -8.46 11.22 1.39
CA GLN A 171 -7.96 9.99 0.73
C GLN A 171 -8.50 9.91 -0.72
N ALA A 172 -7.59 9.91 -1.69
CA ALA A 172 -7.96 9.91 -3.10
C ALA A 172 -8.11 8.46 -3.56
N LEU A 173 -9.34 8.06 -3.81
CA LEU A 173 -9.67 6.68 -4.25
C LEU A 173 -9.44 6.49 -5.75
N PHE A 174 -9.69 7.55 -6.50
CA PHE A 174 -9.59 7.52 -7.96
C PHE A 174 -9.13 8.87 -8.46
N LYS A 175 -8.23 8.85 -9.43
CA LYS A 175 -7.69 10.06 -9.99
C LYS A 175 -7.39 9.87 -11.46
N ALA A 176 -7.70 10.90 -12.23
CA ALA A 176 -7.34 10.93 -13.65
C ALA A 176 -7.03 12.37 -14.05
N ASP A 177 -5.77 12.57 -14.39
CA ASP A 177 -5.23 13.86 -14.85
C ASP A 177 -4.81 13.84 -16.33
N PHE A 178 -4.68 12.64 -16.88
CA PHE A 178 -4.37 12.38 -18.31
C PHE A 178 -2.97 12.78 -18.76
N GLU A 179 -2.12 13.14 -17.81
CA GLU A 179 -0.78 13.70 -18.13
C GLU A 179 0.17 12.65 -18.73
N ASP A 180 -0.04 11.41 -18.32
CA ASP A 180 0.68 10.25 -18.90
C ASP A 180 0.30 9.92 -20.35
N GLY A 181 -0.65 10.68 -20.90
CA GLY A 181 -1.15 10.47 -22.28
C GLY A 181 -2.10 9.29 -22.50
N ASN A 182 -2.49 8.64 -21.40
CA ASN A 182 -3.22 7.35 -21.44
C ASN A 182 -4.71 7.50 -21.22
N ILE A 183 -5.45 6.94 -22.17
CA ILE A 183 -6.90 6.84 -22.10
C ILE A 183 -7.37 5.89 -21.01
N GLY A 184 -6.54 4.92 -20.67
CA GLY A 184 -6.85 3.95 -19.63
C GLY A 184 -8.13 3.19 -19.95
N ASN A 185 -9.02 3.17 -18.98
CA ASN A 185 -10.29 2.43 -19.08
C ASN A 185 -11.47 3.25 -19.55
N TRP A 186 -11.19 4.50 -19.91
CA TRP A 186 -12.22 5.41 -20.38
C TRP A 186 -12.70 4.96 -21.72
N ARG A 187 -14.00 5.06 -21.89
CA ARG A 187 -14.64 4.55 -23.09
C ARG A 187 -15.81 5.44 -23.49
N ALA A 188 -16.09 5.37 -24.78
CA ALA A 188 -17.28 5.95 -25.35
C ALA A 188 -18.52 5.19 -24.88
N ARG A 189 -19.65 5.87 -24.93
CA ARG A 189 -20.98 5.25 -24.65
C ARG A 189 -21.71 4.74 -25.89
N GLY A 190 -21.41 5.36 -27.03
CA GLY A 190 -21.96 4.97 -28.32
C GLY A 190 -20.90 5.07 -29.39
N THR A 191 -21.17 5.85 -30.42
CA THR A 191 -20.27 5.94 -31.60
C THR A 191 -19.29 7.12 -31.57
N GLU A 192 -19.34 7.88 -30.48
CA GLU A 192 -18.49 9.06 -30.34
C GLU A 192 -17.03 8.64 -30.13
N LYS A 193 -16.16 9.64 -30.26
CA LYS A 193 -14.69 9.48 -30.28
C LYS A 193 -14.01 10.08 -29.06
N LEU A 194 -13.20 9.27 -28.40
CA LEU A 194 -12.41 9.69 -27.25
C LEU A 194 -10.95 9.81 -27.61
N GLU A 195 -10.34 10.86 -27.11
CA GLU A 195 -8.94 11.14 -27.40
C GLU A 195 -8.29 11.95 -26.29
N VAL A 196 -7.08 11.54 -25.91
CA VAL A 196 -6.31 12.31 -24.94
C VAL A 196 -5.53 13.30 -25.74
N VAL A 197 -5.89 14.56 -25.59
CA VAL A 197 -5.19 15.62 -26.34
C VAL A 197 -4.04 16.18 -25.51
N SER A 198 -3.03 16.69 -26.20
CA SER A 198 -1.97 17.49 -25.59
C SER A 198 -2.01 18.93 -26.13
N GLY A 199 -1.68 19.87 -25.25
CA GLY A 199 -1.82 21.31 -25.52
C GLY A 199 -3.12 21.93 -25.00
N ILE A 200 -3.98 21.11 -24.44
CA ILE A 200 -5.24 21.56 -23.79
C ILE A 200 -5.46 20.78 -22.50
N GLY A 201 -5.76 21.52 -21.45
CA GLY A 201 -5.96 20.96 -20.13
C GLY A 201 -6.23 21.98 -19.05
N HIS A 202 -6.67 21.48 -17.91
CA HIS A 202 -7.00 22.29 -16.73
C HIS A 202 -5.76 22.47 -15.89
N ASN A 203 -5.19 23.68 -15.97
CA ASN A 203 -3.88 24.01 -15.35
C ASN A 203 -2.85 22.91 -15.62
N SER A 204 -2.81 22.53 -16.89
CA SER A 204 -2.08 21.35 -17.32
C SER A 204 -2.10 21.19 -18.84
N ASN A 205 -1.25 20.30 -19.30
CA ASN A 205 -1.04 20.08 -20.73
C ASN A 205 -2.05 19.16 -21.44
N ARG A 206 -2.60 18.21 -20.68
CA ARG A 206 -3.49 17.18 -21.23
C ARG A 206 -4.83 17.02 -20.55
N SER A 207 -5.76 16.57 -21.37
CA SER A 207 -7.14 16.34 -20.99
C SER A 207 -7.81 15.37 -21.98
N LEU A 208 -8.99 14.93 -21.57
CA LEU A 208 -9.73 13.92 -22.30
C LEU A 208 -10.81 14.59 -23.13
N LYS A 209 -10.60 14.53 -24.42
CA LYS A 209 -11.53 15.10 -25.39
C LYS A 209 -12.53 14.08 -25.94
N THR A 210 -13.81 14.46 -25.91
CA THR A 210 -14.88 13.71 -26.53
C THR A 210 -15.41 14.52 -27.73
N SER A 211 -15.37 13.92 -28.90
CA SER A 211 -15.81 14.56 -30.13
C SER A 211 -16.65 13.57 -30.97
N SER A 212 -17.04 14.00 -32.18
CA SER A 212 -17.95 13.21 -33.06
C SER A 212 -19.19 12.76 -32.30
N ARG A 213 -19.66 13.61 -31.42
CA ARG A 213 -20.90 13.34 -30.71
C ARG A 213 -22.05 13.59 -31.65
N SER A 214 -23.02 12.70 -31.62
CA SER A 214 -24.25 12.75 -32.42
C SER A 214 -25.51 12.49 -31.61
N GLU A 215 -25.32 12.29 -30.32
CA GLU A 215 -26.46 12.10 -29.38
C GLU A 215 -26.08 12.79 -28.08
N THR A 216 -27.08 13.17 -27.31
CA THR A 216 -26.84 13.97 -26.08
C THR A 216 -26.13 13.12 -24.98
N TYR A 217 -26.52 11.85 -24.94
CA TYR A 217 -25.98 10.84 -24.02
C TYR A 217 -24.52 10.43 -24.32
N HIS A 218 -24.02 10.82 -25.49
CA HIS A 218 -22.62 10.62 -25.84
C HIS A 218 -21.70 11.44 -24.96
N GLY A 219 -20.71 10.76 -24.41
CA GLY A 219 -19.71 11.38 -23.53
C GLY A 219 -18.78 10.36 -22.93
N PRO A 220 -17.72 10.82 -22.23
CA PRO A 220 -16.73 9.93 -21.72
C PRO A 220 -17.21 9.23 -20.43
N LEU A 221 -16.90 7.95 -20.35
CA LEU A 221 -17.39 7.08 -19.30
C LEU A 221 -16.22 6.26 -18.76
N VAL A 222 -16.24 6.05 -17.46
CA VAL A 222 -15.30 5.13 -16.83
C VAL A 222 -15.89 4.37 -15.65
N GLU A 223 -15.58 3.07 -15.62
CA GLU A 223 -15.96 2.17 -14.50
C GLU A 223 -15.14 2.54 -13.27
N VAL A 224 -15.84 2.79 -12.17
CA VAL A 224 -15.19 3.18 -10.92
C VAL A 224 -15.54 2.32 -9.68
N LEU A 225 -16.43 1.36 -9.83
CA LEU A 225 -16.85 0.54 -8.66
C LEU A 225 -15.65 -0.10 -7.90
N PRO A 226 -14.69 -0.73 -8.61
CA PRO A 226 -13.48 -1.38 -8.04
C PRO A 226 -12.65 -0.53 -7.11
N TYR A 227 -12.64 0.77 -7.34
CA TYR A 227 -11.89 1.73 -6.52
C TYR A 227 -12.58 2.13 -5.21
N LEU A 228 -13.78 1.60 -4.96
CA LEU A 228 -14.67 2.13 -3.90
C LEU A 228 -15.24 1.15 -2.91
N GLN A 229 -15.48 1.67 -1.71
CA GLN A 229 -16.19 0.94 -0.65
C GLN A 229 -17.67 0.97 -0.96
N LYS A 230 -18.25 -0.20 -1.20
CA LYS A 230 -19.73 -0.32 -1.27
C LYS A 230 -20.38 0.17 0.02
N GLY A 231 -21.45 0.94 -0.12
CA GLY A 231 -22.15 1.58 1.03
C GLY A 231 -21.62 2.94 1.45
N SER A 232 -20.38 3.23 1.07
CA SER A 232 -19.71 4.48 1.53
C SER A 232 -20.30 5.73 0.88
N THR A 233 -19.92 6.86 1.44
CA THR A 233 -20.22 8.16 0.88
C THR A 233 -18.91 8.78 0.40
N VAL A 234 -18.90 9.11 -0.87
CA VAL A 234 -17.73 9.68 -1.55
C VAL A 234 -18.04 10.96 -2.35
N HIS A 235 -16.98 11.70 -2.60
CA HIS A 235 -17.07 13.00 -3.31
C HIS A 235 -16.52 12.83 -4.71
N ILE A 236 -17.39 12.97 -5.70
CA ILE A 236 -16.99 12.89 -7.12
C ILE A 236 -16.81 14.29 -7.66
N SER A 237 -15.68 14.51 -8.29
CA SER A 237 -15.38 15.80 -8.89
C SER A 237 -14.68 15.64 -10.25
N PHE A 238 -15.02 16.52 -11.17
CA PHE A 238 -14.20 16.69 -12.37
C PHE A 238 -14.36 18.07 -12.94
N TRP A 239 -13.39 18.38 -13.80
CA TRP A 239 -13.36 19.66 -14.50
C TRP A 239 -13.70 19.45 -15.97
N ALA A 240 -14.49 20.36 -16.49
CA ALA A 240 -14.95 20.31 -17.88
C ALA A 240 -14.76 21.65 -18.57
N MET A 241 -14.66 21.57 -19.88
CA MET A 241 -14.50 22.75 -20.71
C MET A 241 -14.95 22.42 -22.12
N TYR A 242 -15.55 23.42 -22.77
CA TYR A 242 -15.86 23.32 -24.20
C TYR A 242 -15.39 24.58 -24.87
N ASP A 243 -15.01 24.45 -26.13
CA ASP A 243 -14.22 25.47 -26.85
C ASP A 243 -14.84 26.00 -28.15
N GLU A 244 -16.01 25.48 -28.51
CA GLU A 244 -16.71 25.85 -29.75
C GLU A 244 -18.24 25.89 -29.59
N GLY A 245 -18.90 26.59 -30.49
CA GLY A 245 -20.37 26.66 -30.56
C GLY A 245 -20.94 27.80 -29.73
N PRO A 246 -21.99 27.52 -28.93
CA PRO A 246 -22.68 28.61 -28.24
C PRO A 246 -21.87 29.29 -27.14
N ALA A 247 -22.40 30.41 -26.68
CA ALA A 247 -21.78 31.22 -25.60
C ALA A 247 -21.78 30.47 -24.28
N THR A 248 -22.87 29.75 -24.05
CA THR A 248 -23.04 28.93 -22.87
C THR A 248 -23.53 27.49 -23.21
N GLN A 249 -23.14 26.54 -22.36
CA GLN A 249 -23.64 25.13 -22.45
C GLN A 249 -23.64 24.45 -21.08
N VAL A 250 -24.68 23.65 -20.85
CA VAL A 250 -24.78 22.80 -19.68
C VAL A 250 -24.07 21.46 -19.94
N ILE A 251 -23.29 21.05 -18.95
CA ILE A 251 -22.68 19.70 -18.89
C ILE A 251 -23.22 19.04 -17.64
N ASN A 252 -23.51 17.76 -17.77
CA ASN A 252 -23.89 16.94 -16.63
C ASN A 252 -22.83 15.91 -16.27
N GLY A 253 -22.77 15.63 -14.98
CA GLY A 253 -21.97 14.55 -14.42
C GLY A 253 -23.00 13.56 -13.92
N SER A 254 -22.96 12.35 -14.45
CA SER A 254 -23.90 11.28 -14.09
C SER A 254 -23.22 9.94 -13.69
N LEU A 255 -24.04 9.07 -13.13
CA LEU A 255 -23.66 7.71 -12.78
C LEU A 255 -24.53 6.71 -13.48
N GLU A 256 -23.88 5.72 -14.08
CA GLU A 256 -24.54 4.54 -14.69
C GLU A 256 -24.31 3.34 -13.76
N LYS A 257 -25.39 2.71 -13.35
CA LYS A 257 -25.38 1.62 -12.35
C LYS A 257 -25.85 0.30 -12.93
N GLU A 258 -25.15 -0.77 -12.54
CA GLU A 258 -25.46 -2.15 -12.96
C GLU A 258 -25.61 -3.03 -11.72
N PHE A 259 -26.72 -3.75 -11.68
CA PHE A 259 -27.06 -4.64 -10.57
C PHE A 259 -27.10 -6.10 -11.01
N ASN A 260 -26.42 -6.95 -10.24
CA ASN A 260 -26.39 -8.44 -10.42
C ASN A 260 -25.97 -8.88 -11.81
N ARG A 261 -25.00 -8.17 -12.34
CA ARG A 261 -24.54 -8.39 -13.73
C ARG A 261 -25.67 -8.35 -14.78
N ASP A 262 -26.74 -7.64 -14.45
CA ASP A 262 -27.86 -7.45 -15.38
C ASP A 262 -27.60 -6.24 -16.29
N THR A 263 -27.02 -6.53 -17.45
CA THR A 263 -26.61 -5.49 -18.45
C THR A 263 -27.78 -4.84 -19.20
N ALA A 264 -28.90 -5.55 -19.23
CA ALA A 264 -30.12 -5.08 -19.93
C ALA A 264 -30.95 -4.06 -19.11
N ASN A 265 -30.69 -3.93 -17.82
CA ASN A 265 -31.54 -3.08 -16.95
C ASN A 265 -30.75 -2.15 -16.07
N LEU A 266 -30.12 -1.19 -16.72
CA LEU A 266 -29.26 -0.24 -16.01
C LEU A 266 -30.07 0.87 -15.34
N GLU A 267 -29.49 1.47 -14.33
CA GLU A 267 -30.05 2.67 -13.69
C GLU A 267 -29.13 3.85 -13.90
N TYR A 268 -29.73 4.99 -14.09
CA TYR A 268 -28.98 6.20 -14.36
C TYR A 268 -29.36 7.24 -13.33
N ALA A 269 -28.36 8.00 -12.90
CA ALA A 269 -28.55 9.05 -11.91
C ALA A 269 -27.61 10.21 -12.15
N MET A 270 -28.18 11.37 -12.32
CA MET A 270 -27.39 12.60 -12.39
C MET A 270 -26.97 12.98 -10.99
N PHE A 271 -25.71 13.36 -10.84
CA PHE A 271 -25.20 13.86 -9.53
C PHE A 271 -24.90 15.36 -9.47
N ALA A 272 -24.56 15.93 -10.62
CA ALA A 272 -24.33 17.37 -10.72
C ALA A 272 -24.45 17.88 -12.15
N SER A 273 -24.75 19.17 -12.26
CA SER A 273 -24.69 19.89 -13.54
C SER A 273 -24.37 21.36 -13.31
N THR A 274 -23.69 21.93 -14.29
CA THR A 274 -23.34 23.33 -14.25
C THR A 274 -23.38 23.88 -15.67
N THR A 275 -23.58 25.18 -15.72
CA THR A 275 -23.57 25.93 -16.95
C THR A 275 -22.15 26.43 -17.19
N LEU A 276 -21.62 26.19 -18.37
CA LEU A 276 -20.24 26.59 -18.68
C LEU A 276 -20.22 27.70 -19.68
N ASN A 277 -19.22 28.56 -19.54
CA ASN A 277 -18.95 29.57 -20.55
C ASN A 277 -17.92 29.04 -21.53
N LYS A 278 -18.16 29.30 -22.80
CA LYS A 278 -17.21 28.89 -23.84
C LYS A 278 -15.79 29.29 -23.44
N GLY A 279 -14.87 28.35 -23.60
CA GLY A 279 -13.45 28.57 -23.32
C GLY A 279 -13.04 28.50 -21.86
N GLN A 280 -14.01 28.39 -20.95
CA GLN A 280 -13.72 28.35 -19.50
C GLN A 280 -13.91 26.98 -18.87
N TRP A 281 -12.95 26.63 -18.01
CA TRP A 281 -13.00 25.42 -17.20
C TRP A 281 -13.85 25.64 -15.96
N LYS A 282 -14.64 24.63 -15.64
CA LYS A 282 -15.56 24.70 -14.51
C LYS A 282 -15.72 23.35 -13.83
N LYS A 283 -15.80 23.41 -12.51
CA LYS A 283 -15.83 22.22 -11.68
C LYS A 283 -17.26 21.67 -11.57
N ILE A 284 -17.36 20.38 -11.77
CA ILE A 284 -18.63 19.66 -11.63
C ILE A 284 -18.43 18.63 -10.55
N GLU A 285 -19.22 18.73 -9.49
CA GLU A 285 -18.99 17.94 -8.30
C GLU A 285 -20.23 17.69 -7.48
N ALA A 286 -20.15 16.62 -6.70
CA ALA A 286 -21.19 16.24 -5.73
C ALA A 286 -20.71 15.11 -4.83
N ASP A 287 -21.40 14.97 -3.72
CA ASP A 287 -21.33 13.78 -2.87
C ASP A 287 -22.32 12.76 -3.40
N ILE A 288 -21.92 11.51 -3.42
CA ILE A 288 -22.81 10.42 -3.83
C ILE A 288 -22.67 9.28 -2.85
N ILE A 289 -23.72 8.46 -2.80
CA ILE A 289 -23.72 7.25 -1.97
C ILE A 289 -23.48 6.05 -2.88
N VAL A 290 -22.36 5.37 -2.64
CA VAL A 290 -22.07 4.10 -3.33
C VAL A 290 -23.10 3.10 -2.86
N PRO A 291 -23.80 2.43 -3.78
CA PRO A 291 -24.78 1.47 -3.30
C PRO A 291 -24.19 0.34 -2.47
N ALA A 292 -24.98 -0.10 -1.49
CA ALA A 292 -24.56 -1.14 -0.55
C ALA A 292 -24.47 -2.48 -1.25
N GLU A 293 -23.70 -3.38 -0.63
CA GLU A 293 -23.44 -4.73 -1.19
C GLU A 293 -24.71 -5.56 -1.33
N SER A 294 -25.56 -5.43 -0.32
CA SER A 294 -26.94 -6.04 -0.30
C SER A 294 -27.76 -5.80 -1.59
N THR A 295 -27.56 -4.64 -2.22
CA THR A 295 -28.20 -4.27 -3.52
C THR A 295 -27.82 -5.20 -4.69
N GLY A 296 -26.70 -5.89 -4.56
CA GLY A 296 -26.16 -6.75 -5.62
C GLY A 296 -25.45 -5.97 -6.73
N ILE A 297 -24.98 -4.78 -6.36
CA ILE A 297 -24.33 -3.87 -7.30
C ILE A 297 -23.03 -4.46 -7.84
N SER A 298 -22.97 -4.53 -9.16
CA SER A 298 -21.85 -5.10 -9.93
C SER A 298 -21.08 -4.14 -10.90
N GLY A 299 -21.66 -2.98 -11.13
CA GLY A 299 -21.08 -1.93 -11.97
C GLY A 299 -21.52 -0.53 -11.53
N LEU A 300 -20.56 0.38 -11.52
CA LEU A 300 -20.79 1.78 -11.20
C LEU A 300 -19.80 2.64 -12.00
N ARG A 301 -20.37 3.41 -12.91
CA ARG A 301 -19.58 4.15 -13.92
C ARG A 301 -19.98 5.62 -13.95
N MET A 302 -18.99 6.49 -13.84
CA MET A 302 -19.25 7.91 -13.92
C MET A 302 -19.07 8.33 -15.36
N TYR A 303 -19.89 9.28 -15.74
CA TYR A 303 -19.79 9.85 -17.09
C TYR A 303 -20.26 11.30 -17.13
N ALA A 304 -19.92 11.93 -18.25
CA ALA A 304 -20.38 13.28 -18.58
C ALA A 304 -21.25 13.23 -19.83
N GLU A 305 -22.27 14.06 -19.84
CA GLU A 305 -23.20 14.16 -20.96
C GLU A 305 -23.76 15.59 -21.06
N THR A 306 -24.43 15.89 -22.16
CA THR A 306 -25.28 17.12 -22.26
C THR A 306 -26.74 16.73 -21.97
N PRO A 307 -27.59 17.71 -21.56
CA PRO A 307 -28.92 17.35 -21.11
C PRO A 307 -29.73 16.61 -22.14
N TRP A 308 -30.50 15.67 -21.66
CA TRP A 308 -31.17 14.70 -22.50
C TRP A 308 -32.25 15.32 -23.41
N LYS A 309 -32.18 14.95 -24.67
CA LYS A 309 -33.25 15.19 -25.68
C LYS A 309 -33.38 13.97 -26.56
N GLN A 310 -34.56 13.81 -27.16
CA GLN A 310 -34.81 12.74 -28.14
C GLN A 310 -34.07 13.03 -29.45
N SER A 311 -33.67 11.98 -30.16
CA SER A 311 -32.87 12.07 -31.43
C SER A 311 -33.40 13.11 -32.42
N SER A 312 -34.71 13.08 -32.64
CA SER A 312 -35.40 14.03 -33.56
C SER A 312 -35.17 15.53 -33.23
N GLU A 313 -35.08 15.84 -31.93
CA GLU A 313 -34.85 17.22 -31.45
C GLU A 313 -33.36 17.61 -31.21
N VAL A 314 -32.45 16.74 -31.62
CA VAL A 314 -31.01 16.93 -31.35
C VAL A 314 -30.40 17.92 -32.35
N THR A 315 -29.81 18.99 -31.82
CA THR A 315 -29.19 20.03 -32.64
C THR A 315 -27.66 20.05 -32.55
N GLU A 316 -27.04 20.80 -33.46
CA GLU A 316 -25.56 20.98 -33.52
C GLU A 316 -24.94 21.50 -32.20
N THR A 317 -25.71 22.25 -31.44
CA THR A 317 -25.27 22.82 -30.15
C THR A 317 -25.29 21.78 -28.93
N ASP A 318 -26.20 20.81 -29.02
CA ASP A 318 -26.28 19.69 -28.06
C ASP A 318 -25.06 18.74 -28.18
N THR A 319 -24.57 18.61 -29.40
CA THR A 319 -23.51 17.64 -29.75
C THR A 319 -22.10 18.21 -29.75
N ILE A 320 -21.90 19.30 -29.03
CA ILE A 320 -20.58 19.96 -29.03
C ILE A 320 -19.55 19.05 -28.45
N PRO A 321 -18.33 19.08 -28.99
CA PRO A 321 -17.29 18.36 -28.32
C PRO A 321 -16.93 19.08 -27.03
N PHE A 322 -16.46 18.30 -26.07
CA PHE A 322 -15.95 18.86 -24.83
C PHE A 322 -14.82 18.05 -24.21
N TYR A 323 -14.14 18.72 -23.31
CA TYR A 323 -12.95 18.20 -22.65
C TYR A 323 -13.27 17.96 -21.19
N VAL A 324 -12.65 16.93 -20.65
CA VAL A 324 -12.70 16.63 -19.25
C VAL A 324 -11.29 16.42 -18.72
N ASP A 325 -11.09 16.77 -17.47
CA ASP A 325 -9.74 16.74 -16.80
C ASP A 325 -9.87 16.78 -15.29
N ASP A 326 -8.76 16.44 -14.63
CA ASP A 326 -8.64 16.40 -13.13
C ASP A 326 -9.86 15.74 -12.47
N VAL A 327 -10.12 14.54 -12.96
CA VAL A 327 -11.21 13.70 -12.47
C VAL A 327 -10.75 13.07 -11.18
N GLN A 328 -11.62 13.09 -10.20
CA GLN A 328 -11.24 12.73 -8.84
C GLN A 328 -12.40 12.26 -7.97
N ILE A 329 -12.14 11.16 -7.28
CA ILE A 329 -13.06 10.63 -6.26
C ILE A 329 -12.31 10.55 -4.94
N THR A 330 -12.92 11.15 -3.92
CA THR A 330 -12.32 11.20 -2.58
C THR A 330 -13.33 10.70 -1.55
N ALA A 331 -12.78 10.06 -0.53
CA ALA A 331 -13.54 9.57 0.60
C ALA A 331 -13.93 10.77 1.43
N THR A 332 -15.04 10.64 2.12
CA THR A 332 -15.47 11.73 3.03
C THR A 332 -14.94 11.56 4.47
N GLU A 333 -14.43 10.36 4.74
CA GLU A 333 -13.97 9.96 6.06
C GLU A 333 -12.53 9.52 5.90
N ALA A 334 -11.77 9.63 7.00
CA ALA A 334 -10.29 9.49 6.94
C ALA A 334 -9.72 8.56 8.01
N ALA B 2 29.78 28.86 10.25
CA ALA B 2 29.39 27.58 9.57
C ALA B 2 29.58 27.64 8.01
N SER B 3 30.83 27.87 7.60
CA SER B 3 31.28 27.84 6.18
C SER B 3 32.83 27.76 6.26
N ALA B 4 33.38 26.57 6.06
CA ALA B 4 34.83 26.33 6.44
C ALA B 4 35.85 27.06 5.52
N ALA B 5 35.55 26.88 4.24
CA ALA B 5 36.25 27.42 3.06
C ALA B 5 36.04 28.92 2.94
N LYS B 6 36.96 29.57 2.24
CA LYS B 6 36.88 31.03 1.98
C LYS B 6 36.82 31.34 0.47
N ALA B 7 36.37 32.54 0.16
CA ALA B 7 36.31 33.02 -1.25
C ALA B 7 37.63 32.76 -1.97
N GLY B 8 37.51 32.25 -3.19
CA GLY B 8 38.67 31.87 -4.04
C GLY B 8 39.16 30.44 -3.89
N ASP B 9 38.69 29.76 -2.83
CA ASP B 9 39.15 28.38 -2.55
C ASP B 9 38.58 27.36 -3.53
N ILE B 10 39.43 26.44 -3.93
CA ILE B 10 39.01 25.32 -4.74
C ILE B 10 38.31 24.27 -3.88
N LEU B 11 37.09 23.91 -4.27
CA LEU B 11 36.27 22.88 -3.60
C LEU B 11 36.45 21.49 -4.19
N LEU B 12 36.59 21.48 -5.51
CA LEU B 12 36.82 20.26 -6.30
C LEU B 12 37.59 20.57 -7.55
N SER B 13 38.48 19.67 -7.90
CA SER B 13 39.20 19.72 -9.15
C SER B 13 39.39 18.29 -9.71
N HIS B 14 38.90 18.07 -10.92
CA HIS B 14 38.94 16.74 -11.58
C HIS B 14 39.54 16.78 -12.93
N SER B 15 40.69 16.14 -13.06
CA SER B 15 41.41 16.02 -14.33
C SER B 15 41.29 14.64 -14.99
N PHE B 16 40.75 13.71 -14.21
CA PHE B 16 40.49 12.31 -14.62
C PHE B 16 41.74 11.57 -15.07
N GLU B 17 42.87 11.93 -14.49
CA GLU B 17 44.19 11.41 -14.94
C GLU B 17 44.60 10.08 -14.29
N GLU B 18 43.87 9.70 -13.24
CA GLU B 18 44.15 8.46 -12.48
C GLU B 18 43.24 7.25 -12.77
N GLY B 19 42.52 7.27 -13.90
CA GLY B 19 41.61 6.15 -14.29
C GLY B 19 40.47 5.77 -13.34
N THR B 20 40.13 6.68 -12.43
CA THR B 20 38.85 6.64 -11.69
C THR B 20 38.00 7.80 -12.21
N THR B 21 36.69 7.68 -12.11
CA THR B 21 35.78 8.76 -12.52
C THR B 21 35.63 9.87 -11.49
N GLN B 22 36.39 9.75 -10.41
CA GLN B 22 36.44 10.77 -9.32
C GLN B 22 35.06 11.16 -8.81
N GLY B 23 34.17 10.19 -8.75
CA GLY B 23 32.81 10.35 -8.17
C GLY B 23 31.70 10.46 -9.20
N TRP B 24 32.09 10.71 -10.45
CA TRP B 24 31.09 10.85 -11.52
C TRP B 24 30.50 9.47 -11.85
N THR B 25 29.19 9.46 -12.02
CA THR B 25 28.44 8.25 -12.42
C THR B 25 27.36 8.51 -13.42
N ALA B 26 26.91 7.40 -13.98
CA ALA B 26 25.80 7.36 -14.90
C ALA B 26 24.50 7.84 -14.27
N ARG B 27 23.90 8.79 -14.96
CA ARG B 27 22.49 9.18 -14.78
C ARG B 27 21.72 8.68 -15.99
N GLY B 28 20.86 7.69 -15.75
CA GLY B 28 20.14 7.02 -16.81
C GLY B 28 20.97 5.84 -17.29
N GLY B 29 20.51 5.20 -18.36
CA GLY B 29 21.08 3.92 -18.86
C GLY B 29 22.35 4.07 -19.66
N VAL B 30 23.20 4.97 -19.20
CA VAL B 30 24.38 5.41 -19.98
C VAL B 30 25.63 4.77 -19.49
N LYS B 31 26.66 4.95 -20.27
CA LYS B 31 27.97 4.46 -19.97
C LYS B 31 28.92 5.63 -19.69
N VAL B 32 29.38 5.71 -18.45
CA VAL B 32 30.27 6.77 -18.00
C VAL B 32 31.60 6.18 -17.53
N ASP B 33 32.65 6.49 -18.25
CA ASP B 33 33.99 6.00 -17.90
C ASP B 33 35.09 6.94 -18.37
N VAL B 34 36.26 6.70 -17.84
CA VAL B 34 37.46 7.43 -18.22
C VAL B 34 37.98 6.85 -19.54
N THR B 35 38.38 7.76 -20.41
CA THR B 35 39.06 7.41 -21.65
C THR B 35 40.42 8.08 -21.75
N ALA B 36 41.31 7.40 -22.45
CA ALA B 36 42.67 7.87 -22.74
C ALA B 36 42.85 8.22 -24.21
N GLU B 37 41.72 8.25 -24.90
CA GLU B 37 41.65 8.44 -26.35
C GLU B 37 41.82 9.90 -26.72
N GLN B 38 41.19 10.73 -25.90
CA GLN B 38 41.20 12.19 -26.02
C GLN B 38 41.18 12.86 -24.68
N ALA B 39 41.67 14.09 -24.69
CA ALA B 39 41.75 14.91 -23.47
C ALA B 39 41.94 16.39 -23.77
N TYR B 40 41.54 17.23 -22.83
CA TYR B 40 41.88 18.67 -22.89
C TYR B 40 43.27 18.90 -22.30
N GLN B 41 43.43 18.36 -21.12
CA GLN B 41 44.70 18.41 -20.40
C GLN B 41 45.04 17.00 -20.00
N GLY B 42 46.33 16.71 -20.05
CA GLY B 42 46.85 15.40 -19.72
C GLY B 42 46.48 14.36 -20.76
N LYS B 43 46.46 13.10 -20.33
CA LYS B 43 46.18 11.97 -21.23
C LYS B 43 44.73 11.52 -21.25
N GLN B 44 43.98 11.95 -20.26
CA GLN B 44 42.65 11.42 -20.04
C GLN B 44 41.55 12.42 -19.77
N SER B 45 40.36 11.96 -20.09
CA SER B 45 39.11 12.69 -19.84
C SER B 45 37.93 11.74 -19.53
N LEU B 46 36.83 12.34 -19.16
CA LEU B 46 35.61 11.65 -18.81
C LEU B 46 34.63 11.52 -19.98
N GLN B 47 34.40 10.28 -20.37
CA GLN B 47 33.56 9.95 -21.51
C GLN B 47 32.18 9.43 -21.12
N THR B 48 31.20 9.95 -21.84
CA THR B 48 29.81 9.55 -21.69
C THR B 48 29.24 9.11 -23.05
N THR B 49 28.80 7.87 -23.10
CA THR B 49 28.13 7.29 -24.30
C THR B 49 26.83 6.58 -23.93
N GLY B 50 26.07 6.23 -24.94
CA GLY B 50 24.84 5.44 -24.76
C GLY B 50 23.65 6.24 -24.25
N ARG B 51 23.72 7.55 -24.41
CA ARG B 51 22.57 8.42 -24.12
C ARG B 51 21.42 8.14 -25.09
N THR B 52 20.21 8.20 -24.55
CA THR B 52 18.95 7.99 -25.29
C THR B 52 17.87 8.98 -24.88
N GLU B 53 18.06 9.61 -23.75
CA GLU B 53 17.13 10.68 -23.28
C GLU B 53 17.93 11.96 -22.96
N ALA B 54 17.28 13.10 -23.19
CA ALA B 54 17.91 14.45 -23.00
C ALA B 54 18.49 14.65 -21.60
N TRP B 55 17.76 14.15 -20.62
CA TRP B 55 18.17 14.22 -19.20
C TRP B 55 19.33 13.30 -18.78
N ASN B 56 19.60 12.32 -19.59
CA ASN B 56 20.73 11.42 -19.36
C ASN B 56 22.05 12.15 -19.40
N GLY B 57 22.99 11.66 -18.61
CA GLY B 57 24.36 12.20 -18.63
C GLY B 57 25.24 11.72 -17.51
N PRO B 58 26.50 12.18 -17.46
CA PRO B 58 27.30 11.91 -16.30
C PRO B 58 26.85 12.82 -15.23
N SER B 59 26.93 12.32 -14.02
CA SER B 59 26.44 13.06 -12.85
C SER B 59 27.39 12.96 -11.68
N LEU B 60 27.24 13.94 -10.81
CA LEU B 60 28.13 14.11 -9.67
C LEU B 60 27.34 14.66 -8.54
N SER B 61 27.48 14.02 -7.39
CA SER B 61 26.81 14.48 -6.18
C SER B 61 27.54 15.70 -5.61
N LEU B 62 26.80 16.76 -5.34
CA LEU B 62 27.34 18.01 -4.74
C LEU B 62 26.85 18.29 -3.33
N THR B 63 26.12 17.34 -2.79
CA THR B 63 25.55 17.45 -1.43
C THR B 63 26.62 17.86 -0.38
N ASP B 64 27.75 17.18 -0.44
CA ASP B 64 28.83 17.38 0.56
C ASP B 64 29.83 18.48 0.19
N VAL B 65 29.60 19.11 -0.95
CA VAL B 65 30.54 20.07 -1.57
C VAL B 65 30.07 21.53 -1.50
N VAL B 66 28.78 21.72 -1.75
CA VAL B 66 28.16 23.03 -1.88
C VAL B 66 27.07 23.22 -0.85
N HIS B 67 27.21 24.27 -0.09
CA HIS B 67 26.31 24.53 1.07
C HIS B 67 25.36 25.67 0.84
N LYS B 68 24.37 25.70 1.71
CA LYS B 68 23.30 26.68 1.69
C LYS B 68 23.87 28.10 1.57
N ASN B 69 23.36 28.83 0.59
CA ASN B 69 23.71 30.27 0.33
C ASN B 69 25.14 30.63 -0.11
N GLU B 70 26.00 29.64 -0.20
CA GLU B 70 27.32 29.80 -0.82
C GLU B 70 27.12 30.04 -2.31
N VAL B 71 27.94 30.92 -2.85
CA VAL B 71 28.02 31.10 -4.29
C VAL B 71 29.24 30.37 -4.79
N VAL B 72 29.01 29.42 -5.67
CA VAL B 72 30.14 28.70 -6.30
C VAL B 72 30.18 28.90 -7.81
N GLU B 73 31.33 28.59 -8.35
CA GLU B 73 31.61 28.70 -9.76
C GLU B 73 31.98 27.32 -10.29
N ILE B 74 31.14 26.82 -11.17
CA ILE B 74 31.29 25.51 -11.75
C ILE B 74 31.79 25.65 -13.20
N SER B 75 32.89 24.99 -13.50
CA SER B 75 33.48 25.04 -14.82
C SER B 75 34.04 23.70 -15.28
N GLY B 76 34.12 23.57 -16.59
CA GLY B 76 34.72 22.40 -17.22
C GLY B 76 34.91 22.56 -18.69
N TYR B 77 35.74 21.69 -19.26
CA TYR B 77 35.94 21.67 -20.70
C TYR B 77 35.27 20.46 -21.32
N VAL B 78 34.56 20.71 -22.41
CA VAL B 78 33.76 19.66 -23.06
C VAL B 78 34.01 19.55 -24.53
N LYS B 79 33.75 18.37 -25.03
CA LYS B 79 33.91 18.09 -26.46
C LYS B 79 33.06 16.90 -26.84
N LEU B 80 32.51 16.97 -28.04
CA LEU B 80 31.74 15.83 -28.54
C LEU B 80 32.66 14.71 -28.98
N VAL B 81 32.16 13.50 -28.77
CA VAL B 81 32.79 12.28 -29.26
C VAL B 81 32.83 12.31 -30.78
N ALA B 82 33.93 11.81 -31.33
CA ALA B 82 34.12 11.76 -32.81
C ALA B 82 32.89 11.20 -33.53
N GLY B 83 32.52 11.89 -34.58
CA GLY B 83 31.43 11.49 -35.50
C GLY B 83 30.07 12.01 -35.12
N SER B 84 30.05 12.91 -34.17
CA SER B 84 28.82 13.33 -33.47
C SER B 84 28.38 14.70 -34.04
N ALA B 85 27.09 14.84 -34.25
CA ALA B 85 26.52 16.09 -34.80
C ALA B 85 26.56 17.17 -33.74
N PRO B 86 26.84 18.41 -34.13
CA PRO B 86 26.91 19.48 -33.14
C PRO B 86 25.69 19.50 -32.28
N ALA B 87 25.93 19.81 -31.03
CA ALA B 87 24.87 19.81 -30.03
C ALA B 87 25.13 20.77 -28.92
N ASP B 88 24.06 21.13 -28.25
CA ASP B 88 24.05 22.09 -27.16
C ASP B 88 24.19 21.37 -25.80
N LEU B 89 25.20 21.77 -25.05
CA LEU B 89 25.51 21.23 -23.72
C LEU B 89 25.43 22.24 -22.59
N LYS B 90 24.99 21.76 -21.43
CA LYS B 90 24.93 22.54 -20.22
C LYS B 90 24.98 21.70 -18.94
N PHE B 91 25.39 22.37 -17.88
CA PHE B 91 25.35 21.84 -16.53
C PHE B 91 24.04 22.22 -15.88
N THR B 92 23.47 21.23 -15.20
CA THR B 92 22.23 21.38 -14.46
C THR B 92 22.39 20.73 -13.10
N VAL B 93 21.75 21.33 -12.11
CA VAL B 93 21.68 20.77 -10.77
C VAL B 93 20.26 20.34 -10.44
N GLU B 94 20.13 19.05 -10.19
CA GLU B 94 18.90 18.46 -9.63
C GLU B 94 18.98 18.62 -8.13
N ARG B 95 18.02 19.31 -7.58
CA ARG B 95 17.99 19.64 -6.16
C ARG B 95 16.67 19.20 -5.52
N ARG B 96 16.74 18.68 -4.28
CA ARG B 96 15.50 18.48 -3.50
C ARG B 96 15.35 19.58 -2.50
N ASP B 97 14.25 20.27 -2.68
CA ASP B 97 13.97 21.52 -1.98
C ASP B 97 13.69 21.25 -0.49
N GLY B 98 13.30 22.32 0.19
CA GLY B 98 13.04 22.30 1.63
C GLY B 98 12.00 21.28 2.06
N ASN B 99 11.11 21.00 1.14
CA ASN B 99 9.95 20.12 1.35
C ASN B 99 10.03 18.78 0.60
N GLY B 100 11.24 18.45 0.16
CA GLY B 100 11.53 17.14 -0.50
C GLY B 100 11.07 17.00 -1.96
N ASP B 101 10.62 18.10 -2.55
CA ASP B 101 10.26 18.16 -3.98
C ASP B 101 11.50 18.33 -4.87
N THR B 102 11.47 17.73 -6.04
CA THR B 102 12.58 17.84 -6.99
C THR B 102 12.53 19.16 -7.78
N GLN B 103 13.62 19.91 -7.72
CA GLN B 103 13.82 21.13 -8.53
C GLN B 103 15.00 20.97 -9.50
N TYR B 104 14.88 21.65 -10.64
CA TYR B 104 15.91 21.64 -11.67
C TYR B 104 16.49 23.02 -11.86
N ASP B 105 17.68 23.18 -11.33
CA ASP B 105 18.40 24.47 -11.36
C ASP B 105 19.40 24.56 -12.50
N GLN B 106 19.29 25.64 -13.25
CA GLN B 106 20.23 25.91 -14.35
C GLN B 106 21.50 26.48 -13.74
N VAL B 107 22.62 26.04 -14.27
CA VAL B 107 23.94 26.50 -13.85
C VAL B 107 24.51 27.53 -14.87
N ASN B 108 24.70 27.06 -16.08
CA ASN B 108 25.19 27.85 -17.17
C ASN B 108 24.18 27.79 -18.33
N ALA B 109 24.24 28.80 -19.19
CA ALA B 109 23.48 28.81 -20.42
C ALA B 109 24.15 27.83 -21.41
N ALA B 110 23.31 27.09 -22.07
CA ALA B 110 23.74 26.09 -23.06
C ALA B 110 24.70 26.69 -24.09
N GLU B 111 25.66 25.89 -24.46
CA GLU B 111 26.70 26.30 -25.42
C GLU B 111 26.74 25.27 -26.53
N GLN B 112 26.91 25.74 -27.75
CA GLN B 112 27.09 24.81 -28.85
C GLN B 112 28.46 24.17 -28.76
N VAL B 113 28.44 22.86 -28.86
CA VAL B 113 29.64 22.07 -28.80
C VAL B 113 29.70 21.18 -30.02
N THR B 114 30.92 20.92 -30.40
CA THR B 114 31.28 20.25 -31.64
C THR B 114 32.25 19.09 -31.34
N ASP B 115 32.49 18.24 -32.33
CA ASP B 115 33.50 17.12 -32.18
C ASP B 115 34.94 17.51 -32.54
N GLN B 116 35.13 18.75 -32.92
CA GLN B 116 36.42 19.25 -33.44
C GLN B 116 37.28 19.97 -32.42
N LYS B 117 36.66 20.43 -31.37
CA LYS B 117 37.24 21.44 -30.51
C LYS B 117 36.66 21.41 -29.11
N TRP B 118 37.53 21.55 -28.13
CA TRP B 118 37.12 21.69 -26.71
C TRP B 118 36.54 23.04 -26.45
N VAL B 119 35.50 23.05 -25.62
CA VAL B 119 34.78 24.26 -25.26
C VAL B 119 34.64 24.39 -23.76
N LYS B 120 34.85 25.59 -23.26
CA LYS B 120 34.75 25.85 -21.84
C LYS B 120 33.31 26.16 -21.48
N LEU B 121 32.81 25.41 -20.52
CA LEU B 121 31.52 25.66 -19.93
C LEU B 121 31.80 26.25 -18.58
N GLN B 122 31.02 27.25 -18.22
CA GLN B 122 31.20 27.93 -16.94
C GLN B 122 29.98 28.67 -16.48
N GLY B 123 29.76 28.61 -15.20
CA GLY B 123 28.58 29.22 -14.59
C GLY B 123 28.71 29.31 -13.09
N GLN B 124 27.94 30.22 -12.52
CA GLN B 124 27.82 30.36 -11.08
C GLN B 124 26.54 29.76 -10.61
N TYR B 125 26.59 29.24 -9.39
CA TYR B 125 25.48 28.51 -8.78
C TYR B 125 25.37 28.81 -7.30
N SER B 126 24.15 28.87 -6.84
CA SER B 126 23.83 28.90 -5.41
C SER B 126 22.43 28.39 -5.16
N TYR B 127 22.18 27.99 -3.94
CA TYR B 127 20.81 27.60 -3.51
C TYR B 127 20.49 28.09 -2.11
N GLU B 128 19.22 28.35 -1.88
CA GLU B 128 18.71 28.82 -0.55
C GLU B 128 18.23 27.69 0.35
N GLN B 129 17.54 26.75 -0.25
CA GLN B 129 16.91 25.64 0.49
C GLN B 129 17.08 24.30 -0.20
N GLY B 130 17.60 23.33 0.53
CA GLY B 130 17.74 21.99 0.00
C GLY B 130 18.57 21.02 0.82
N SER B 131 18.33 19.75 0.56
CA SER B 131 19.01 18.66 1.30
C SER B 131 20.00 17.90 0.45
N SER B 132 19.61 17.62 -0.80
CA SER B 132 20.47 16.84 -1.73
C SER B 132 20.65 17.60 -3.04
N LEU B 133 21.81 17.39 -3.63
CA LEU B 133 22.23 18.10 -4.84
C LEU B 133 22.94 17.16 -5.79
N LEU B 134 22.41 17.11 -7.00
CA LEU B 134 23.01 16.31 -8.05
C LEU B 134 23.32 17.14 -9.29
N LEU B 135 24.59 17.29 -9.57
CA LEU B 135 25.06 18.00 -10.76
C LEU B 135 25.08 17.01 -11.92
N TYR B 136 24.59 17.43 -13.07
CA TYR B 136 24.75 16.62 -14.28
C TYR B 136 24.99 17.47 -15.55
N LEU B 137 25.66 16.83 -16.50
CA LEU B 137 25.99 17.41 -17.78
C LEU B 137 25.06 16.85 -18.87
N GLU B 138 24.25 17.74 -19.39
CA GLU B 138 23.08 17.44 -20.19
C GLU B 138 23.15 18.01 -21.59
N SER B 139 22.51 17.35 -22.54
CA SER B 139 22.26 17.95 -23.86
C SER B 139 20.82 17.77 -24.29
N THR B 140 20.31 18.78 -24.97
CA THR B 140 18.95 18.69 -25.56
C THR B 140 18.92 17.62 -26.69
N ASP B 141 20.06 17.41 -27.34
CA ASP B 141 20.26 16.30 -28.28
C ASP B 141 20.38 15.03 -27.43
N ALA B 142 19.33 14.24 -27.46
CA ALA B 142 19.21 13.04 -26.59
C ALA B 142 20.16 11.89 -26.95
N LYS B 143 20.75 11.97 -28.12
CA LYS B 143 21.62 10.92 -28.64
C LYS B 143 23.10 11.25 -28.54
N ALA B 144 23.36 12.52 -28.22
CA ALA B 144 24.74 13.04 -28.24
C ALA B 144 25.64 12.33 -27.23
N ALA B 145 26.87 12.12 -27.63
CA ALA B 145 27.90 11.56 -26.78
C ALA B 145 29.04 12.57 -26.62
N TYR B 146 29.55 12.66 -25.42
CA TYR B 146 30.53 13.71 -25.10
C TYR B 146 31.51 13.44 -23.98
N LEU B 147 32.58 14.21 -24.07
CA LEU B 147 33.69 14.18 -23.15
C LEU B 147 33.64 15.38 -22.22
N LEU B 148 34.17 15.19 -21.04
CA LEU B 148 34.36 16.24 -20.03
C LEU B 148 35.76 16.12 -19.45
N ASP B 149 36.43 17.25 -19.32
CA ASP B 149 37.76 17.29 -18.73
C ASP B 149 37.99 18.57 -17.96
N GLU B 150 38.97 18.54 -17.09
CA GLU B 150 39.39 19.69 -16.28
C GLU B 150 38.20 20.34 -15.66
N PHE B 151 37.45 19.52 -14.95
CA PHE B 151 36.26 19.98 -14.27
C PHE B 151 36.68 20.59 -12.94
N GLN B 152 36.01 21.66 -12.57
CA GLN B 152 36.39 22.41 -11.36
C GLN B 152 35.23 23.13 -10.72
N ILE B 153 35.28 23.16 -9.41
CA ILE B 153 34.34 23.96 -8.61
C ILE B 153 35.13 24.83 -7.63
N ARG B 154 34.87 26.13 -7.72
CA ARG B 154 35.53 27.15 -6.92
C ARG B 154 34.49 27.90 -6.08
N LEU B 155 34.87 28.26 -4.87
CA LEU B 155 34.01 29.07 -4.01
C LEU B 155 34.22 30.53 -4.34
N VAL B 156 33.13 31.20 -4.70
CA VAL B 156 33.18 32.61 -5.09
C VAL B 156 32.89 33.51 -3.90
N LYS B 157 31.81 33.18 -3.23
CA LYS B 157 31.37 33.93 -2.07
C LYS B 157 30.83 32.98 -0.98
N ALA B 158 31.42 33.13 0.19
CA ALA B 158 31.02 32.36 1.35
C ALA B 158 29.63 32.73 1.74
N ALA B 159 29.00 31.85 2.49
CA ALA B 159 27.65 32.12 2.98
C ALA B 159 27.74 33.18 4.08
N PRO B 160 26.85 34.19 4.04
CA PRO B 160 26.88 35.21 5.09
C PRO B 160 26.60 34.56 6.45
N GLU B 161 26.76 35.33 7.51
CA GLU B 161 26.75 34.78 8.86
C GLU B 161 25.39 35.17 9.53
N ALA B 172 32.39 24.99 19.38
CA ALA B 172 31.81 24.06 20.39
C ALA B 172 32.77 23.01 20.98
N LEU B 173 33.23 23.28 22.19
CA LEU B 173 34.17 22.40 22.93
C LEU B 173 33.51 21.21 23.66
N PHE B 174 32.29 21.45 24.11
CA PHE B 174 31.51 20.47 24.88
C PHE B 174 30.03 20.63 24.58
N LYS B 175 29.35 19.50 24.42
CA LYS B 175 27.92 19.50 24.12
C LYS B 175 27.23 18.28 24.71
N ALA B 176 26.04 18.51 25.24
CA ALA B 176 25.20 17.45 25.76
C ALA B 176 23.74 17.82 25.52
N ASP B 177 23.13 17.04 24.65
CA ASP B 177 21.70 17.16 24.31
C ASP B 177 20.85 15.98 24.87
N PHE B 178 21.51 14.91 25.28
CA PHE B 178 20.87 13.69 25.84
C PHE B 178 19.97 12.86 24.89
N GLU B 179 20.01 13.18 23.61
CA GLU B 179 19.12 12.54 22.62
C GLU B 179 19.46 11.07 22.33
N ASP B 180 20.74 10.73 22.44
CA ASP B 180 21.22 9.33 22.38
C ASP B 180 20.84 8.45 23.60
N GLY B 181 20.12 9.02 24.54
CA GLY B 181 19.64 8.30 25.75
C GLY B 181 20.72 8.03 26.81
N ASN B 182 21.90 8.57 26.59
CA ASN B 182 23.09 8.25 27.35
C ASN B 182 23.46 9.31 28.40
N ILE B 183 23.58 8.89 29.65
CA ILE B 183 24.04 9.85 30.70
C ILE B 183 25.43 10.32 30.31
N GLY B 184 26.31 9.34 30.16
CA GLY B 184 27.70 9.57 29.85
C GLY B 184 28.45 9.72 31.13
N ASN B 185 29.15 10.84 31.25
CA ASN B 185 30.01 11.13 32.40
C ASN B 185 29.37 11.97 33.52
N TRP B 186 28.09 12.24 33.35
CA TRP B 186 27.35 12.95 34.35
C TRP B 186 27.22 12.08 35.59
N ARG B 187 27.28 12.73 36.73
CA ARG B 187 27.14 12.07 38.00
C ARG B 187 26.43 12.90 39.04
N ALA B 188 25.88 12.17 40.00
CA ALA B 188 25.30 12.78 41.22
C ALA B 188 26.41 13.34 42.11
N ARG B 189 26.03 14.33 42.90
CA ARG B 189 26.94 14.93 43.91
C ARG B 189 26.88 14.28 45.28
N GLY B 190 25.71 13.74 45.61
CA GLY B 190 25.49 13.01 46.85
C GLY B 190 24.67 11.75 46.63
N THR B 191 23.55 11.65 47.32
CA THR B 191 22.66 10.46 47.24
C THR B 191 21.50 10.56 46.21
N GLU B 192 21.41 11.69 45.54
CA GLU B 192 20.33 11.94 44.56
C GLU B 192 20.49 11.03 43.32
N LYS B 193 19.44 11.02 42.51
CA LYS B 193 19.30 10.14 41.36
C LYS B 193 19.28 10.87 40.03
N LEU B 194 20.12 10.42 39.13
CA LEU B 194 20.20 10.94 37.77
C LEU B 194 19.59 9.97 36.77
N GLU B 195 18.86 10.52 35.83
CA GLU B 195 18.16 9.74 34.83
C GLU B 195 17.95 10.53 33.55
N VAL B 196 18.24 9.91 32.42
CA VAL B 196 17.89 10.51 31.14
C VAL B 196 16.46 10.12 30.82
N VAL B 197 15.58 11.10 30.83
CA VAL B 197 14.15 10.83 30.53
C VAL B 197 13.86 11.07 29.06
N SER B 198 12.83 10.39 28.59
CA SER B 198 12.29 10.63 27.25
C SER B 198 10.84 11.09 27.35
N GLY B 199 10.49 11.97 26.43
CA GLY B 199 9.19 12.66 26.46
C GLY B 199 9.23 14.03 27.13
N ILE B 200 10.41 14.41 27.63
CA ILE B 200 10.67 15.75 28.22
C ILE B 200 12.03 16.26 27.80
N GLY B 201 12.04 17.48 27.32
CA GLY B 201 13.26 18.10 26.82
C GLY B 201 13.02 19.52 26.30
N HIS B 202 14.13 20.21 26.09
CA HIS B 202 14.16 21.55 25.54
C HIS B 202 14.22 21.49 24.01
N ASN B 203 13.08 21.80 23.40
CA ASN B 203 12.90 21.66 21.93
C ASN B 203 13.46 20.31 21.45
N SER B 204 13.07 19.27 22.18
CA SER B 204 13.63 17.97 22.03
C SER B 204 12.95 16.96 22.94
N ASN B 205 13.22 15.71 22.66
CA ASN B 205 12.56 14.57 23.33
C ASN B 205 13.16 14.20 24.71
N ARG B 206 14.45 14.46 24.86
CA ARG B 206 15.17 14.01 26.04
C ARG B 206 15.97 15.07 26.75
N SER B 207 16.10 14.82 28.04
CA SER B 207 16.82 15.68 28.98
C SER B 207 17.25 14.90 30.22
N LEU B 208 18.11 15.54 30.99
CA LEU B 208 18.70 14.93 32.17
C LEU B 208 17.96 15.37 33.42
N LYS B 209 17.30 14.40 34.01
CA LYS B 209 16.48 14.60 35.21
C LYS B 209 17.21 14.23 36.49
N THR B 210 17.18 15.14 37.44
CA THR B 210 17.73 14.92 38.76
C THR B 210 16.58 14.89 39.74
N SER B 211 16.47 13.78 40.43
CA SER B 211 15.35 13.56 41.40
C SER B 211 15.89 12.92 42.67
N SER B 212 14.99 12.57 43.59
CA SER B 212 15.38 12.10 44.95
C SER B 212 16.38 13.05 45.62
N ARG B 213 16.20 14.34 45.41
CA ARG B 213 17.06 15.34 46.03
C ARG B 213 16.56 15.48 47.47
N SER B 214 17.51 15.55 48.39
CA SER B 214 17.29 15.80 49.83
C SER B 214 18.15 16.92 50.42
N GLU B 215 18.95 17.55 49.56
CA GLU B 215 19.81 18.66 49.94
C GLU B 215 19.84 19.65 48.79
N THR B 216 20.14 20.90 49.08
CA THR B 216 20.14 21.93 48.02
C THR B 216 21.27 21.73 46.99
N TYR B 217 22.41 21.28 47.50
CA TYR B 217 23.64 21.06 46.68
C TYR B 217 23.52 19.86 45.74
N HIS B 218 22.49 19.05 45.95
CA HIS B 218 22.18 17.90 45.06
C HIS B 218 21.74 18.38 43.68
N GLY B 219 22.41 17.82 42.67
CA GLY B 219 22.18 18.20 41.29
C GLY B 219 23.16 17.52 40.36
N PRO B 220 22.96 17.68 39.06
CA PRO B 220 23.78 16.97 38.12
C PRO B 220 25.12 17.68 37.89
N LEU B 221 26.16 16.86 37.77
CA LEU B 221 27.55 17.34 37.69
C LEU B 221 28.30 16.59 36.62
N VAL B 222 29.16 17.33 35.94
CA VAL B 222 30.04 16.73 34.94
C VAL B 222 31.38 17.40 34.85
N GLU B 223 32.40 16.54 34.77
CA GLU B 223 33.79 16.97 34.58
C GLU B 223 33.95 17.48 33.15
N VAL B 224 34.47 18.68 33.03
CA VAL B 224 34.71 19.33 31.72
C VAL B 224 36.14 19.82 31.44
N LEU B 225 37.03 19.71 32.40
CA LEU B 225 38.42 20.24 32.22
C LEU B 225 39.11 19.72 30.95
N PRO B 226 39.06 18.39 30.70
CA PRO B 226 39.63 17.76 29.51
C PRO B 226 39.28 18.37 28.17
N TYR B 227 38.08 18.93 28.08
CA TYR B 227 37.59 19.53 26.83
C TYR B 227 38.11 20.95 26.56
N LEU B 228 38.90 21.48 27.49
CA LEU B 228 39.18 22.93 27.54
C LEU B 228 40.64 23.34 27.58
N GLN B 229 40.89 24.51 27.02
CA GLN B 229 42.19 25.17 27.13
C GLN B 229 42.31 25.83 28.50
N LYS B 230 43.25 25.35 29.30
CA LYS B 230 43.60 26.04 30.55
C LYS B 230 44.02 27.48 30.26
N GLY B 231 43.56 28.40 31.10
CA GLY B 231 43.78 29.85 30.90
C GLY B 231 42.77 30.56 30.01
N SER B 232 42.07 29.81 29.17
CA SER B 232 41.15 30.40 28.17
C SER B 232 39.89 30.98 28.81
N THR B 233 39.19 31.76 28.02
CA THR B 233 37.88 32.28 28.38
C THR B 233 36.86 31.60 27.50
N VAL B 234 35.90 30.98 28.15
CA VAL B 234 34.82 30.22 27.47
C VAL B 234 33.41 30.59 27.97
N HIS B 235 32.45 30.27 27.14
CA HIS B 235 31.04 30.53 27.41
C HIS B 235 30.34 29.23 27.79
N ILE B 236 29.84 29.18 29.02
CA ILE B 236 29.06 28.01 29.52
C ILE B 236 27.59 28.32 29.46
N SER B 237 26.84 27.41 28.89
CA SER B 237 25.40 27.57 28.82
C SER B 237 24.70 26.24 29.07
N PHE B 238 23.54 26.32 29.70
CA PHE B 238 22.61 25.20 29.70
C PHE B 238 21.18 25.65 29.95
N TRP B 239 20.27 24.74 29.66
CA TRP B 239 18.85 24.99 29.82
C TRP B 239 18.33 24.15 30.96
N ALA B 240 17.44 24.74 31.73
CA ALA B 240 16.84 24.07 32.87
C ALA B 240 15.33 24.25 32.93
N MET B 241 14.68 23.34 33.61
CA MET B 241 13.25 23.36 33.77
C MET B 241 12.87 22.52 34.97
N TYR B 242 11.83 22.96 35.66
CA TYR B 242 11.21 22.16 36.71
C TYR B 242 9.73 22.14 36.50
N ASP B 243 9.09 21.04 36.89
CA ASP B 243 7.67 20.75 36.50
C ASP B 243 6.69 20.53 37.67
N GLU B 244 7.18 20.59 38.89
CA GLU B 244 6.33 20.42 40.10
C GLU B 244 6.72 21.35 41.27
N GLY B 245 5.80 21.52 42.22
CA GLY B 245 6.02 22.35 43.43
C GLY B 245 5.65 23.82 43.23
N PRO B 246 6.53 24.75 43.63
CA PRO B 246 6.13 26.16 43.67
C PRO B 246 5.99 26.80 42.30
N ALA B 247 5.41 27.99 42.29
CA ALA B 247 5.16 28.77 41.09
C ALA B 247 6.49 29.21 40.44
N THR B 248 7.44 29.57 41.30
CA THR B 248 8.80 29.95 40.90
C THR B 248 9.88 29.21 41.69
N GLN B 249 11.02 29.01 41.05
CA GLN B 249 12.25 28.47 41.70
C GLN B 249 13.52 28.95 41.03
N VAL B 250 14.50 29.21 41.86
CA VAL B 250 15.83 29.61 41.40
C VAL B 250 16.64 28.34 41.19
N ILE B 251 17.35 28.33 40.06
CA ILE B 251 18.36 27.34 39.74
C ILE B 251 19.70 28.06 39.53
N ASN B 252 20.76 27.42 39.99
CA ASN B 252 22.10 27.94 39.81
C ASN B 252 22.92 27.04 38.91
N GLY B 253 23.81 27.68 38.18
CA GLY B 253 24.84 27.01 37.41
C GLY B 253 26.17 27.37 38.05
N SER B 254 26.88 26.34 38.49
CA SER B 254 28.13 26.52 39.25
C SER B 254 29.29 25.69 38.69
N LEU B 255 30.49 26.03 39.15
CA LEU B 255 31.73 25.29 38.88
C LEU B 255 32.33 24.76 40.18
N GLU B 256 32.69 23.48 40.17
CA GLU B 256 33.46 22.83 41.23
C GLU B 256 34.89 22.65 40.71
N LYS B 257 35.85 23.20 41.46
CA LYS B 257 37.29 23.23 41.06
C LYS B 257 38.18 22.42 41.99
N GLU B 258 39.11 21.71 41.38
CA GLU B 258 40.07 20.84 42.09
C GLU B 258 41.47 21.22 41.66
N PHE B 259 42.30 21.46 42.66
CA PHE B 259 43.71 21.87 42.45
C PHE B 259 44.70 20.81 42.97
N ASN B 260 45.66 20.47 42.11
CA ASN B 260 46.80 19.54 42.44
C ASN B 260 46.31 18.20 42.97
N ARG B 261 45.24 17.71 42.38
CA ARG B 261 44.61 16.45 42.82
C ARG B 261 44.25 16.43 44.30
N ASP B 262 44.05 17.61 44.87
CA ASP B 262 43.66 17.75 46.28
C ASP B 262 42.12 17.68 46.40
N THR B 263 41.63 16.47 46.64
CA THR B 263 40.19 16.18 46.70
C THR B 263 39.49 16.71 47.97
N ALA B 264 40.29 16.93 49.00
CA ALA B 264 39.81 17.43 50.28
C ALA B 264 39.57 18.96 50.34
N ASN B 265 40.06 19.71 49.37
CA ASN B 265 39.99 21.20 49.40
C ASN B 265 39.50 21.82 48.13
N LEU B 266 38.23 21.58 47.84
CA LEU B 266 37.64 22.06 46.57
C LEU B 266 37.23 23.50 46.68
N GLU B 267 37.19 24.16 45.53
CA GLU B 267 36.65 25.53 45.45
C GLU B 267 35.37 25.48 44.64
N TYR B 268 34.42 26.30 45.06
CA TYR B 268 33.13 26.40 44.40
C TYR B 268 32.90 27.82 43.96
N ALA B 269 32.33 27.96 42.77
CA ALA B 269 32.03 29.26 42.20
C ALA B 269 30.76 29.18 41.38
N MET B 270 29.79 30.02 41.75
CA MET B 270 28.59 30.21 40.95
C MET B 270 28.93 31.08 39.75
N PHE B 271 28.47 30.69 38.57
CA PHE B 271 28.67 31.50 37.35
C PHE B 271 27.40 32.19 36.84
N ALA B 272 26.25 31.59 37.14
CA ALA B 272 24.96 32.20 36.81
C ALA B 272 23.81 31.62 37.61
N SER B 273 22.73 32.39 37.68
CA SER B 273 21.45 31.92 38.25
C SER B 273 20.29 32.67 37.63
N THR B 274 19.15 32.02 37.59
CA THR B 274 17.90 32.66 37.19
C THR B 274 16.74 32.07 37.95
N THR B 275 15.65 32.83 37.94
CA THR B 275 14.36 32.42 38.51
C THR B 275 13.56 31.77 37.38
N LEU B 276 13.05 30.58 37.64
CA LEU B 276 12.29 29.86 36.62
C LEU B 276 10.83 29.81 37.01
N ASN B 277 9.97 29.85 35.99
CA ASN B 277 8.54 29.57 36.18
C ASN B 277 8.30 28.09 35.98
N LYS B 278 7.48 27.54 36.85
CA LYS B 278 7.09 26.13 36.73
C LYS B 278 6.69 25.83 35.31
N GLY B 279 7.23 24.73 34.79
CA GLY B 279 6.94 24.24 33.46
C GLY B 279 7.68 24.91 32.31
N GLN B 280 8.42 25.98 32.58
CA GLN B 280 9.14 26.67 31.47
C GLN B 280 10.64 26.49 31.53
N TRP B 281 11.19 26.36 30.33
CA TRP B 281 12.61 26.23 30.10
C TRP B 281 13.24 27.60 30.06
N LYS B 282 14.41 27.71 30.68
CA LYS B 282 15.12 28.97 30.77
C LYS B 282 16.61 28.77 30.73
N LYS B 283 17.28 29.69 30.05
CA LYS B 283 18.70 29.57 29.77
C LYS B 283 19.52 30.13 30.92
N ILE B 284 20.51 29.34 31.30
CA ILE B 284 21.45 29.72 32.34
C ILE B 284 22.84 29.73 31.74
N GLU B 285 23.46 30.90 31.76
CA GLU B 285 24.69 31.11 31.01
C GLU B 285 25.59 32.19 31.58
N ALA B 286 26.85 32.07 31.22
CA ALA B 286 27.90 33.04 31.57
C ALA B 286 29.21 32.72 30.85
N ASP B 287 30.06 33.74 30.81
CA ASP B 287 31.47 33.56 30.46
C ASP B 287 32.22 33.21 31.74
N ILE B 288 33.16 32.29 31.62
CA ILE B 288 34.05 31.95 32.73
C ILE B 288 35.49 31.88 32.25
N ILE B 289 36.41 32.03 33.20
CA ILE B 289 37.85 31.90 32.93
C ILE B 289 38.32 30.56 33.44
N VAL B 290 38.78 29.73 32.52
CA VAL B 290 39.37 28.42 32.88
C VAL B 290 40.68 28.71 33.60
N PRO B 291 40.88 28.13 34.80
CA PRO B 291 42.10 28.49 35.49
C PRO B 291 43.35 28.08 34.71
N ALA B 292 44.38 28.91 34.86
CA ALA B 292 45.67 28.70 34.18
C ALA B 292 46.38 27.46 34.70
N GLU B 293 47.30 26.92 33.90
CA GLU B 293 48.06 25.71 34.24
C GLU B 293 48.91 25.88 35.51
N SER B 294 49.53 27.04 35.59
CA SER B 294 50.29 27.49 36.80
C SER B 294 49.58 27.28 38.15
N THR B 295 48.24 27.42 38.14
CA THR B 295 47.38 27.16 39.33
C THR B 295 47.43 25.71 39.85
N GLY B 296 47.84 24.79 38.98
CA GLY B 296 47.88 23.36 39.29
C GLY B 296 46.51 22.71 39.21
N ILE B 297 45.64 23.33 38.42
CA ILE B 297 44.25 22.87 38.26
C ILE B 297 44.18 21.48 37.62
N SER B 298 43.51 20.58 38.33
CA SER B 298 43.36 19.13 37.95
C SER B 298 41.91 18.64 37.72
N GLY B 299 40.96 19.46 38.13
CA GLY B 299 39.53 19.17 37.96
C GLY B 299 38.71 20.43 37.84
N LEU B 300 37.76 20.40 36.92
CA LEU B 300 36.82 21.50 36.68
C LEU B 300 35.52 20.93 36.20
N ARG B 301 34.52 21.07 37.06
CA ARG B 301 33.23 20.41 36.84
C ARG B 301 32.08 21.38 36.94
N MET B 302 31.22 21.39 35.93
CA MET B 302 30.02 22.22 35.98
C MET B 302 28.88 21.45 36.58
N TYR B 303 28.06 22.16 37.33
CA TYR B 303 26.89 21.56 37.92
C TYR B 303 25.76 22.56 38.15
N ALA B 304 24.60 22.00 38.45
CA ALA B 304 23.40 22.78 38.74
C ALA B 304 22.91 22.43 40.13
N GLU B 305 22.37 23.43 40.80
CA GLU B 305 21.91 23.28 42.18
C GLU B 305 20.81 24.29 42.45
N THR B 306 20.13 24.10 43.57
CA THR B 306 19.27 25.17 44.12
C THR B 306 20.08 25.96 45.17
N PRO B 307 19.66 27.21 45.47
CA PRO B 307 20.48 28.02 46.36
C PRO B 307 20.73 27.37 47.69
N TRP B 308 21.93 27.57 48.19
CA TRP B 308 22.41 26.87 49.38
C TRP B 308 21.60 27.26 50.64
N LYS B 309 21.21 26.24 51.37
CA LYS B 309 20.73 26.40 52.75
C LYS B 309 21.29 25.24 53.54
N GLN B 310 21.39 25.45 54.85
CA GLN B 310 21.80 24.38 55.75
C GLN B 310 20.67 23.36 55.91
N SER B 311 21.05 22.13 56.21
CA SER B 311 20.12 20.99 56.32
C SER B 311 18.88 21.29 57.14
N SER B 312 19.08 21.90 58.30
CA SER B 312 17.97 22.26 59.23
C SER B 312 16.88 23.18 58.59
N GLU B 313 17.29 24.08 57.69
CA GLU B 313 16.37 25.01 56.96
C GLU B 313 15.80 24.47 55.62
N VAL B 314 16.11 23.22 55.28
CA VAL B 314 15.78 22.63 53.96
C VAL B 314 14.31 22.22 53.93
N THR B 315 13.58 22.80 53.00
CA THR B 315 12.14 22.48 52.79
C THR B 315 11.88 21.66 51.52
N GLU B 316 10.65 21.13 51.42
CA GLU B 316 10.17 20.37 50.23
C GLU B 316 10.31 21.12 48.87
N THR B 317 10.25 22.45 48.92
CA THR B 317 10.43 23.32 47.72
C THR B 317 11.90 23.46 47.24
N ASP B 318 12.83 23.40 48.17
CA ASP B 318 14.27 23.44 47.85
C ASP B 318 14.75 22.19 47.11
N THR B 319 14.12 21.06 47.46
CA THR B 319 14.52 19.73 46.97
C THR B 319 13.72 19.24 45.75
N ILE B 320 13.14 20.17 45.02
CA ILE B 320 12.35 19.78 43.84
C ILE B 320 13.23 19.08 42.82
N PRO B 321 12.68 18.08 42.12
CA PRO B 321 13.41 17.57 40.98
C PRO B 321 13.41 18.55 39.85
N PHE B 322 14.47 18.50 39.07
CA PHE B 322 14.57 19.35 37.88
C PHE B 322 15.37 18.71 36.73
N TYR B 323 15.17 19.30 35.56
CA TYR B 323 15.71 18.79 34.32
C TYR B 323 16.74 19.78 33.79
N VAL B 324 17.76 19.22 33.15
CA VAL B 324 18.70 20.01 32.38
C VAL B 324 18.83 19.44 30.98
N ASP B 325 19.19 20.30 30.05
CA ASP B 325 19.29 19.97 28.64
C ASP B 325 20.11 21.00 27.89
N ASP B 326 20.47 20.65 26.66
CA ASP B 326 21.26 21.51 25.72
C ASP B 326 22.39 22.25 26.44
N VAL B 327 23.19 21.43 27.09
CA VAL B 327 24.38 21.87 27.80
C VAL B 327 25.48 22.07 26.80
N GLN B 328 26.19 23.18 26.93
CA GLN B 328 27.12 23.64 25.91
C GLN B 328 28.20 24.58 26.41
N ILE B 329 29.42 24.29 25.98
CA ILE B 329 30.58 25.14 26.22
C ILE B 329 31.22 25.54 24.89
N THR B 330 31.41 26.84 24.72
CA THR B 330 31.93 27.42 23.49
C THR B 330 33.11 28.35 23.78
N ALA B 331 34.07 28.35 22.86
CA ALA B 331 35.22 29.25 22.89
C ALA B 331 34.80 30.67 22.56
N THR B 332 35.61 31.62 23.03
CA THR B 332 35.50 33.05 22.63
C THR B 332 36.83 33.49 21.94
N SER C 3 14.43 -4.82 12.39
CA SER C 3 15.72 -4.24 12.89
C SER C 3 17.01 -4.98 12.44
N ALA C 4 17.99 -4.18 11.98
CA ALA C 4 19.22 -4.67 11.38
C ALA C 4 20.38 -4.73 12.34
N ALA C 5 21.09 -3.64 12.58
CA ALA C 5 22.31 -3.77 13.33
C ALA C 5 22.09 -3.73 14.84
N LYS C 6 22.95 -4.46 15.52
CA LYS C 6 22.94 -4.52 16.99
C LYS C 6 24.25 -4.05 17.55
N ALA C 7 24.21 -3.72 18.84
CA ALA C 7 25.43 -3.31 19.55
C ALA C 7 26.57 -4.31 19.28
N GLY C 8 27.74 -3.75 19.02
CA GLY C 8 28.97 -4.53 18.71
C GLY C 8 29.21 -4.83 17.25
N ASP C 9 28.18 -4.65 16.43
CA ASP C 9 28.27 -4.94 14.97
C ASP C 9 29.15 -3.93 14.22
N ILE C 10 29.90 -4.46 13.29
CA ILE C 10 30.70 -3.64 12.41
C ILE C 10 29.83 -3.08 11.28
N LEU C 11 29.86 -1.77 11.13
CA LEU C 11 29.11 -1.05 10.08
C LEU C 11 29.93 -0.81 8.83
N LEU C 12 31.20 -0.53 9.06
CA LEU C 12 32.19 -0.33 8.00
C LEU C 12 33.57 -0.74 8.45
N SER C 13 34.29 -1.39 7.55
CA SER C 13 35.69 -1.72 7.78
C SER C 13 36.44 -1.51 6.49
N HIS C 14 37.46 -0.68 6.56
CA HIS C 14 38.30 -0.35 5.37
C HIS C 14 39.74 -0.55 5.67
N SER C 15 40.32 -1.51 4.99
CA SER C 15 41.77 -1.81 5.09
C SER C 15 42.59 -1.32 3.88
N PHE C 16 41.84 -0.90 2.86
CA PHE C 16 42.38 -0.34 1.59
C PHE C 16 43.32 -1.28 0.85
N GLU C 17 43.05 -2.57 0.98
CA GLU C 17 43.97 -3.62 0.46
C GLU C 17 43.73 -3.97 -1.01
N GLU C 18 42.61 -3.53 -1.55
CA GLU C 18 42.19 -3.89 -2.92
C GLU C 18 42.38 -2.78 -3.97
N GLY C 19 43.19 -1.78 -3.65
CA GLY C 19 43.45 -0.64 -4.60
C GLY C 19 42.28 0.24 -5.05
N THR C 20 41.21 0.21 -4.29
CA THR C 20 40.09 1.17 -4.39
C THR C 20 40.10 1.95 -3.09
N THR C 21 39.62 3.19 -3.12
CA THR C 21 39.55 4.03 -1.88
C THR C 21 38.32 3.73 -1.01
N GLN C 22 37.57 2.72 -1.40
CA GLN C 22 36.41 2.21 -0.63
C GLN C 22 35.41 3.29 -0.23
N GLY C 23 35.22 4.24 -1.14
CA GLY C 23 34.28 5.37 -0.96
C GLY C 23 34.89 6.70 -0.54
N TRP C 24 36.12 6.65 -0.05
CA TRP C 24 36.82 7.88 0.36
C TRP C 24 37.18 8.72 -0.86
N THR C 25 36.90 10.01 -0.74
CA THR C 25 37.24 10.99 -1.79
C THR C 25 37.82 12.27 -1.25
N ALA C 26 38.40 12.98 -2.20
CA ALA C 26 38.92 14.31 -1.98
C ALA C 26 37.87 15.32 -1.53
N ARG C 27 38.18 15.97 -0.43
CA ARG C 27 37.49 17.18 0.05
C ARG C 27 38.47 18.31 -0.14
N GLY C 28 38.12 19.17 -1.06
CA GLY C 28 39.01 20.26 -1.50
C GLY C 28 39.87 19.79 -2.65
N GLY C 29 40.82 20.61 -3.03
CA GLY C 29 41.68 20.36 -4.22
C GLY C 29 42.82 19.37 -4.02
N VAL C 30 42.51 18.31 -3.30
CA VAL C 30 43.54 17.38 -2.80
C VAL C 30 43.57 16.09 -3.62
N LYS C 31 44.61 15.32 -3.38
CA LYS C 31 44.80 14.04 -4.04
C LYS C 31 44.65 12.91 -3.03
N VAL C 32 43.60 12.11 -3.22
CA VAL C 32 43.29 10.99 -2.31
C VAL C 32 43.34 9.69 -3.05
N ASP C 33 44.30 8.88 -2.71
CA ASP C 33 44.47 7.58 -3.37
C ASP C 33 45.10 6.56 -2.44
N VAL C 34 45.02 5.33 -2.87
CA VAL C 34 45.63 4.22 -2.18
C VAL C 34 47.11 4.20 -2.52
N THR C 35 47.91 3.94 -1.50
CA THR C 35 49.35 3.69 -1.65
C THR C 35 49.75 2.32 -1.10
N ALA C 36 50.78 1.75 -1.72
CA ALA C 36 51.40 0.46 -1.30
C ALA C 36 52.79 0.67 -0.68
N GLU C 37 53.09 1.93 -0.41
CA GLU C 37 54.38 2.38 0.08
C GLU C 37 54.52 2.15 1.56
N GLN C 38 53.42 2.42 2.25
CA GLN C 38 53.30 2.27 3.72
C GLN C 38 51.90 1.84 4.12
N ALA C 39 51.86 1.22 5.28
CA ALA C 39 50.62 0.64 5.80
C ALA C 39 50.71 0.29 7.29
N TYR C 40 49.58 0.30 7.96
CA TYR C 40 49.50 -0.18 9.35
C TYR C 40 49.34 -1.68 9.36
N GLN C 41 48.37 -2.13 8.58
CA GLN C 41 48.09 -3.54 8.43
C GLN C 41 47.98 -3.80 6.92
N GLY C 42 48.48 -4.95 6.53
CA GLY C 42 48.56 -5.36 5.13
C GLY C 42 49.61 -4.56 4.37
N LYS C 43 49.42 -4.50 3.07
CA LYS C 43 50.37 -3.80 2.16
C LYS C 43 50.04 -2.37 1.85
N GLN C 44 48.79 -2.00 2.10
CA GLN C 44 48.27 -0.72 1.62
C GLN C 44 47.52 0.13 2.63
N SER C 45 47.55 1.41 2.35
CA SER C 45 46.80 2.42 3.13
C SER C 45 46.31 3.56 2.24
N LEU C 46 45.51 4.41 2.86
CA LEU C 46 44.90 5.57 2.18
C LEU C 46 45.73 6.84 2.38
N GLN C 47 46.22 7.33 1.26
CA GLN C 47 47.09 8.51 1.23
C GLN C 47 46.36 9.77 0.76
N THR C 48 46.64 10.83 1.48
CA THR C 48 46.15 12.19 1.15
C THR C 48 47.32 13.18 1.02
N THR C 49 47.43 13.76 -0.15
CA THR C 49 48.43 14.80 -0.44
C THR C 49 47.80 16.01 -1.12
N GLY C 50 48.58 17.08 -1.22
CA GLY C 50 48.17 18.29 -1.92
C GLY C 50 47.22 19.17 -1.15
N ARG C 51 47.20 18.99 0.16
CA ARG C 51 46.43 19.85 1.03
C ARG C 51 47.04 21.25 1.01
N THR C 52 46.14 22.24 1.05
CA THR C 52 46.49 23.69 1.11
C THR C 52 45.63 24.47 2.10
N GLU C 53 44.53 23.89 2.51
CA GLU C 53 43.64 24.49 3.52
C GLU C 53 43.39 23.48 4.66
N ALA C 54 43.24 24.01 5.86
CA ALA C 54 43.02 23.18 7.08
C ALA C 54 41.86 22.20 6.95
N TRP C 55 40.78 22.67 6.34
CA TRP C 55 39.53 21.89 6.14
C TRP C 55 39.62 20.80 5.05
N ASN C 56 40.64 20.92 4.21
CA ASN C 56 40.94 19.88 3.22
C ASN C 56 41.24 18.55 3.86
N GLY C 57 40.83 17.49 3.18
CA GLY C 57 41.18 16.11 3.59
C GLY C 57 40.46 15.02 2.85
N PRO C 58 40.76 13.77 3.20
CA PRO C 58 39.96 12.71 2.63
C PRO C 58 38.66 12.69 3.36
N SER C 59 37.63 12.34 2.64
CA SER C 59 36.29 12.36 3.18
C SER C 59 35.50 11.14 2.80
N LEU C 60 34.48 10.89 3.62
CA LEU C 60 33.65 9.72 3.45
C LEU C 60 32.24 10.07 3.85
N SER C 61 31.31 9.68 3.00
CA SER C 61 29.88 9.92 3.27
C SER C 61 29.39 8.87 4.27
N LEU C 62 28.73 9.35 5.33
CA LEU C 62 28.13 8.48 6.37
C LEU C 62 26.62 8.49 6.42
N THR C 63 26.02 9.19 5.48
CA THR C 63 24.52 9.30 5.39
C THR C 63 23.81 7.93 5.50
N ASP C 64 24.29 6.98 4.74
CA ASP C 64 23.70 5.63 4.65
C ASP C 64 24.21 4.63 5.70
N VAL C 65 25.10 5.09 6.55
CA VAL C 65 25.83 4.20 7.51
C VAL C 65 25.38 4.40 8.95
N VAL C 66 25.22 5.64 9.31
CA VAL C 66 24.94 6.07 10.66
C VAL C 66 23.56 6.71 10.73
N HIS C 67 22.74 6.18 11.60
CA HIS C 67 21.37 6.61 11.75
C HIS C 67 21.08 7.42 13.03
N LYS C 68 19.96 8.08 12.96
CA LYS C 68 19.51 9.01 13.99
C LYS C 68 19.61 8.36 15.36
N ASN C 69 20.29 9.05 16.27
CA ASN C 69 20.42 8.64 17.71
C ASN C 69 21.19 7.34 18.05
N GLU C 70 21.67 6.64 17.02
CA GLU C 70 22.64 5.54 17.20
C GLU C 70 23.93 6.16 17.75
N VAL C 71 24.57 5.42 18.64
CA VAL C 71 25.93 5.74 19.07
C VAL C 71 26.90 4.83 18.34
N VAL C 72 27.80 5.44 17.59
CA VAL C 72 28.83 4.69 16.90
C VAL C 72 30.21 5.07 17.38
N GLU C 73 31.13 4.18 17.09
CA GLU C 73 32.52 4.34 17.39
C GLU C 73 33.31 4.37 16.11
N ILE C 74 33.94 5.51 15.86
CA ILE C 74 34.74 5.74 14.67
C ILE C 74 36.20 5.72 15.02
N SER C 75 36.96 4.88 14.31
CA SER C 75 38.37 4.68 14.61
C SER C 75 39.18 4.46 13.37
N GLY C 76 40.44 4.81 13.48
CA GLY C 76 41.39 4.56 12.41
C GLY C 76 42.81 4.81 12.82
N TYR C 77 43.73 4.28 12.05
CA TYR C 77 45.16 4.48 12.32
C TYR C 77 45.71 5.48 11.31
N VAL C 78 46.47 6.41 11.83
CA VAL C 78 47.02 7.47 10.98
C VAL C 78 48.50 7.68 11.16
N LYS C 79 49.09 8.24 10.13
CA LYS C 79 50.51 8.55 10.14
C LYS C 79 50.83 9.59 9.11
N LEU C 80 51.80 10.42 9.44
CA LEU C 80 52.21 11.43 8.51
C LEU C 80 53.10 10.87 7.44
N VAL C 81 52.96 11.45 6.26
CA VAL C 81 53.78 11.11 5.11
C VAL C 81 55.23 11.47 5.45
N ALA C 82 56.14 10.62 5.01
CA ALA C 82 57.61 10.81 5.26
C ALA C 82 58.09 12.25 4.94
N GLY C 83 58.87 12.80 5.86
CA GLY C 83 59.48 14.14 5.78
C GLY C 83 58.67 15.26 6.43
N SER C 84 57.57 14.89 7.05
CA SER C 84 56.50 15.85 7.40
C SER C 84 56.72 16.30 8.82
N ALA C 85 56.46 17.58 9.06
CA ALA C 85 56.52 18.12 10.42
C ALA C 85 55.33 17.61 11.23
N PRO C 86 55.56 17.27 12.51
CA PRO C 86 54.48 16.84 13.36
C PRO C 86 53.28 17.77 13.29
N ALA C 87 52.12 17.17 13.33
CA ALA C 87 50.87 17.89 13.17
C ALA C 87 49.74 17.19 13.86
N ASP C 88 48.73 18.00 14.15
CA ASP C 88 47.56 17.58 14.90
C ASP C 88 46.44 17.15 13.92
N LEU C 89 45.95 15.93 14.12
CA LEU C 89 44.89 15.31 13.31
C LEU C 89 43.64 14.95 14.07
N LYS C 90 42.54 15.02 13.37
CA LYS C 90 41.22 14.92 13.95
C LYS C 90 40.16 14.48 12.95
N PHE C 91 39.21 13.66 13.41
CA PHE C 91 38.04 13.31 12.60
C PHE C 91 36.96 14.33 12.94
N THR C 92 36.30 14.78 11.89
CA THR C 92 35.17 15.69 11.97
C THR C 92 34.05 15.21 11.07
N VAL C 93 32.83 15.43 11.52
CA VAL C 93 31.64 15.17 10.72
C VAL C 93 30.94 16.51 10.36
N GLU C 94 30.91 16.77 9.08
CA GLU C 94 30.09 17.84 8.49
C GLU C 94 28.68 17.33 8.31
N ARG C 95 27.74 17.99 8.99
CA ARG C 95 26.33 17.55 9.05
C ARG C 95 25.37 18.67 8.63
N ARG C 96 24.41 18.28 7.81
CA ARG C 96 23.29 19.14 7.49
C ARG C 96 22.19 18.92 8.50
N ASP C 97 21.92 19.96 9.28
CA ASP C 97 20.93 19.87 10.38
C ASP C 97 19.48 19.83 9.85
N GLY C 98 18.55 19.87 10.80
CA GLY C 98 17.10 19.72 10.51
C GLY C 98 16.51 20.74 9.53
N ASN C 99 17.11 21.92 9.50
CA ASN C 99 16.70 23.01 8.56
C ASN C 99 17.78 23.31 7.48
N GLY C 100 18.64 22.33 7.21
CA GLY C 100 19.61 22.38 6.08
C GLY C 100 20.86 23.22 6.27
N ASP C 101 21.04 23.70 7.49
CA ASP C 101 22.23 24.47 7.86
C ASP C 101 23.40 23.51 8.11
N THR C 102 24.60 23.96 7.80
CA THR C 102 25.79 23.16 7.99
C THR C 102 26.30 23.24 9.42
N GLN C 103 26.42 22.07 10.04
CA GLN C 103 27.06 21.92 11.37
C GLN C 103 28.35 21.11 11.30
N TYR C 104 29.27 21.46 12.18
CA TYR C 104 30.55 20.80 12.27
C TYR C 104 30.67 20.10 13.61
N ASP C 105 30.49 18.78 13.56
CA ASP C 105 30.54 17.93 14.76
C ASP C 105 31.92 17.32 14.96
N GLN C 106 32.41 17.48 16.16
CA GLN C 106 33.66 16.90 16.55
C GLN C 106 33.44 15.44 16.91
N VAL C 107 34.39 14.60 16.54
CA VAL C 107 34.34 13.15 16.78
C VAL C 107 35.26 12.79 17.91
N ASN C 108 36.52 13.07 17.68
CA ASN C 108 37.59 12.87 18.62
C ASN C 108 38.35 14.19 18.84
N ALA C 109 39.04 14.28 19.97
CA ALA C 109 39.95 15.39 20.24
C ALA C 109 41.24 15.20 19.46
N ALA C 110 41.72 16.30 18.89
CA ALA C 110 42.94 16.28 18.06
C ALA C 110 44.13 15.62 18.76
N GLU C 111 44.89 14.88 17.99
CA GLU C 111 46.01 14.09 18.49
C GLU C 111 47.19 14.54 17.72
N GLN C 112 48.33 14.63 18.39
CA GLN C 112 49.56 14.87 17.68
C GLN C 112 49.99 13.59 16.94
N VAL C 113 50.30 13.79 15.69
CA VAL C 113 50.74 12.72 14.81
C VAL C 113 52.05 13.12 14.16
N THR C 114 52.82 12.10 13.87
CA THR C 114 54.20 12.20 13.48
C THR C 114 54.43 11.33 12.24
N ASP C 115 55.59 11.48 11.61
CA ASP C 115 55.95 10.64 10.44
C ASP C 115 56.64 9.32 10.77
N GLN C 116 56.83 9.09 12.07
CA GLN C 116 57.63 7.95 12.58
C GLN C 116 56.82 6.74 13.07
N LYS C 117 55.56 6.98 13.41
CA LYS C 117 54.74 5.96 14.13
C LYS C 117 53.26 6.18 13.77
N TRP C 118 52.58 5.06 13.58
CA TRP C 118 51.13 5.05 13.43
C TRP C 118 50.48 5.34 14.76
N VAL C 119 49.40 6.10 14.70
CA VAL C 119 48.64 6.54 15.87
C VAL C 119 47.17 6.21 15.69
N LYS C 120 46.56 5.71 16.74
CA LYS C 120 45.14 5.38 16.71
C LYS C 120 44.32 6.59 17.05
N LEU C 121 43.41 6.92 16.15
CA LEU C 121 42.41 7.96 16.37
C LEU C 121 41.10 7.26 16.62
N GLN C 122 40.37 7.74 17.60
CA GLN C 122 39.18 7.07 18.03
C GLN C 122 38.26 8.01 18.77
N GLY C 123 36.99 7.83 18.48
CA GLY C 123 35.97 8.64 19.10
C GLY C 123 34.60 8.04 18.89
N GLN C 124 33.69 8.40 19.79
CA GLN C 124 32.29 8.07 19.65
C GLN C 124 31.53 9.26 19.05
N TYR C 125 30.49 8.91 18.30
CA TYR C 125 29.68 9.87 17.55
C TYR C 125 28.23 9.48 17.52
N SER C 126 27.41 10.50 17.59
CA SER C 126 25.96 10.36 17.41
C SER C 126 25.37 11.67 17.01
N TYR C 127 24.20 11.63 16.40
CA TYR C 127 23.46 12.87 16.03
C TYR C 127 21.96 12.70 16.18
N GLU C 128 21.28 13.80 16.47
CA GLU C 128 19.81 13.78 16.64
C GLU C 128 19.06 14.06 15.36
N GLN C 129 19.52 15.10 14.69
CA GLN C 129 18.81 15.69 13.57
C GLN C 129 19.74 15.93 12.44
N GLY C 130 19.40 15.39 11.30
CA GLY C 130 20.17 15.66 10.10
C GLY C 130 19.83 14.83 8.90
N SER C 131 20.15 15.37 7.76
CA SER C 131 19.82 14.71 6.46
C SER C 131 21.06 14.12 5.78
N SER C 132 22.16 14.85 5.82
CA SER C 132 23.41 14.37 5.24
C SER C 132 24.55 14.40 6.23
N LEU C 133 25.48 13.46 6.05
CA LEU C 133 26.66 13.31 6.92
C LEU C 133 27.91 13.06 6.14
N LEU C 134 28.90 13.89 6.39
CA LEU C 134 30.21 13.76 5.73
C LEU C 134 31.34 13.73 6.75
N LEU C 135 31.99 12.58 6.80
CA LEU C 135 33.11 12.39 7.71
C LEU C 135 34.37 12.82 6.99
N TYR C 136 35.23 13.52 7.69
CA TYR C 136 36.55 13.86 7.12
C TYR C 136 37.65 13.92 8.14
N LEU C 137 38.86 13.71 7.64
CA LEU C 137 40.07 13.67 8.44
C LEU C 137 40.88 14.96 8.17
N GLU C 138 40.96 15.79 9.20
CA GLU C 138 41.48 17.17 9.11
C GLU C 138 42.68 17.41 9.98
N SER C 139 43.50 18.33 9.52
CA SER C 139 44.61 18.85 10.35
C SER C 139 44.64 20.36 10.37
N THR C 140 44.96 20.93 11.53
CA THR C 140 45.14 22.42 11.66
C THR C 140 46.34 22.91 10.84
N ASP C 141 47.33 22.03 10.67
CA ASP C 141 48.42 22.22 9.72
C ASP C 141 47.84 22.02 8.31
N ALA C 142 47.67 23.12 7.60
CA ALA C 142 47.00 23.14 6.28
C ALA C 142 47.80 22.51 5.16
N LYS C 143 49.07 22.30 5.42
CA LYS C 143 50.00 21.74 4.41
C LYS C 143 50.29 20.26 4.60
N ALA C 144 49.89 19.74 5.75
CA ALA C 144 50.25 18.38 6.16
C ALA C 144 49.68 17.34 5.21
N ALA C 145 50.48 16.32 4.99
CA ALA C 145 50.08 15.16 4.20
C ALA C 145 50.11 13.91 5.07
N TYR C 146 49.11 13.06 4.90
CA TYR C 146 48.96 11.91 5.81
C TYR C 146 48.25 10.71 5.26
N LEU C 147 48.51 9.62 5.95
CA LEU C 147 47.98 8.29 5.66
C LEU C 147 46.93 7.91 6.66
N LEU C 148 46.01 7.07 6.19
CA LEU C 148 44.94 6.48 7.01
C LEU C 148 44.83 5.02 6.67
N ASP C 149 44.73 4.21 7.70
CA ASP C 149 44.55 2.75 7.50
C ASP C 149 43.69 2.15 8.57
N GLU C 150 43.19 0.98 8.28
CA GLU C 150 42.36 0.17 9.21
C GLU C 150 41.29 1.01 9.83
N PHE C 151 40.54 1.60 8.94
CA PHE C 151 39.49 2.51 9.34
C PHE C 151 38.28 1.66 9.63
N GLN C 152 37.59 2.01 10.69
CA GLN C 152 36.49 1.19 11.15
C GLN C 152 35.40 2.01 11.84
N ILE C 153 34.17 1.58 11.61
CA ILE C 153 33.00 2.12 12.31
C ILE C 153 32.20 0.97 12.88
N ARG C 154 32.01 1.06 14.17
CA ARG C 154 31.34 0.02 14.96
C ARG C 154 30.14 0.63 15.64
N LEU C 155 29.09 -0.16 15.72
CA LEU C 155 27.89 0.26 16.44
C LEU C 155 28.06 -0.04 17.91
N VAL C 156 27.96 0.99 18.72
CA VAL C 156 28.12 0.85 20.20
C VAL C 156 26.78 0.63 20.86
N LYS C 157 25.86 1.50 20.51
CA LYS C 157 24.51 1.45 21.08
C LYS C 157 23.47 1.76 20.00
N ALA C 158 22.53 0.85 19.87
CA ALA C 158 21.40 0.99 18.95
C ALA C 158 20.53 2.16 19.44
N ALA C 159 19.78 2.72 18.53
CA ALA C 159 18.96 3.91 18.88
C ALA C 159 17.89 3.45 19.85
N PRO C 160 17.68 4.23 20.94
CA PRO C 160 16.66 3.89 21.96
C PRO C 160 15.26 3.81 21.45
N GLU C 161 14.43 3.01 22.13
CA GLU C 161 13.07 2.75 21.64
C GLU C 161 12.09 3.88 21.99
N ALA D 2 -10.65 -9.69 17.14
CA ALA D 2 -11.44 -9.82 15.86
C ALA D 2 -10.63 -10.21 14.59
N SER D 3 -9.37 -9.77 14.51
CA SER D 3 -8.45 -10.04 13.40
C SER D 3 -7.12 -10.55 13.96
N ALA D 4 -6.70 -11.73 13.52
CA ALA D 4 -5.43 -12.31 14.04
C ALA D 4 -4.21 -11.51 13.55
N ALA D 5 -4.26 -11.30 12.25
CA ALA D 5 -3.28 -10.55 11.45
C ALA D 5 -3.45 -9.06 11.68
N LYS D 6 -2.39 -8.32 11.43
CA LYS D 6 -2.39 -6.85 11.58
C LYS D 6 -2.08 -6.16 10.25
N ALA D 7 -2.45 -4.89 10.20
CA ALA D 7 -2.17 -4.06 9.02
C ALA D 7 -0.71 -4.21 8.58
N GLY D 8 -0.53 -4.35 7.28
CA GLY D 8 0.80 -4.55 6.66
C GLY D 8 1.27 -6.00 6.53
N ASP D 9 0.57 -6.92 7.21
CA ASP D 9 0.96 -8.33 7.20
C ASP D 9 0.67 -9.01 5.87
N ILE D 10 1.60 -9.85 5.47
CA ILE D 10 1.40 -10.70 4.28
C ILE D 10 0.52 -11.90 4.62
N LEU D 11 -0.54 -12.07 3.86
CA LEU D 11 -1.48 -13.21 4.02
C LEU D 11 -1.17 -14.40 3.08
N LEU D 12 -0.72 -14.05 1.89
CA LEU D 12 -0.29 -15.02 0.89
C LEU D 12 0.77 -14.45 0.02
N SER D 13 1.72 -15.29 -0.33
CA SER D 13 2.71 -14.95 -1.34
C SER D 13 2.99 -16.17 -2.21
N HIS D 14 2.83 -16.01 -3.50
CA HIS D 14 3.07 -17.08 -4.50
C HIS D 14 3.99 -16.67 -5.56
N SER D 15 5.12 -17.35 -5.61
CA SER D 15 6.15 -17.14 -6.66
C SER D 15 6.20 -18.25 -7.73
N PHE D 16 5.49 -19.34 -7.43
CA PHE D 16 5.37 -20.54 -8.30
C PHE D 16 6.70 -21.19 -8.64
N GLU D 17 7.64 -21.12 -7.71
CA GLU D 17 9.04 -21.52 -7.98
C GLU D 17 9.30 -23.00 -7.74
N GLU D 18 8.35 -23.67 -7.10
CA GLU D 18 8.50 -25.09 -6.67
C GLU D 18 7.74 -26.11 -7.51
N GLY D 19 7.32 -25.71 -8.70
CA GLY D 19 6.55 -26.61 -9.59
C GLY D 19 5.23 -27.22 -9.07
N THR D 20 4.63 -26.61 -8.06
CA THR D 20 3.21 -26.77 -7.71
C THR D 20 2.52 -25.43 -8.05
N THR D 21 1.22 -25.50 -8.30
CA THR D 21 0.40 -24.26 -8.55
C THR D 21 -0.03 -23.51 -7.27
N GLN D 22 0.44 -23.99 -6.12
CA GLN D 22 0.22 -23.34 -4.81
C GLN D 22 -1.23 -23.04 -4.52
N GLY D 23 -2.10 -23.95 -4.97
CA GLY D 23 -3.55 -23.87 -4.74
C GLY D 23 -4.38 -23.40 -5.92
N TRP D 24 -3.72 -22.79 -6.90
CA TRP D 24 -4.42 -22.29 -8.09
C TRP D 24 -4.89 -23.48 -8.92
N THR D 25 -6.11 -23.38 -9.42
CA THR D 25 -6.68 -24.37 -10.34
C THR D 25 -7.47 -23.80 -11.46
N ALA D 26 -7.69 -24.66 -12.44
CA ALA D 26 -8.54 -24.41 -13.59
C ALA D 26 -9.98 -24.13 -13.22
N ARG D 27 -10.44 -22.99 -13.71
CA ARG D 27 -11.85 -22.61 -13.71
C ARG D 27 -12.24 -22.71 -15.16
N GLY D 28 -13.08 -23.67 -15.44
CA GLY D 28 -13.51 -23.97 -16.78
C GLY D 28 -12.58 -25.00 -17.37
N GLY D 29 -12.74 -25.27 -18.66
CA GLY D 29 -12.03 -26.35 -19.36
C GLY D 29 -10.61 -26.01 -19.78
N VAL D 30 -9.93 -25.32 -18.89
CA VAL D 30 -8.64 -24.72 -19.21
C VAL D 30 -7.50 -25.56 -18.66
N LYS D 31 -6.32 -25.21 -19.08
CA LYS D 31 -5.07 -25.80 -18.60
C LYS D 31 -4.25 -24.79 -17.76
N VAL D 32 -4.14 -25.10 -16.48
CA VAL D 32 -3.45 -24.24 -15.49
C VAL D 32 -2.28 -25.00 -14.88
N ASP D 33 -1.10 -24.56 -15.21
CA ASP D 33 0.11 -25.20 -14.73
C ASP D 33 1.25 -24.20 -14.64
N VAL D 34 2.27 -24.65 -13.95
CA VAL D 34 3.49 -23.91 -13.80
C VAL D 34 4.32 -24.09 -15.07
N THR D 35 4.92 -23.00 -15.49
CA THR D 35 5.90 -22.98 -16.60
C THR D 35 7.21 -22.38 -16.18
N ALA D 36 8.25 -22.88 -16.82
CA ALA D 36 9.68 -22.42 -16.61
C ALA D 36 10.21 -21.68 -17.81
N GLU D 37 9.31 -21.35 -18.68
CA GLU D 37 9.60 -20.73 -19.98
C GLU D 37 9.80 -19.23 -19.82
N GLN D 38 8.96 -18.66 -18.97
CA GLN D 38 8.91 -17.25 -18.67
C GLN D 38 8.51 -17.00 -17.25
N ALA D 39 8.93 -15.85 -16.76
CA ALA D 39 8.72 -15.47 -15.37
C ALA D 39 8.99 -14.00 -15.13
N TYR D 40 8.35 -13.45 -14.12
CA TYR D 40 8.63 -12.08 -13.69
C TYR D 40 9.86 -12.13 -12.82
N GLN D 41 9.79 -13.06 -11.92
CA GLN D 41 10.82 -13.28 -10.95
C GLN D 41 11.04 -14.73 -10.81
N GLY D 42 12.29 -15.08 -10.56
CA GLY D 42 12.70 -16.47 -10.49
C GLY D 42 12.61 -17.09 -11.87
N LYS D 43 12.56 -18.40 -11.88
CA LYS D 43 12.55 -19.19 -13.12
C LYS D 43 11.16 -19.55 -13.62
N GLN D 44 10.18 -19.41 -12.76
CA GLN D 44 8.85 -19.91 -13.03
C GLN D 44 7.68 -18.96 -12.75
N SER D 45 6.63 -19.22 -13.49
CA SER D 45 5.35 -18.52 -13.33
C SER D 45 4.17 -19.47 -13.56
N LEU D 46 3.00 -18.94 -13.26
CA LEU D 46 1.73 -19.64 -13.47
C LEU D 46 1.10 -19.35 -14.87
N GLN D 47 1.02 -20.39 -15.66
CA GLN D 47 0.49 -20.31 -17.00
C GLN D 47 -0.95 -20.85 -17.13
N THR D 48 -1.74 -20.11 -17.87
CA THR D 48 -3.09 -20.48 -18.20
C THR D 48 -3.26 -20.49 -19.74
N THR D 49 -3.63 -21.64 -20.26
CA THR D 49 -3.98 -21.79 -21.69
C THR D 49 -5.31 -22.55 -21.90
N GLY D 50 -5.80 -22.54 -23.14
CA GLY D 50 -7.02 -23.28 -23.52
C GLY D 50 -8.33 -22.62 -23.15
N ARG D 51 -8.27 -21.33 -22.90
CA ARG D 51 -9.45 -20.56 -22.58
C ARG D 51 -10.32 -20.52 -23.82
N THR D 52 -11.62 -20.64 -23.58
CA THR D 52 -12.68 -20.52 -24.62
C THR D 52 -13.86 -19.62 -24.22
N GLU D 53 -13.97 -19.34 -22.93
CA GLU D 53 -14.99 -18.43 -22.42
C GLU D 53 -14.34 -17.33 -21.58
N ALA D 54 -14.94 -16.16 -21.62
CA ALA D 54 -14.44 -14.97 -20.85
C ALA D 54 -14.21 -15.24 -19.35
N TRP D 55 -15.15 -15.98 -18.77
CA TRP D 55 -15.13 -16.32 -17.32
C TRP D 55 -14.10 -17.40 -16.93
N ASN D 56 -13.62 -18.13 -17.93
CA ASN D 56 -12.51 -19.07 -17.73
C ASN D 56 -11.25 -18.40 -17.25
N GLY D 57 -10.53 -19.12 -16.40
CA GLY D 57 -9.21 -18.63 -15.91
C GLY D 57 -8.61 -19.46 -14.79
N PRO D 58 -7.44 -19.07 -14.31
CA PRO D 58 -6.93 -19.71 -13.13
C PRO D 58 -7.66 -19.13 -11.94
N SER D 59 -7.85 -19.95 -10.95
CA SER D 59 -8.60 -19.56 -9.76
C SER D 59 -7.97 -20.04 -8.47
N LEU D 60 -8.34 -19.34 -7.40
CA LEU D 60 -7.77 -19.56 -6.11
C LEU D 60 -8.82 -19.28 -5.08
N SER D 61 -8.93 -20.22 -4.14
CA SER D 61 -9.88 -20.07 -3.04
C SER D 61 -9.31 -19.09 -2.01
N LEU D 62 -10.11 -18.09 -1.62
CA LEU D 62 -9.77 -17.10 -0.57
C LEU D 62 -10.59 -17.22 0.71
N THR D 63 -11.39 -18.27 0.79
CA THR D 63 -12.27 -18.52 1.96
C THR D 63 -11.50 -18.43 3.29
N ASP D 64 -10.35 -19.10 3.31
CA ASP D 64 -9.54 -19.23 4.55
C ASP D 64 -8.51 -18.13 4.73
N VAL D 65 -8.50 -17.21 3.79
CA VAL D 65 -7.47 -16.14 3.70
C VAL D 65 -7.95 -14.74 4.02
N VAL D 66 -9.15 -14.43 3.53
CA VAL D 66 -9.76 -13.12 3.68
C VAL D 66 -11.05 -13.18 4.50
N HIS D 67 -11.10 -12.37 5.54
CA HIS D 67 -12.25 -12.39 6.48
C HIS D 67 -13.14 -11.16 6.38
N LYS D 68 -14.31 -11.33 6.96
CA LYS D 68 -15.37 -10.34 6.95
C LYS D 68 -14.82 -8.97 7.36
N ASN D 69 -15.08 -7.99 6.51
CA ASN D 69 -14.73 -6.55 6.75
C ASN D 69 -13.27 -6.16 6.79
N GLU D 70 -12.39 -7.14 6.63
CA GLU D 70 -10.96 -6.87 6.44
C GLU D 70 -10.82 -6.21 5.07
N VAL D 71 -9.90 -5.26 5.00
CA VAL D 71 -9.48 -4.70 3.71
C VAL D 71 -8.15 -5.30 3.34
N VAL D 72 -8.14 -5.97 2.22
CA VAL D 72 -6.91 -6.54 1.70
C VAL D 72 -6.49 -5.90 0.39
N GLU D 73 -5.22 -6.08 0.09
CA GLU D 73 -4.62 -5.67 -1.17
C GLU D 73 -4.15 -6.89 -1.94
N ILE D 74 -4.77 -7.09 -3.08
CA ILE D 74 -4.47 -8.20 -3.99
C ILE D 74 -3.66 -7.69 -5.18
N SER D 75 -2.52 -8.31 -5.39
CA SER D 75 -1.62 -7.89 -6.44
C SER D 75 -0.92 -9.08 -7.10
N GLY D 76 -0.52 -8.85 -8.33
CA GLY D 76 0.24 -9.82 -9.08
C GLY D 76 0.74 -9.27 -10.40
N TYR D 77 1.68 -9.98 -10.99
CA TYR D 77 2.25 -9.56 -12.27
C TYR D 77 1.79 -10.49 -13.33
N VAL D 78 1.37 -9.89 -14.43
CA VAL D 78 0.79 -10.66 -15.53
C VAL D 78 1.34 -10.31 -16.89
N LYS D 79 1.21 -11.26 -17.78
CA LYS D 79 1.73 -11.14 -19.13
C LYS D 79 1.07 -12.13 -20.02
N LEU D 80 0.84 -11.71 -21.25
CA LEU D 80 0.22 -12.60 -22.24
C LEU D 80 1.22 -13.56 -22.81
N VAL D 81 0.71 -14.74 -23.09
CA VAL D 81 1.51 -15.80 -23.68
C VAL D 81 1.88 -15.34 -25.08
N ALA D 82 3.10 -15.71 -25.49
CA ALA D 82 3.63 -15.32 -26.81
C ALA D 82 2.61 -15.59 -27.92
N GLY D 83 2.46 -14.60 -28.78
CA GLY D 83 1.62 -14.71 -29.99
C GLY D 83 0.17 -14.38 -29.77
N SER D 84 -0.08 -13.74 -28.64
CA SER D 84 -1.44 -13.45 -28.16
C SER D 84 -1.77 -11.95 -28.35
N ALA D 85 -2.98 -11.69 -28.80
CA ALA D 85 -3.41 -10.29 -29.11
C ALA D 85 -3.65 -9.55 -27.80
N PRO D 86 -3.28 -8.26 -27.73
CA PRO D 86 -3.48 -7.51 -26.52
C PRO D 86 -4.88 -7.68 -26.02
N ALA D 87 -4.97 -7.71 -24.71
CA ALA D 87 -6.24 -7.97 -24.04
C ALA D 87 -6.26 -7.41 -22.64
N ASP D 88 -7.47 -7.22 -22.17
CA ASP D 88 -7.75 -6.60 -20.87
C ASP D 88 -7.97 -7.66 -19.78
N LEU D 89 -7.17 -7.53 -18.72
CA LEU D 89 -7.15 -8.49 -17.61
C LEU D 89 -7.53 -7.88 -16.31
N LYS D 90 -8.20 -8.68 -15.50
CA LYS D 90 -8.57 -8.26 -14.16
C LYS D 90 -8.82 -9.43 -13.22
N PHE D 91 -8.70 -9.10 -11.96
CA PHE D 91 -9.02 -9.99 -10.89
C PHE D 91 -10.47 -9.78 -10.51
N THR D 92 -11.15 -10.89 -10.32
CA THR D 92 -12.53 -10.93 -9.87
C THR D 92 -12.67 -11.93 -8.73
N VAL D 93 -13.53 -11.59 -7.77
CA VAL D 93 -13.91 -12.53 -6.72
C VAL D 93 -15.36 -12.97 -6.85
N GLU D 94 -15.51 -14.26 -7.05
CA GLU D 94 -16.82 -14.94 -6.98
C GLU D 94 -17.10 -15.25 -5.51
N ARG D 95 -18.19 -14.69 -5.01
CA ARG D 95 -18.57 -14.77 -3.58
C ARG D 95 -19.95 -15.34 -3.37
N ARG D 96 -20.05 -16.26 -2.41
CA ARG D 96 -21.32 -16.77 -1.88
C ARG D 96 -21.82 -15.88 -0.75
N ASP D 97 -22.93 -15.23 -1.00
CA ASP D 97 -23.52 -14.32 0.02
C ASP D 97 -24.18 -15.09 1.20
N GLY D 98 -24.89 -14.36 2.06
CA GLY D 98 -25.58 -14.92 3.24
C GLY D 98 -26.57 -16.06 2.98
N ASN D 99 -27.18 -16.04 1.80
CA ASN D 99 -28.12 -17.11 1.34
C ASN D 99 -27.58 -18.06 0.30
N GLY D 100 -26.27 -18.02 0.13
CA GLY D 100 -25.60 -18.89 -0.87
C GLY D 100 -25.88 -18.53 -2.32
N ASP D 101 -26.32 -17.30 -2.55
CA ASP D 101 -26.43 -16.73 -3.91
C ASP D 101 -25.03 -16.29 -4.33
N THR D 102 -24.76 -16.45 -5.61
CA THR D 102 -23.46 -16.08 -6.16
C THR D 102 -23.41 -14.59 -6.49
N GLN D 103 -22.42 -13.92 -5.94
CA GLN D 103 -22.08 -12.51 -6.27
C GLN D 103 -20.71 -12.39 -6.94
N TYR D 104 -20.59 -11.40 -7.82
CA TYR D 104 -19.37 -11.16 -8.58
C TYR D 104 -18.79 -9.81 -8.25
N ASP D 105 -17.73 -9.86 -7.44
CA ASP D 105 -17.07 -8.66 -6.96
C ASP D 105 -15.82 -8.30 -7.79
N GLN D 106 -15.77 -7.05 -8.19
CA GLN D 106 -14.61 -6.50 -8.91
C GLN D 106 -13.53 -6.11 -7.91
N VAL D 107 -12.30 -6.39 -8.28
CA VAL D 107 -11.13 -6.18 -7.39
C VAL D 107 -10.40 -4.94 -7.88
N ASN D 108 -9.92 -5.06 -9.10
CA ASN D 108 -9.18 -4.00 -9.74
C ASN D 108 -9.87 -3.65 -11.04
N ALA D 109 -9.58 -2.44 -11.50
CA ALA D 109 -10.00 -2.04 -12.82
C ALA D 109 -9.11 -2.69 -13.86
N ALA D 110 -9.76 -3.16 -14.91
CA ALA D 110 -9.08 -3.90 -15.97
C ALA D 110 -7.88 -3.11 -16.47
N GLU D 111 -6.83 -3.84 -16.79
CA GLU D 111 -5.61 -3.26 -17.34
C GLU D 111 -5.28 -3.91 -18.67
N GLN D 112 -4.82 -3.12 -19.62
CA GLN D 112 -4.42 -3.70 -20.90
C GLN D 112 -3.11 -4.40 -20.70
N VAL D 113 -3.08 -5.63 -21.19
CA VAL D 113 -1.92 -6.47 -21.10
C VAL D 113 -1.56 -6.97 -22.47
N THR D 114 -0.28 -7.19 -22.61
CA THR D 114 0.38 -7.45 -23.87
C THR D 114 1.29 -8.67 -23.72
N ASP D 115 1.79 -9.19 -24.83
CA ASP D 115 2.74 -10.34 -24.81
C ASP D 115 4.22 -9.94 -24.70
N GLN D 116 4.46 -8.65 -24.62
CA GLN D 116 5.83 -8.08 -24.65
C GLN D 116 6.38 -7.68 -23.30
N LYS D 117 5.51 -7.55 -22.32
CA LYS D 117 5.88 -6.88 -21.07
C LYS D 117 4.99 -7.32 -19.92
N TRP D 118 5.60 -7.50 -18.76
CA TRP D 118 4.87 -7.79 -17.53
C TRP D 118 4.20 -6.54 -17.03
N VAL D 119 3.01 -6.72 -16.51
CA VAL D 119 2.20 -5.63 -15.97
C VAL D 119 1.71 -5.98 -14.58
N LYS D 120 1.75 -5.01 -13.71
CA LYS D 120 1.30 -5.20 -12.34
C LYS D 120 -0.20 -4.94 -12.26
N LEU D 121 -0.91 -5.92 -11.75
CA LEU D 121 -2.33 -5.78 -11.42
C LEU D 121 -2.44 -5.66 -9.95
N GLN D 122 -3.28 -4.74 -9.51
CA GLN D 122 -3.38 -4.41 -8.12
C GLN D 122 -4.72 -3.75 -7.82
N GLY D 123 -5.24 -4.16 -6.69
CA GLY D 123 -6.51 -3.68 -6.22
C GLY D 123 -6.73 -4.02 -4.78
N GLN D 124 -7.59 -3.24 -4.16
CA GLN D 124 -8.06 -3.50 -2.83
C GLN D 124 -9.40 -4.18 -2.86
N TYR D 125 -9.62 -5.03 -1.88
CA TYR D 125 -10.85 -5.85 -1.78
C TYR D 125 -11.30 -6.01 -0.33
N SER D 126 -12.62 -6.03 -0.17
CA SER D 126 -13.25 -6.33 1.11
C SER D 126 -14.67 -6.79 0.89
N TYR D 127 -15.22 -7.51 1.84
CA TYR D 127 -16.62 -7.95 1.76
C TYR D 127 -17.27 -7.87 3.13
N GLU D 128 -18.57 -7.66 3.13
CA GLU D 128 -19.37 -7.52 4.37
C GLU D 128 -20.03 -8.84 4.77
N GLN D 129 -20.55 -9.54 3.78
CA GLN D 129 -21.31 -10.77 4.02
C GLN D 129 -20.95 -11.89 3.06
N GLY D 130 -20.58 -13.04 3.61
CA GLY D 130 -20.27 -14.19 2.76
C GLY D 130 -19.63 -15.38 3.45
N SER D 131 -19.76 -16.52 2.79
CA SER D 131 -19.26 -17.80 3.34
C SER D 131 -18.07 -18.37 2.54
N SER D 132 -18.14 -18.27 1.22
CA SER D 132 -17.09 -18.76 0.34
C SER D 132 -16.60 -17.67 -0.59
N LEU D 133 -15.33 -17.75 -0.93
CA LEU D 133 -14.67 -16.78 -1.80
C LEU D 133 -13.74 -17.43 -2.81
N LEU D 134 -13.96 -17.12 -4.08
CA LEU D 134 -13.15 -17.64 -5.18
C LEU D 134 -12.58 -16.51 -6.03
N LEU D 135 -11.27 -16.36 -5.96
CA LEU D 135 -10.57 -15.34 -6.73
C LEU D 135 -10.24 -15.97 -8.09
N TYR D 136 -10.44 -15.22 -9.14
CA TYR D 136 -9.98 -15.65 -10.45
C TYR D 136 -9.49 -14.52 -11.31
N LEU D 137 -8.64 -14.90 -12.24
CA LEU D 137 -8.01 -13.97 -13.19
C LEU D 137 -8.63 -14.13 -14.56
N GLU D 138 -9.29 -13.09 -14.96
CA GLU D 138 -10.25 -13.08 -16.09
C GLU D 138 -9.85 -12.12 -17.20
N SER D 139 -10.21 -12.46 -18.42
CA SER D 139 -10.15 -11.49 -19.53
C SER D 139 -11.45 -11.49 -20.30
N THR D 140 -11.83 -10.30 -20.75
CA THR D 140 -13.01 -10.16 -21.66
C THR D 140 -12.73 -10.84 -23.01
N ASP D 141 -11.45 -10.88 -23.41
CA ASP D 141 -11.00 -11.68 -24.55
C ASP D 141 -11.03 -13.15 -24.13
N ALA D 142 -12.01 -13.87 -24.66
CA ALA D 142 -12.28 -15.27 -24.26
C ALA D 142 -11.26 -16.27 -24.72
N LYS D 143 -10.43 -15.86 -25.65
CA LYS D 143 -9.37 -16.73 -26.24
C LYS D 143 -7.97 -16.47 -25.71
N ALA D 144 -7.83 -15.40 -24.95
CA ALA D 144 -6.52 -14.97 -24.46
C ALA D 144 -5.89 -15.98 -23.51
N ALA D 145 -4.59 -16.12 -23.64
CA ALA D 145 -3.79 -16.98 -22.77
C ALA D 145 -2.79 -16.12 -22.05
N TYR D 146 -2.59 -16.42 -20.78
CA TYR D 146 -1.72 -15.55 -19.94
C TYR D 146 -1.03 -16.17 -18.75
N LEU D 147 0.01 -15.46 -18.34
CA LEU D 147 0.86 -15.83 -17.24
C LEU D 147 0.55 -14.95 -16.04
N LEU D 148 0.76 -15.54 -14.86
CA LEU D 148 0.68 -14.84 -13.57
C LEU D 148 1.90 -15.20 -12.72
N ASP D 149 2.49 -14.19 -12.09
CA ASP D 149 3.65 -14.43 -11.23
C ASP D 149 3.65 -13.45 -10.08
N GLU D 150 4.41 -13.81 -9.05
CA GLU D 150 4.61 -12.98 -7.86
C GLU D 150 3.29 -12.43 -7.35
N PHE D 151 2.39 -13.36 -7.14
CA PHE D 151 1.07 -13.05 -6.68
C PHE D 151 1.13 -12.86 -5.18
N GLN D 152 0.41 -11.87 -4.70
CA GLN D 152 0.48 -11.51 -3.29
C GLN D 152 -0.79 -10.90 -2.76
N ILE D 153 -1.07 -11.24 -1.52
CA ILE D 153 -2.20 -10.68 -0.78
C ILE D 153 -1.68 -10.17 0.54
N ARG D 154 -1.93 -8.90 0.76
CA ARG D 154 -1.48 -8.16 1.95
C ARG D 154 -2.69 -7.60 2.67
N LEU D 155 -2.61 -7.61 3.99
CA LEU D 155 -3.67 -7.02 4.81
C LEU D 155 -3.41 -5.52 4.91
N VAL D 156 -4.38 -4.73 4.49
CA VAL D 156 -4.29 -3.27 4.57
C VAL D 156 -4.89 -2.72 5.87
N LYS D 157 -6.09 -3.14 6.14
CA LYS D 157 -6.80 -2.72 7.35
C LYS D 157 -7.56 -3.89 7.99
N ALA D 158 -7.27 -4.07 9.27
CA ALA D 158 -7.92 -5.12 10.07
C ALA D 158 -9.38 -4.79 10.22
N ALA D 159 -10.17 -5.81 10.50
CA ALA D 159 -11.61 -5.63 10.70
C ALA D 159 -11.82 -4.93 12.05
N PRO D 160 -12.72 -3.94 12.12
CA PRO D 160 -12.93 -3.16 13.39
C PRO D 160 -13.22 -3.86 14.78
N GLN D 171 -10.83 6.44 20.41
CA GLN D 171 -9.43 6.70 20.77
C GLN D 171 -8.94 8.03 20.11
N ALA D 172 -7.72 8.05 19.57
CA ALA D 172 -7.16 9.25 18.91
C ALA D 172 -7.64 9.36 17.45
N LEU D 173 -8.54 10.30 17.20
CA LEU D 173 -9.14 10.51 15.88
C LEU D 173 -8.28 11.36 14.94
N PHE D 174 -7.54 12.26 15.53
CA PHE D 174 -6.67 13.18 14.79
C PHE D 174 -5.44 13.52 15.63
N LYS D 175 -4.29 13.56 14.98
CA LYS D 175 -3.04 13.93 15.66
C LYS D 175 -2.08 14.62 14.68
N ALA D 176 -1.40 15.60 15.21
CA ALA D 176 -0.39 16.36 14.48
C ALA D 176 0.71 16.78 15.46
N ASP D 177 1.88 16.21 15.25
CA ASP D 177 3.08 16.52 16.04
C ASP D 177 4.16 17.21 15.21
N PHE D 178 3.99 17.20 13.90
CA PHE D 178 4.88 17.89 12.93
C PHE D 178 6.30 17.32 12.82
N GLU D 179 6.54 16.17 13.44
CA GLU D 179 7.89 15.56 13.49
C GLU D 179 8.36 15.03 12.13
N ASP D 180 7.39 14.58 11.34
CA ASP D 180 7.63 14.22 9.92
C ASP D 180 7.99 15.39 8.97
N GLY D 181 8.05 16.61 9.50
CA GLY D 181 8.40 17.83 8.73
C GLY D 181 7.33 18.35 7.79
N ASN D 182 6.15 17.71 7.85
CA ASN D 182 5.06 17.98 6.89
C ASN D 182 3.99 18.91 7.40
N ILE D 183 3.74 19.94 6.59
CA ILE D 183 2.64 20.88 6.79
C ILE D 183 1.26 20.22 6.62
N GLY D 184 1.20 19.18 5.81
CA GLY D 184 -0.05 18.44 5.56
C GLY D 184 -1.12 19.35 4.99
N ASN D 185 -2.29 19.31 5.62
CA ASN D 185 -3.46 20.08 5.17
C ASN D 185 -3.67 21.41 5.89
N TRP D 186 -2.71 21.77 6.71
CA TRP D 186 -2.73 23.03 7.43
C TRP D 186 -2.56 24.16 6.45
N ARG D 187 -3.29 25.22 6.73
CA ARG D 187 -3.29 26.39 5.85
C ARG D 187 -3.46 27.68 6.62
N ALA D 188 -3.00 28.73 5.96
CA ALA D 188 -3.21 30.09 6.43
C ALA D 188 -4.68 30.49 6.24
N ARG D 189 -5.11 31.43 7.04
CA ARG D 189 -6.46 32.03 6.93
C ARG D 189 -6.55 33.26 6.01
N GLY D 190 -5.45 33.97 5.94
CA GLY D 190 -5.31 35.16 5.12
C GLY D 190 -3.96 35.18 4.43
N THR D 191 -3.22 36.25 4.67
CA THR D 191 -1.90 36.49 3.99
C THR D 191 -0.67 36.09 4.81
N GLU D 192 -0.92 35.57 5.99
CA GLU D 192 0.15 35.12 6.88
C GLU D 192 0.86 33.88 6.31
N LYS D 193 1.98 33.57 6.95
CA LYS D 193 2.90 32.49 6.53
C LYS D 193 3.00 31.32 7.51
N LEU D 194 2.80 30.13 6.98
CA LEU D 194 2.91 28.88 7.74
C LEU D 194 4.18 28.11 7.37
N GLU D 195 4.81 27.57 8.40
CA GLU D 195 6.06 26.88 8.24
C GLU D 195 6.27 25.87 9.33
N VAL D 196 6.69 24.66 8.94
CA VAL D 196 7.10 23.67 9.93
C VAL D 196 8.55 23.93 10.25
N VAL D 197 8.83 24.36 11.47
CA VAL D 197 10.21 24.66 11.86
C VAL D 197 10.81 23.44 12.55
N SER D 198 12.13 23.35 12.45
CA SER D 198 12.91 22.37 13.24
C SER D 198 13.86 23.10 14.18
N GLY D 199 14.02 22.50 15.35
CA GLY D 199 14.75 23.15 16.46
C GLY D 199 13.86 23.87 17.47
N ILE D 200 12.54 23.88 17.22
CA ILE D 200 11.52 24.39 18.16
C ILE D 200 10.29 23.51 18.19
N GLY D 201 9.86 23.17 19.40
CA GLY D 201 8.76 22.26 19.60
C GLY D 201 8.46 21.96 21.06
N HIS D 202 7.30 21.37 21.29
CA HIS D 202 6.84 20.96 22.62
C HIS D 202 7.34 19.57 22.93
N ASN D 203 8.36 19.51 23.79
CA ASN D 203 9.06 18.23 24.11
C ASN D 203 9.41 17.45 22.84
N SER D 204 9.94 18.19 21.89
CA SER D 204 10.11 17.71 20.53
C SER D 204 10.80 18.74 19.68
N ASN D 205 11.24 18.28 18.52
CA ASN D 205 12.09 19.07 17.64
C ASN D 205 11.34 20.04 16.73
N ARG D 206 10.12 19.67 16.39
CA ARG D 206 9.34 20.41 15.42
C ARG D 206 7.98 20.83 15.86
N SER D 207 7.58 21.94 15.26
CA SER D 207 6.26 22.54 15.47
C SER D 207 5.87 23.42 14.28
N LEU D 208 4.61 23.82 14.32
CA LEU D 208 4.02 24.63 13.24
C LEU D 208 4.02 26.12 13.61
N LYS D 209 4.87 26.86 12.90
CA LYS D 209 5.06 28.30 13.10
C LYS D 209 4.23 29.15 12.16
N THR D 210 3.53 30.10 12.74
CA THR D 210 2.75 31.07 12.00
C THR D 210 3.40 32.42 12.20
N SER D 211 3.79 33.02 11.08
CA SER D 211 4.46 34.33 11.10
C SER D 211 3.91 35.24 10.00
N SER D 212 4.52 36.41 9.84
CA SER D 212 3.99 37.47 8.95
C SER D 212 2.50 37.72 9.21
N ARG D 213 2.11 37.68 10.47
CA ARG D 213 0.74 38.00 10.84
C ARG D 213 0.61 39.52 10.81
N SER D 214 -0.50 39.98 10.25
CA SER D 214 -0.91 41.42 10.20
C SER D 214 -2.35 41.68 10.69
N GLU D 215 -3.02 40.63 11.13
CA GLU D 215 -4.40 40.70 11.63
C GLU D 215 -4.52 39.71 12.76
N THR D 216 -5.47 39.94 13.66
CA THR D 216 -5.61 39.04 14.82
C THR D 216 -6.10 37.64 14.45
N TYR D 217 -6.97 37.60 13.46
CA TYR D 217 -7.58 36.35 12.97
C TYR D 217 -6.60 35.44 12.21
N HIS D 218 -5.43 35.99 11.88
CA HIS D 218 -4.35 35.23 11.22
C HIS D 218 -3.79 34.18 12.14
N GLY D 219 -3.74 32.96 11.63
CA GLY D 219 -3.28 31.82 12.40
C GLY D 219 -3.46 30.51 11.64
N PRO D 220 -2.94 29.40 12.20
CA PRO D 220 -2.98 28.18 11.49
C PRO D 220 -4.33 27.49 11.61
N LEU D 221 -4.75 26.91 10.50
CA LEU D 221 -6.08 26.28 10.37
C LEU D 221 -5.98 24.91 9.68
N VAL D 222 -6.81 23.99 10.13
CA VAL D 222 -6.92 22.70 9.48
C VAL D 222 -8.31 22.11 9.55
N GLU D 223 -8.70 21.54 8.42
CA GLU D 223 -9.98 20.85 8.27
C GLU D 223 -9.90 19.53 9.01
N VAL D 224 -10.88 19.30 9.87
CA VAL D 224 -10.95 18.06 10.69
C VAL D 224 -12.27 17.27 10.62
N LEU D 225 -13.26 17.78 9.91
CA LEU D 225 -14.57 17.10 9.85
C LEU D 225 -14.49 15.61 9.43
N PRO D 226 -13.73 15.30 8.36
CA PRO D 226 -13.50 13.92 7.88
C PRO D 226 -13.08 12.89 8.90
N TYR D 227 -12.35 13.34 9.90
CA TYR D 227 -11.83 12.45 10.97
C TYR D 227 -12.83 12.10 12.06
N LEU D 228 -14.03 12.67 11.97
CA LEU D 228 -14.98 12.71 13.10
C LEU D 228 -16.38 12.20 12.84
N GLN D 229 -16.96 11.67 13.89
CA GLN D 229 -18.38 11.29 13.93
C GLN D 229 -19.24 12.55 14.12
N LYS D 230 -20.04 12.87 13.10
CA LYS D 230 -21.07 13.92 13.24
C LYS D 230 -22.00 13.59 14.40
N GLY D 231 -22.30 14.62 15.18
CA GLY D 231 -23.12 14.48 16.41
C GLY D 231 -22.36 14.11 17.68
N SER D 232 -21.16 13.57 17.53
CA SER D 232 -20.37 13.07 18.67
C SER D 232 -19.84 14.22 19.54
N THR D 233 -19.39 13.83 20.72
CA THR D 233 -18.67 14.74 21.61
C THR D 233 -17.20 14.28 21.65
N VAL D 234 -16.32 15.21 21.33
CA VAL D 234 -14.87 14.99 21.27
C VAL D 234 -14.04 16.05 22.04
N HIS D 235 -12.81 15.66 22.35
CA HIS D 235 -11.87 16.49 23.13
C HIS D 235 -10.80 17.01 22.20
N ILE D 236 -10.77 18.33 22.03
CA ILE D 236 -9.77 19.00 21.20
C ILE D 236 -8.70 19.57 22.08
N SER D 237 -7.46 19.28 21.74
CA SER D 237 -6.31 19.79 22.49
C SER D 237 -5.18 20.21 21.56
N PHE D 238 -4.50 21.27 21.92
CA PHE D 238 -3.20 21.58 21.33
C PHE D 238 -2.34 22.44 22.24
N TRP D 239 -1.07 22.48 21.89
CA TRP D 239 -0.08 23.21 22.66
C TRP D 239 0.35 24.39 21.83
N ALA D 240 0.55 25.51 22.51
CA ALA D 240 0.99 26.73 21.87
C ALA D 240 2.11 27.43 22.62
N MET D 241 2.87 28.24 21.90
CA MET D 241 4.00 28.95 22.45
C MET D 241 4.33 30.13 21.57
N TYR D 242 4.77 31.21 22.20
CA TYR D 242 5.30 32.38 21.48
C TYR D 242 6.58 32.80 22.14
N ASP D 243 7.49 33.33 21.34
CA ASP D 243 8.91 33.54 21.76
C ASP D 243 9.43 34.98 21.71
N GLU D 244 8.59 35.91 21.27
CA GLU D 244 8.97 37.35 21.17
C GLU D 244 7.82 38.31 21.54
N GLY D 245 8.19 39.56 21.82
CA GLY D 245 7.22 40.64 22.13
C GLY D 245 6.89 40.73 23.62
N PRO D 246 5.59 40.80 23.98
CA PRO D 246 5.24 41.10 25.37
C PRO D 246 5.52 39.95 26.33
N ALA D 247 5.41 40.27 27.61
CA ALA D 247 5.62 39.31 28.69
C ALA D 247 4.55 38.23 28.69
N THR D 248 3.31 38.65 28.42
CA THR D 248 2.14 37.75 28.29
C THR D 248 1.34 37.99 27.02
N GLN D 249 0.72 36.92 26.53
CA GLN D 249 -0.21 36.98 25.38
C GLN D 249 -1.29 35.87 25.43
N VAL D 250 -2.50 36.26 25.05
CA VAL D 250 -3.62 35.34 24.96
C VAL D 250 -3.63 34.70 23.57
N ILE D 251 -3.82 33.39 23.56
CA ILE D 251 -4.05 32.61 22.35
C ILE D 251 -5.39 31.92 22.49
N ASN D 252 -6.10 31.86 21.39
CA ASN D 252 -7.40 31.19 21.33
C ASN D 252 -7.33 29.97 20.46
N GLY D 253 -8.12 28.99 20.84
CA GLY D 253 -8.41 27.83 20.02
C GLY D 253 -9.87 27.91 19.63
N SER D 254 -10.12 27.94 18.33
CA SER D 254 -11.46 28.13 17.78
C SER D 254 -11.83 27.10 16.71
N LEU D 255 -13.11 27.08 16.40
CA LEU D 255 -13.69 26.28 15.31
C LEU D 255 -14.35 27.17 14.28
N GLU D 256 -14.03 26.91 13.01
CA GLU D 256 -14.69 27.50 11.84
C GLU D 256 -15.60 26.43 11.26
N LYS D 257 -16.87 26.77 11.12
CA LYS D 257 -17.91 25.84 10.65
C LYS D 257 -18.51 26.26 9.30
N GLU D 258 -18.73 25.25 8.46
CA GLU D 258 -19.35 25.42 7.13
C GLU D 258 -20.55 24.49 7.02
N PHE D 259 -21.67 25.10 6.63
CA PHE D 259 -22.94 24.38 6.45
C PHE D 259 -23.40 24.35 4.98
N ASN D 260 -23.77 23.16 4.52
CA ASN D 260 -24.35 22.92 3.15
C ASN D 260 -23.49 23.47 2.03
N ARG D 261 -22.19 23.34 2.19
CA ARG D 261 -21.20 23.88 1.24
C ARG D 261 -21.34 25.39 0.99
N ASP D 262 -21.95 26.08 1.94
CA ASP D 262 -22.13 27.53 1.85
C ASP D 262 -20.88 28.26 2.39
N THR D 263 -19.98 28.59 1.47
CA THR D 263 -18.68 29.21 1.80
C THR D 263 -18.78 30.68 2.21
N ALA D 264 -19.86 31.33 1.81
CA ALA D 264 -20.10 32.74 2.12
C ALA D 264 -20.66 33.01 3.53
N ASN D 265 -21.14 31.98 4.22
CA ASN D 265 -21.81 32.16 5.52
C ASN D 265 -21.30 31.22 6.59
N LEU D 266 -20.07 31.45 7.00
CA LEU D 266 -19.41 30.60 8.00
C LEU D 266 -19.82 30.98 9.43
N GLU D 267 -19.73 30.01 10.32
CA GLU D 267 -19.91 30.26 11.76
C GLU D 267 -18.58 30.03 12.48
N TYR D 268 -18.34 30.86 13.49
CA TYR D 268 -17.12 30.80 14.27
C TYR D 268 -17.45 30.64 15.73
N ALA D 269 -16.68 29.79 16.39
CA ALA D 269 -16.89 29.46 17.80
C ALA D 269 -15.58 29.20 18.52
N MET D 270 -15.33 29.98 19.56
CA MET D 270 -14.16 29.78 20.41
C MET D 270 -14.45 28.62 21.34
N PHE D 271 -13.51 27.73 21.48
CA PHE D 271 -13.66 26.58 22.41
C PHE D 271 -12.78 26.68 23.68
N ALA D 272 -11.67 27.38 23.54
CA ALA D 272 -10.77 27.63 24.67
C ALA D 272 -9.81 28.78 24.42
N SER D 273 -9.32 29.34 25.52
CA SER D 273 -8.24 30.33 25.49
C SER D 273 -7.44 30.26 26.78
N THR D 274 -6.18 30.63 26.69
CA THR D 274 -5.34 30.85 27.87
C THR D 274 -4.35 31.96 27.63
N THR D 275 -3.83 32.46 28.75
CA THR D 275 -2.77 33.48 28.76
C THR D 275 -1.43 32.74 28.83
N LEU D 276 -0.53 33.09 27.93
CA LEU D 276 0.77 32.42 27.84
C LEU D 276 1.86 33.35 28.28
N ASN D 277 2.87 32.79 28.93
CA ASN D 277 4.11 33.54 29.24
C ASN D 277 5.07 33.36 28.09
N LYS D 278 5.72 34.45 27.72
CA LYS D 278 6.75 34.40 26.69
C LYS D 278 7.72 33.24 26.95
N GLY D 279 7.96 32.48 25.89
CA GLY D 279 8.86 31.31 25.92
C GLY D 279 8.29 30.03 26.48
N GLN D 280 7.06 30.05 27.00
CA GLN D 280 6.48 28.87 27.69
C GLN D 280 5.35 28.24 26.90
N TRP D 281 5.39 26.92 26.85
CA TRP D 281 4.37 26.11 26.19
C TRP D 281 3.21 25.91 27.15
N LYS D 282 2.02 25.99 26.60
CA LYS D 282 0.81 25.87 27.39
C LYS D 282 -0.33 25.21 26.61
N LYS D 283 -1.09 24.39 27.32
CA LYS D 283 -2.10 23.55 26.71
C LYS D 283 -3.42 24.33 26.57
N ILE D 284 -3.97 24.23 25.37
CA ILE D 284 -5.28 24.82 25.06
C ILE D 284 -6.22 23.71 24.67
N GLU D 285 -7.28 23.55 25.43
CA GLU D 285 -8.13 22.38 25.29
C GLU D 285 -9.58 22.61 25.72
N ALA D 286 -10.44 21.77 25.19
CA ALA D 286 -11.86 21.73 25.53
C ALA D 286 -12.56 20.53 24.90
N ASP D 287 -13.72 20.20 25.46
CA ASP D 287 -14.69 19.32 24.82
C ASP D 287 -15.56 20.15 23.87
N ILE D 288 -15.83 19.61 22.71
CA ILE D 288 -16.75 20.23 21.74
C ILE D 288 -17.74 19.21 21.20
N ILE D 289 -18.87 19.71 20.73
CA ILE D 289 -19.90 18.87 20.11
C ILE D 289 -19.78 19.05 18.62
N VAL D 290 -19.45 17.97 17.93
CA VAL D 290 -19.46 17.95 16.46
C VAL D 290 -20.90 18.11 16.00
N PRO D 291 -21.18 19.08 15.10
CA PRO D 291 -22.58 19.24 14.72
C PRO D 291 -23.16 18.02 14.03
N ALA D 292 -24.44 17.79 14.30
CA ALA D 292 -25.17 16.63 13.79
C ALA D 292 -25.34 16.72 12.27
N GLU D 293 -25.56 15.57 11.65
CA GLU D 293 -25.71 15.48 10.18
C GLU D 293 -26.87 16.31 9.68
N SER D 294 -27.97 16.24 10.43
CA SER D 294 -29.21 17.05 10.19
C SER D 294 -28.96 18.55 9.94
N THR D 295 -27.95 19.08 10.59
CA THR D 295 -27.50 20.49 10.40
C THR D 295 -27.01 20.82 8.97
N GLY D 296 -26.62 19.79 8.24
CA GLY D 296 -26.06 19.94 6.88
C GLY D 296 -24.60 20.36 6.88
N ILE D 297 -23.94 20.05 7.98
CA ILE D 297 -22.53 20.45 8.19
C ILE D 297 -21.60 19.77 7.17
N SER D 298 -20.84 20.61 6.48
CA SER D 298 -19.90 20.19 5.40
C SER D 298 -18.42 20.53 5.60
N GLY D 299 -18.16 21.37 6.59
CA GLY D 299 -16.81 21.78 6.97
C GLY D 299 -16.69 22.10 8.46
N LEU D 300 -15.61 21.64 9.06
CA LEU D 300 -15.30 21.87 10.47
C LEU D 300 -13.80 21.93 10.64
N ARG D 301 -13.33 23.13 10.96
CA ARG D 301 -11.90 23.42 10.94
C ARG D 301 -11.45 24.06 12.25
N MET D 302 -10.42 23.50 12.85
CA MET D 302 -9.90 24.09 14.06
C MET D 302 -8.82 25.04 13.69
N TYR D 303 -8.73 26.09 14.48
CA TYR D 303 -7.65 27.06 14.28
C TYR D 303 -7.28 27.78 15.55
N ALA D 304 -6.16 28.50 15.47
CA ALA D 304 -5.65 29.32 16.56
C ALA D 304 -5.57 30.74 16.11
N GLU D 305 -5.85 31.65 17.03
CA GLU D 305 -5.80 33.09 16.75
C GLU D 305 -5.46 33.85 18.01
N THR D 306 -5.19 35.13 17.86
CA THR D 306 -5.19 36.08 19.00
C THR D 306 -6.56 36.78 19.10
N PRO D 307 -6.91 37.33 20.28
CA PRO D 307 -8.26 37.85 20.43
C PRO D 307 -8.57 38.93 19.42
N TRP D 308 -9.81 38.90 18.96
CA TRP D 308 -10.27 39.72 17.83
C TRP D 308 -10.22 41.22 18.18
N LYS D 309 -9.64 41.98 17.28
CA LYS D 309 -9.76 43.43 17.25
C LYS D 309 -9.94 43.83 15.80
N GLN D 310 -10.54 44.99 15.60
CA GLN D 310 -10.65 45.55 14.25
C GLN D 310 -9.29 46.07 13.80
N SER D 311 -9.09 46.09 12.48
CA SER D 311 -7.81 46.51 11.85
C SER D 311 -7.21 47.80 12.43
N SER D 312 -8.04 48.82 12.56
CA SER D 312 -7.61 50.14 13.11
C SER D 312 -6.97 50.07 14.53
N GLU D 313 -7.46 49.16 15.36
CA GLU D 313 -6.93 48.95 16.74
C GLU D 313 -5.76 47.93 16.86
N VAL D 314 -5.31 47.40 15.73
CA VAL D 314 -4.32 46.28 15.70
C VAL D 314 -2.92 46.78 15.96
N THR D 315 -2.31 46.28 17.02
CA THR D 315 -0.93 46.67 17.40
C THR D 315 0.10 45.54 17.11
N GLU D 316 1.37 45.93 17.21
CA GLU D 316 2.51 45.00 17.02
C GLU D 316 2.48 43.76 17.95
N THR D 317 1.87 43.91 19.12
CA THR D 317 1.72 42.81 20.11
C THR D 317 0.63 41.78 19.75
N ASP D 318 -0.41 42.24 19.09
CA ASP D 318 -1.50 41.36 18.62
C ASP D 318 -1.02 40.40 17.51
N THR D 319 -0.09 40.88 16.71
CA THR D 319 0.40 40.19 15.49
C THR D 319 1.68 39.39 15.69
N ILE D 320 1.94 39.02 16.92
CA ILE D 320 3.14 38.24 17.21
C ILE D 320 3.09 36.88 16.49
N PRO D 321 4.24 36.40 16.01
CA PRO D 321 4.26 35.02 15.54
C PRO D 321 4.14 34.06 16.70
N PHE D 322 3.55 32.91 16.44
CA PHE D 322 3.46 31.84 17.42
C PHE D 322 3.47 30.44 16.81
N TYR D 323 3.73 29.49 17.70
CA TYR D 323 3.94 28.11 17.33
C TYR D 323 2.83 27.26 17.91
N VAL D 324 2.49 26.23 17.18
CA VAL D 324 1.58 25.20 17.68
C VAL D 324 2.18 23.84 17.47
N ASP D 325 1.75 22.90 18.31
CA ASP D 325 2.30 21.57 18.35
C ASP D 325 1.39 20.63 19.13
N ASP D 326 1.66 19.35 18.99
CA ASP D 326 0.93 18.23 19.66
C ASP D 326 -0.56 18.47 19.66
N VAL D 327 -1.04 18.69 18.46
CA VAL D 327 -2.48 18.89 18.17
C VAL D 327 -3.15 17.54 18.18
N GLN D 328 -4.28 17.45 18.84
CA GLN D 328 -4.92 16.16 19.11
C GLN D 328 -6.41 16.24 19.37
N ILE D 329 -7.12 15.31 18.74
CA ILE D 329 -8.57 15.13 18.92
C ILE D 329 -8.85 13.70 19.33
N THR D 330 -9.58 13.57 20.43
CA THR D 330 -9.90 12.29 21.02
C THR D 330 -11.40 12.18 21.27
N ALA D 331 -11.88 10.96 21.13
CA ALA D 331 -13.26 10.59 21.45
C ALA D 331 -13.49 10.59 22.96
N THR D 332 -14.75 10.76 23.34
CA THR D 332 -15.20 10.58 24.74
C THR D 332 -16.23 9.45 24.88
N ALA E 4 -22.29 -42.49 6.33
CA ALA E 4 -21.70 -41.42 7.18
C ALA E 4 -20.61 -42.01 8.06
N ALA E 5 -20.18 -41.25 9.07
CA ALA E 5 -19.27 -41.74 10.09
C ALA E 5 -19.86 -42.04 11.47
N LYS E 6 -19.20 -42.97 12.16
CA LYS E 6 -19.61 -43.42 13.50
C LYS E 6 -18.48 -43.18 14.50
N ALA E 7 -18.85 -43.12 15.77
CA ALA E 7 -17.87 -42.98 16.84
C ALA E 7 -16.71 -43.96 16.63
N GLY E 8 -15.50 -43.45 16.82
CA GLY E 8 -14.25 -44.22 16.68
C GLY E 8 -13.63 -44.18 15.30
N ASP E 9 -14.40 -43.70 14.32
CA ASP E 9 -13.94 -43.68 12.90
C ASP E 9 -12.90 -42.60 12.66
N ILE E 10 -11.91 -42.97 11.86
CA ILE E 10 -10.91 -42.02 11.45
C ILE E 10 -11.44 -41.16 10.31
N LEU E 11 -11.36 -39.86 10.49
CA LEU E 11 -11.82 -38.86 9.49
C LEU E 11 -10.71 -38.37 8.59
N LEU E 12 -9.54 -38.23 9.20
CA LEU E 12 -8.29 -37.89 8.49
C LEU E 12 -7.06 -38.42 9.17
N SER E 13 -6.13 -38.84 8.36
CA SER E 13 -4.84 -39.36 8.84
C SER E 13 -3.76 -38.95 7.87
N HIS E 14 -2.78 -38.23 8.38
CA HIS E 14 -1.66 -37.71 7.57
C HIS E 14 -0.34 -38.01 8.14
N SER E 15 0.41 -38.81 7.42
CA SER E 15 1.78 -39.10 7.82
C SER E 15 2.83 -38.39 6.97
N PHE E 16 2.37 -37.78 5.90
CA PHE E 16 3.21 -37.05 4.94
C PHE E 16 4.29 -37.86 4.24
N GLU E 17 3.99 -39.12 3.99
CA GLU E 17 5.03 -40.07 3.50
C GLU E 17 5.22 -40.04 2.00
N GLU E 18 4.29 -39.40 1.30
CA GLU E 18 4.24 -39.48 -0.17
C GLU E 18 4.69 -38.20 -0.87
N GLY E 19 5.41 -37.36 -0.14
CA GLY E 19 5.87 -36.07 -0.69
C GLY E 19 4.82 -35.04 -1.21
N THR E 20 3.58 -35.18 -0.78
CA THR E 20 2.52 -34.16 -0.90
C THR E 20 2.21 -33.70 0.51
N THR E 21 1.71 -32.48 0.65
CA THR E 21 1.31 -31.95 1.98
C THR E 21 -0.07 -32.36 2.43
N GLN E 22 -0.69 -33.23 1.65
CA GLN E 22 -2.02 -33.83 1.99
C GLN E 22 -3.08 -32.80 2.41
N GLY E 23 -3.04 -31.66 1.75
CA GLY E 23 -4.04 -30.60 1.92
C GLY E 23 -3.60 -29.44 2.79
N TRP E 24 -2.50 -29.64 3.53
CA TRP E 24 -1.95 -28.58 4.36
C TRP E 24 -1.31 -27.50 3.47
N THR E 25 -1.59 -26.25 3.81
CA THR E 25 -1.02 -25.10 3.12
C THR E 25 -0.65 -23.96 4.04
N ALA E 26 0.11 -23.07 3.45
CA ALA E 26 0.61 -21.89 4.13
C ALA E 26 -0.51 -20.97 4.52
N ARG E 27 -0.49 -20.61 5.79
CA ARG E 27 -1.27 -19.51 6.32
C ARG E 27 -0.27 -18.41 6.63
N GLY E 28 -0.38 -17.32 5.89
CA GLY E 28 0.56 -16.22 5.96
C GLY E 28 1.67 -16.47 4.98
N GLY E 29 2.69 -15.61 5.04
CA GLY E 29 3.83 -15.65 4.06
C GLY E 29 4.88 -16.74 4.30
N VAL E 30 4.40 -17.91 4.68
CA VAL E 30 5.29 -19.00 5.17
C VAL E 30 5.52 -20.07 4.11
N LYS E 31 6.47 -20.93 4.40
CA LYS E 31 6.87 -22.03 3.53
C LYS E 31 6.49 -23.36 4.18
N VAL E 32 5.54 -24.04 3.58
CA VAL E 32 4.99 -25.29 4.11
C VAL E 32 5.25 -26.40 3.14
N ASP E 33 6.11 -27.31 3.53
CA ASP E 33 6.48 -28.41 2.66
C ASP E 33 6.88 -29.64 3.44
N VAL E 34 6.93 -30.73 2.71
CA VAL E 34 7.33 -32.03 3.26
C VAL E 34 8.84 -32.06 3.30
N THR E 35 9.34 -32.60 4.39
CA THR E 35 10.75 -32.89 4.56
C THR E 35 11.00 -34.36 4.88
N ALA E 36 12.14 -34.84 4.44
CA ALA E 36 12.65 -36.22 4.69
C ALA E 36 13.82 -36.23 5.66
N GLU E 37 14.03 -35.08 6.26
CA GLU E 37 15.17 -34.81 7.15
C GLU E 37 14.92 -35.37 8.53
N GLN E 38 13.69 -35.23 8.96
CA GLN E 38 13.20 -35.69 10.27
C GLN E 38 11.77 -36.16 10.20
N ALA E 39 11.43 -37.03 11.14
CA ALA E 39 10.09 -37.62 11.22
C ALA E 39 9.81 -38.33 12.54
N TYR E 40 8.54 -38.42 12.88
CA TYR E 40 8.10 -39.14 14.10
C TYR E 40 7.85 -40.59 13.74
N GLN E 41 7.10 -40.76 12.68
CA GLN E 41 6.78 -42.02 12.08
C GLN E 41 7.09 -41.97 10.57
N GLY E 42 7.62 -43.07 10.08
CA GLY E 42 8.13 -43.14 8.73
C GLY E 42 9.38 -42.27 8.47
N LYS E 43 9.56 -41.90 7.21
CA LYS E 43 10.73 -41.11 6.76
C LYS E 43 10.50 -39.62 6.70
N GLN E 44 9.24 -39.23 6.70
CA GLN E 44 8.87 -37.85 6.41
C GLN E 44 7.92 -37.20 7.37
N SER E 45 8.00 -35.88 7.39
CA SER E 45 7.08 -35.02 8.15
C SER E 45 6.82 -33.67 7.44
N LEU E 46 5.88 -32.92 8.01
CA LEU E 46 5.48 -31.64 7.50
C LEU E 46 6.24 -30.50 8.19
N GLN E 47 7.00 -29.80 7.38
CA GLN E 47 7.82 -28.68 7.83
C GLN E 47 7.21 -27.32 7.50
N THR E 48 7.27 -26.46 8.47
CA THR E 48 6.87 -25.06 8.34
C THR E 48 8.04 -24.11 8.72
N THR E 49 8.45 -23.29 7.76
CA THR E 49 9.49 -22.26 7.99
C THR E 49 9.02 -20.90 7.49
N GLY E 50 9.78 -19.86 7.83
CA GLY E 50 9.54 -18.52 7.32
C GLY E 50 8.41 -17.79 8.00
N ARG E 51 8.05 -18.27 9.18
CA ARG E 51 7.10 -17.56 10.05
C ARG E 51 7.67 -16.24 10.51
N THR E 52 6.79 -15.25 10.54
CA THR E 52 7.09 -13.87 11.00
C THR E 52 6.03 -13.29 11.92
N GLU E 53 4.85 -13.90 11.91
CA GLU E 53 3.76 -13.48 12.79
C GLU E 53 3.25 -14.69 13.57
N ALA E 54 2.81 -14.44 14.77
CA ALA E 54 2.30 -15.49 15.68
C ALA E 54 1.21 -16.35 15.07
N TRP E 55 0.31 -15.71 14.37
CA TRP E 55 -0.84 -16.39 13.68
C TRP E 55 -0.47 -17.22 12.44
N ASN E 56 0.72 -16.97 11.90
CA ASN E 56 1.24 -17.74 10.77
C ASN E 56 1.40 -19.22 11.14
N GLY E 57 1.19 -20.07 10.17
CA GLY E 57 1.44 -21.52 10.33
C GLY E 57 0.97 -22.38 9.16
N PRO E 58 1.16 -23.70 9.27
CA PRO E 58 0.51 -24.57 8.34
C PRO E 58 -0.96 -24.68 8.72
N SER E 59 -1.77 -24.83 7.70
CA SER E 59 -3.19 -24.82 7.86
C SER E 59 -3.87 -25.85 7.00
N LEU E 60 -5.03 -26.24 7.46
CA LEU E 60 -5.79 -27.32 6.88
C LEU E 60 -7.29 -26.98 7.00
N SER E 61 -7.98 -27.06 5.87
CA SER E 61 -9.42 -26.78 5.84
C SER E 61 -10.18 -27.98 6.39
N LEU E 62 -11.07 -27.72 7.33
CA LEU E 62 -11.89 -28.78 8.00
C LEU E 62 -13.37 -28.68 7.68
N THR E 63 -13.71 -27.75 6.81
CA THR E 63 -15.11 -27.51 6.41
C THR E 63 -15.88 -28.77 6.01
N ASP E 64 -15.25 -29.57 5.18
CA ASP E 64 -15.85 -30.82 4.68
C ASP E 64 -15.65 -32.05 5.57
N VAL E 65 -14.92 -31.85 6.65
CA VAL E 65 -14.42 -32.98 7.49
C VAL E 65 -15.21 -33.10 8.79
N VAL E 66 -15.44 -31.95 9.38
CA VAL E 66 -16.04 -31.84 10.72
C VAL E 66 -17.37 -31.13 10.59
N HIS E 67 -18.40 -31.80 11.06
CA HIS E 67 -19.76 -31.29 10.99
C HIS E 67 -20.31 -30.76 12.29
N LYS E 68 -21.36 -29.99 12.12
CA LYS E 68 -22.07 -29.33 13.22
C LYS E 68 -22.34 -30.32 14.35
N ASN E 69 -21.96 -29.92 15.56
CA ASN E 69 -22.22 -30.72 16.83
C ASN E 69 -21.54 -32.10 17.01
N GLU E 70 -20.79 -32.53 15.99
CA GLU E 70 -19.90 -33.68 16.12
C GLU E 70 -18.79 -33.28 17.11
N VAL E 71 -18.41 -34.26 17.93
CA VAL E 71 -17.20 -34.15 18.75
C VAL E 71 -16.09 -34.95 18.10
N VAL E 72 -15.02 -34.24 17.76
CA VAL E 72 -13.83 -34.87 17.18
C VAL E 72 -12.61 -34.70 18.06
N GLU E 73 -11.66 -35.57 17.80
CA GLU E 73 -10.40 -35.55 18.49
C GLU E 73 -9.32 -35.28 17.49
N ILE E 74 -8.65 -34.17 17.70
CA ILE E 74 -7.54 -33.72 16.86
C ILE E 74 -6.21 -33.95 17.56
N SER E 75 -5.30 -34.65 16.89
CA SER E 75 -4.01 -34.96 17.44
C SER E 75 -2.91 -34.95 16.41
N GLY E 76 -1.71 -34.71 16.91
CA GLY E 76 -0.51 -34.77 16.08
C GLY E 76 0.77 -34.67 16.90
N TYR E 77 1.87 -35.02 16.28
CA TYR E 77 3.17 -34.93 16.92
C TYR E 77 3.96 -33.81 16.33
N VAL E 78 4.59 -33.06 17.20
CA VAL E 78 5.31 -31.84 16.77
C VAL E 78 6.69 -31.74 17.34
N LYS E 79 7.49 -31.00 16.64
CA LYS E 79 8.88 -30.79 17.06
C LYS E 79 9.44 -29.56 16.40
N LEU E 80 10.30 -28.85 17.12
CA LEU E 80 10.92 -27.66 16.56
C LEU E 80 12.03 -28.03 15.65
N VAL E 81 12.17 -27.21 14.64
CA VAL E 81 13.26 -27.33 13.67
C VAL E 81 14.56 -27.12 14.41
N ALA E 82 15.58 -27.87 14.01
CA ALA E 82 16.93 -27.77 14.61
C ALA E 82 17.43 -26.33 14.73
N GLY E 83 17.95 -26.03 15.91
CA GLY E 83 18.54 -24.71 16.24
C GLY E 83 17.57 -23.66 16.77
N SER E 84 16.41 -24.13 17.19
CA SER E 84 15.29 -23.25 17.56
C SER E 84 15.16 -23.16 19.04
N ALA E 85 14.83 -21.98 19.49
CA ALA E 85 14.53 -21.77 20.91
C ALA E 85 13.18 -22.39 21.29
N PRO E 86 13.10 -23.01 22.48
CA PRO E 86 11.84 -23.57 22.92
C PRO E 86 10.71 -22.60 22.77
N ALA E 87 9.58 -23.15 22.41
CA ALA E 87 8.40 -22.34 22.14
C ALA E 87 7.14 -23.13 22.37
N ASP E 88 6.08 -22.37 22.57
CA ASP E 88 4.75 -22.90 22.88
C ASP E 88 3.92 -23.04 21.61
N LEU E 89 3.41 -24.26 21.39
CA LEU E 89 2.58 -24.62 20.23
C LEU E 89 1.17 -25.07 20.58
N LYS E 90 0.23 -24.72 19.72
CA LYS E 90 -1.14 -25.21 19.82
C LYS E 90 -1.88 -25.24 18.47
N PHE E 91 -2.92 -26.05 18.46
CA PHE E 91 -3.85 -26.10 17.39
C PHE E 91 -4.98 -25.15 17.69
N THR E 92 -5.34 -24.42 16.65
CA THR E 92 -6.46 -23.46 16.69
C THR E 92 -7.32 -23.67 15.47
N VAL E 93 -8.61 -23.48 15.68
CA VAL E 93 -9.58 -23.47 14.56
C VAL E 93 -10.14 -22.08 14.36
N GLU E 94 -9.88 -21.56 13.19
CA GLU E 94 -10.52 -20.33 12.72
C GLU E 94 -11.85 -20.70 12.13
N ARG E 95 -12.91 -20.15 12.71
CA ARG E 95 -14.28 -20.49 12.33
C ARG E 95 -15.11 -19.27 11.95
N ARG E 96 -15.85 -19.41 10.86
CA ARG E 96 -16.88 -18.41 10.48
C ARG E 96 -18.19 -18.78 11.12
N ASP E 97 -18.65 -17.93 12.03
CA ASP E 97 -19.88 -18.21 12.83
C ASP E 97 -21.15 -18.04 11.99
N GLY E 98 -22.27 -18.16 12.68
CA GLY E 98 -23.62 -18.16 12.06
C GLY E 98 -23.95 -16.92 11.25
N ASN E 99 -23.36 -15.81 11.64
CA ASN E 99 -23.53 -14.51 10.92
C ASN E 99 -22.23 -14.04 10.22
N GLY E 100 -21.34 -14.98 9.92
CA GLY E 100 -20.12 -14.73 9.09
C GLY E 100 -18.94 -14.04 9.77
N ASP E 101 -19.05 -13.87 11.09
CA ASP E 101 -17.99 -13.26 11.89
C ASP E 101 -16.92 -14.30 12.18
N THR E 102 -15.68 -13.87 12.27
CA THR E 102 -14.56 -14.78 12.50
C THR E 102 -14.41 -15.05 13.99
N GLN E 103 -14.45 -16.34 14.31
CA GLN E 103 -14.15 -16.81 15.68
C GLN E 103 -12.89 -17.66 15.73
N TYR E 104 -12.22 -17.56 16.86
CA TYR E 104 -10.97 -18.30 17.10
C TYR E 104 -11.16 -19.29 18.21
N ASP E 105 -11.31 -20.54 17.82
CA ASP E 105 -11.58 -21.65 18.77
C ASP E 105 -10.31 -22.36 19.15
N GLN E 106 -10.13 -22.51 20.44
CA GLN E 106 -8.99 -23.25 20.96
C GLN E 106 -9.32 -24.74 20.92
N VAL E 107 -8.32 -25.53 20.59
CA VAL E 107 -8.45 -26.97 20.45
C VAL E 107 -7.83 -27.64 21.67
N ASN E 108 -6.56 -27.38 21.81
CA ASN E 108 -5.73 -27.85 22.92
C ASN E 108 -5.06 -26.67 23.60
N ALA E 109 -4.68 -26.88 24.83
CA ALA E 109 -3.88 -25.89 25.58
C ALA E 109 -2.44 -25.98 25.11
N ALA E 110 -1.86 -24.81 24.93
CA ALA E 110 -0.48 -24.68 24.44
C ALA E 110 0.51 -25.55 25.24
N GLU E 111 1.45 -26.13 24.53
CA GLU E 111 2.41 -27.06 25.08
C GLU E 111 3.76 -26.52 24.72
N GLN E 112 4.69 -26.60 25.66
CA GLN E 112 6.05 -26.26 25.35
C GLN E 112 6.66 -27.34 24.46
N VAL E 113 7.30 -26.88 23.40
CA VAL E 113 7.94 -27.73 22.43
C VAL E 113 9.36 -27.27 22.22
N THR E 114 10.18 -28.24 21.91
CA THR E 114 11.61 -28.12 21.89
C THR E 114 12.15 -28.70 20.58
N ASP E 115 13.43 -28.47 20.29
CA ASP E 115 14.07 -29.04 19.07
C ASP E 115 14.68 -30.43 19.27
N GLN E 116 14.55 -30.95 20.48
CA GLN E 116 15.22 -32.23 20.89
C GLN E 116 14.33 -33.45 20.85
N LYS E 117 13.03 -33.22 20.87
CA LYS E 117 12.07 -34.25 21.18
C LYS E 117 10.70 -33.96 20.58
N TRP E 118 10.08 -34.99 20.01
CA TRP E 118 8.69 -34.90 19.54
C TRP E 118 7.72 -34.87 20.71
N VAL E 119 6.71 -34.05 20.55
CA VAL E 119 5.67 -33.87 21.57
C VAL E 119 4.30 -34.11 20.95
N LYS E 120 3.46 -34.82 21.67
CA LYS E 120 2.09 -35.03 21.24
C LYS E 120 1.21 -33.87 21.63
N LEU E 121 0.54 -33.30 20.63
CA LEU E 121 -0.53 -32.34 20.84
C LEU E 121 -1.85 -33.02 20.60
N GLN E 122 -2.81 -32.73 21.45
CA GLN E 122 -4.10 -33.43 21.43
C GLN E 122 -5.18 -32.68 22.12
N GLY E 123 -6.34 -32.71 21.50
CA GLY E 123 -7.48 -31.99 21.99
C GLY E 123 -8.75 -32.40 21.29
N GLN E 124 -9.84 -32.17 21.97
CA GLN E 124 -11.15 -32.40 21.42
C GLN E 124 -11.72 -31.10 20.95
N TYR E 125 -12.53 -31.20 19.92
CA TYR E 125 -13.14 -30.04 19.27
C TYR E 125 -14.56 -30.33 18.83
N SER E 126 -15.39 -29.30 18.94
CA SER E 126 -16.74 -29.31 18.37
C SER E 126 -17.21 -27.89 18.17
N TYR E 127 -18.20 -27.72 17.32
CA TYR E 127 -18.82 -26.41 17.13
C TYR E 127 -20.33 -26.54 16.90
N GLU E 128 -21.05 -25.49 17.27
CA GLU E 128 -22.55 -25.45 17.15
C GLU E 128 -23.05 -24.76 15.88
N GLN E 129 -22.40 -23.67 15.54
CA GLN E 129 -22.79 -22.85 14.39
C GLN E 129 -21.55 -22.41 13.57
N GLY E 130 -21.60 -22.67 12.29
CA GLY E 130 -20.55 -22.20 11.39
C GLY E 130 -20.62 -22.70 9.98
N SER E 131 -19.99 -21.93 9.09
CA SER E 131 -19.96 -22.28 7.65
C SER E 131 -18.60 -22.79 7.21
N SER E 132 -17.54 -22.13 7.67
CA SER E 132 -16.17 -22.51 7.26
C SER E 132 -15.32 -22.77 8.48
N LEU E 133 -14.39 -23.71 8.31
CA LEU E 133 -13.46 -24.10 9.36
C LEU E 133 -12.05 -24.26 8.85
N LEU E 134 -11.16 -23.56 9.51
CA LEU E 134 -9.72 -23.63 9.17
C LEU E 134 -8.89 -23.99 10.40
N LEU E 135 -8.26 -25.15 10.33
CA LEU E 135 -7.39 -25.63 11.40
C LEU E 135 -5.99 -25.13 11.13
N TYR E 136 -5.33 -24.62 12.15
CA TYR E 136 -3.91 -24.26 12.00
C TYR E 136 -3.09 -24.52 13.24
N LEU E 137 -1.80 -24.66 13.01
CA LEU E 137 -0.83 -24.91 14.05
C LEU E 137 0.00 -23.65 14.28
N GLU E 138 -0.19 -23.07 15.45
CA GLU E 138 0.33 -21.73 15.82
C GLU E 138 1.30 -21.74 17.01
N SER E 139 2.20 -20.77 17.01
CA SER E 139 3.03 -20.49 18.18
C SER E 139 3.06 -19.05 18.53
N THR E 140 3.10 -18.77 19.83
CA THR E 140 3.20 -17.35 20.34
C THR E 140 4.56 -16.75 19.98
N ASP E 141 5.55 -17.61 19.87
CA ASP E 141 6.85 -17.26 19.27
C ASP E 141 6.64 -17.12 17.75
N ALA E 142 6.67 -15.89 17.29
CA ALA E 142 6.35 -15.56 15.89
C ALA E 142 7.39 -15.97 14.89
N LYS E 143 8.58 -16.28 15.39
CA LYS E 143 9.73 -16.65 14.52
C LYS E 143 9.95 -18.16 14.43
N ALA E 144 9.26 -18.88 15.30
CA ALA E 144 9.51 -20.33 15.49
C ALA E 144 9.21 -21.11 14.23
N ALA E 145 10.05 -22.08 13.97
CA ALA E 145 9.88 -23.00 12.85
C ALA E 145 9.69 -24.42 13.41
N TYR E 146 8.78 -25.17 12.81
CA TYR E 146 8.41 -26.47 13.35
C TYR E 146 7.86 -27.48 12.39
N LEU E 147 7.95 -28.71 12.88
CA LEU E 147 7.54 -29.93 12.16
C LEU E 147 6.26 -30.45 12.75
N LEU E 148 5.50 -31.12 11.90
CA LEU E 148 4.26 -31.82 12.28
C LEU E 148 4.25 -33.18 11.60
N ASP E 149 3.90 -34.21 12.36
CA ASP E 149 3.81 -35.57 11.80
C ASP E 149 2.74 -36.36 12.49
N GLU E 150 2.34 -37.42 11.82
CA GLU E 150 1.28 -38.35 12.31
C GLU E 150 0.08 -37.59 12.83
N PHE E 151 -0.47 -36.78 11.93
CA PHE E 151 -1.58 -35.93 12.27
C PHE E 151 -2.80 -36.76 12.07
N GLN E 152 -3.74 -36.58 12.96
CA GLN E 152 -4.94 -37.38 12.89
C GLN E 152 -6.16 -36.67 13.43
N ILE E 153 -7.28 -36.95 12.81
CA ILE E 153 -8.61 -36.55 13.31
C ILE E 153 -9.53 -37.76 13.39
N ARG E 154 -10.06 -37.95 14.57
CA ARG E 154 -10.93 -39.09 14.89
C ARG E 154 -12.28 -38.57 15.36
N LEU E 155 -13.32 -39.27 14.95
CA LEU E 155 -14.68 -38.95 15.42
C LEU E 155 -14.93 -39.61 16.78
N VAL E 156 -15.21 -38.80 17.77
CA VAL E 156 -15.41 -39.29 19.15
C VAL E 156 -16.88 -39.56 19.39
N LYS E 157 -17.66 -38.57 19.05
CA LYS E 157 -19.10 -38.66 19.22
C LYS E 157 -19.82 -38.04 18.03
N ALA E 158 -20.69 -38.84 17.45
CA ALA E 158 -21.55 -38.40 16.35
C ALA E 158 -22.49 -37.33 16.84
N ALA E 159 -22.99 -36.55 15.91
CA ALA E 159 -23.96 -35.50 16.24
C ALA E 159 -25.28 -36.16 16.63
N PRO E 160 -25.94 -35.70 17.74
CA PRO E 160 -27.27 -36.25 18.09
C PRO E 160 -28.29 -35.95 16.99
N GLU E 161 -29.51 -36.46 17.16
CA GLU E 161 -30.60 -36.28 16.18
C GLU E 161 -31.69 -35.24 16.67
N ASN E 162 -32.47 -35.68 17.67
CA ASN E 162 -33.73 -35.01 18.05
C ASN E 162 -33.60 -34.22 19.38
N ALA F 2 -25.99 -13.95 -11.88
CA ALA F 2 -25.84 -14.02 -13.39
C ALA F 2 -24.47 -14.55 -13.92
N SER F 3 -24.44 -15.90 -14.08
CA SER F 3 -23.27 -16.74 -14.39
C SER F 3 -23.27 -16.90 -15.93
N ALA F 4 -22.06 -17.00 -16.47
CA ALA F 4 -21.82 -16.98 -17.91
C ALA F 4 -21.79 -18.39 -18.57
N ALA F 5 -21.84 -19.52 -17.85
CA ALA F 5 -21.76 -20.81 -18.56
C ALA F 5 -23.06 -21.19 -19.24
N LYS F 6 -22.91 -21.84 -20.37
CA LYS F 6 -24.03 -22.23 -21.22
C LYS F 6 -23.98 -23.74 -21.50
N ALA F 7 -25.11 -24.27 -21.89
CA ALA F 7 -25.25 -25.72 -22.14
C ALA F 7 -24.10 -26.18 -23.04
N GLY F 8 -23.54 -27.32 -22.69
CA GLY F 8 -22.41 -27.95 -23.42
C GLY F 8 -21.03 -27.53 -22.93
N ASP F 9 -20.97 -26.46 -22.12
CA ASP F 9 -19.69 -25.94 -21.61
C ASP F 9 -19.04 -26.85 -20.57
N ILE F 10 -17.75 -26.99 -20.71
CA ILE F 10 -16.95 -27.72 -19.72
C ILE F 10 -16.69 -26.84 -18.46
N LEU F 11 -17.06 -27.36 -17.31
CA LEU F 11 -16.88 -26.67 -16.01
C LEU F 11 -15.58 -27.05 -15.31
N LEU F 12 -15.25 -28.32 -15.46
CA LEU F 12 -14.01 -28.89 -14.95
C LEU F 12 -13.53 -30.04 -15.82
N SER F 13 -12.23 -30.12 -16.01
CA SER F 13 -11.58 -31.25 -16.68
C SER F 13 -10.27 -31.54 -16.00
N HIS F 14 -10.16 -32.76 -15.52
CA HIS F 14 -8.97 -33.22 -14.77
C HIS F 14 -8.41 -34.43 -15.40
N SER F 15 -7.22 -34.29 -15.94
CA SER F 15 -6.43 -35.40 -16.48
C SER F 15 -5.30 -35.91 -15.54
N PHE F 16 -5.04 -35.11 -14.50
CA PHE F 16 -4.00 -35.38 -13.47
C PHE F 16 -2.57 -35.53 -14.04
N GLU F 17 -2.31 -34.84 -15.14
CA GLU F 17 -1.03 -34.99 -15.88
C GLU F 17 0.12 -34.13 -15.32
N GLU F 18 -0.19 -33.21 -14.43
CA GLU F 18 0.81 -32.25 -13.90
C GLU F 18 1.25 -32.50 -12.46
N GLY F 19 1.04 -33.72 -11.98
CA GLY F 19 1.47 -34.11 -10.60
C GLY F 19 0.90 -33.32 -9.41
N THR F 20 -0.20 -32.63 -9.63
CA THR F 20 -1.04 -32.10 -8.55
C THR F 20 -2.35 -32.88 -8.64
N THR F 21 -3.06 -32.96 -7.52
CA THR F 21 -4.40 -33.63 -7.49
C THR F 21 -5.56 -32.75 -7.98
N GLN F 22 -5.24 -31.56 -8.42
CA GLN F 22 -6.21 -30.63 -9.05
C GLN F 22 -7.42 -30.39 -8.19
N GLY F 23 -7.18 -30.35 -6.88
CA GLY F 23 -8.23 -30.05 -5.87
C GLY F 23 -8.77 -31.25 -5.12
N TRP F 24 -8.52 -32.42 -5.65
CA TRP F 24 -8.99 -33.65 -5.00
C TRP F 24 -8.21 -33.88 -3.70
N THR F 25 -8.93 -34.26 -2.65
CA THR F 25 -8.34 -34.60 -1.36
C THR F 25 -9.01 -35.76 -0.66
N ALA F 26 -8.30 -36.23 0.34
CA ALA F 26 -8.73 -37.33 1.16
C ALA F 26 -9.99 -37.00 1.90
N ARG F 27 -10.95 -37.92 1.76
CA ARG F 27 -12.09 -38.06 2.65
C ARG F 27 -11.91 -39.29 3.50
N GLY F 28 -11.75 -39.07 4.79
CA GLY F 28 -11.40 -40.17 5.71
C GLY F 28 -9.87 -40.35 5.73
N GLY F 29 -9.42 -41.38 6.42
CA GLY F 29 -8.01 -41.62 6.75
C GLY F 29 -7.25 -42.23 5.61
N VAL F 30 -7.53 -41.73 4.43
CA VAL F 30 -7.00 -42.30 3.21
C VAL F 30 -5.84 -41.51 2.61
N LYS F 31 -5.20 -42.11 1.65
CA LYS F 31 -4.10 -41.54 0.93
C LYS F 31 -4.50 -41.27 -0.52
N VAL F 32 -4.56 -40.00 -0.87
CA VAL F 32 -4.95 -39.56 -2.22
C VAL F 32 -3.81 -38.82 -2.91
N ASP F 33 -3.29 -39.40 -3.96
CA ASP F 33 -2.19 -38.80 -4.70
C ASP F 33 -2.17 -39.23 -6.15
N VAL F 34 -1.40 -38.50 -6.91
CA VAL F 34 -1.21 -38.78 -8.32
C VAL F 34 -0.20 -39.90 -8.46
N THR F 35 -0.48 -40.79 -9.40
CA THR F 35 0.43 -41.87 -9.78
C THR F 35 0.71 -41.87 -11.29
N ALA F 36 1.90 -42.35 -11.61
CA ALA F 36 2.39 -42.45 -12.99
C ALA F 36 2.52 -43.89 -13.42
N GLU F 37 2.00 -44.75 -12.56
CA GLU F 37 2.08 -46.20 -12.70
C GLU F 37 1.09 -46.74 -13.71
N GLN F 38 -0.09 -46.14 -13.66
CA GLN F 38 -1.21 -46.44 -14.55
C GLN F 38 -2.06 -45.22 -14.87
N ALA F 39 -2.74 -45.30 -16.00
CA ALA F 39 -3.54 -44.19 -16.52
C ALA F 39 -4.51 -44.62 -17.60
N TYR F 40 -5.59 -43.88 -17.74
CA TYR F 40 -6.52 -44.04 -18.88
C TYR F 40 -6.02 -43.28 -20.09
N GLN F 41 -5.74 -42.02 -19.84
CA GLN F 41 -5.18 -41.10 -20.83
C GLN F 41 -3.95 -40.47 -20.23
N GLY F 42 -2.96 -40.29 -21.07
CA GLY F 42 -1.68 -39.71 -20.69
C GLY F 42 -0.88 -40.67 -19.82
N LYS F 43 0.00 -40.08 -19.01
CA LYS F 43 0.92 -40.86 -18.15
C LYS F 43 0.42 -41.09 -16.75
N GLN F 44 -0.56 -40.31 -16.35
CA GLN F 44 -0.93 -40.25 -14.94
C GLN F 44 -2.42 -40.31 -14.66
N SER F 45 -2.70 -40.76 -13.44
CA SER F 45 -4.04 -40.77 -12.90
C SER F 45 -4.05 -40.50 -11.38
N LEU F 46 -5.26 -40.35 -10.86
CA LEU F 46 -5.48 -40.13 -9.46
C LEU F 46 -5.71 -41.46 -8.67
N GLN F 47 -4.80 -41.71 -7.76
CA GLN F 47 -4.82 -42.91 -6.94
C GLN F 47 -5.32 -42.67 -5.52
N THR F 48 -6.15 -43.59 -5.06
CA THR F 48 -6.66 -43.62 -3.69
C THR F 48 -6.39 -44.99 -3.04
N THR F 49 -5.70 -44.94 -1.91
CA THR F 49 -5.38 -46.10 -1.14
C THR F 49 -5.64 -45.87 0.33
N GLY F 50 -5.58 -46.96 1.11
CA GLY F 50 -5.71 -46.88 2.59
C GLY F 50 -7.13 -46.69 3.07
N ARG F 51 -8.08 -47.04 2.21
CA ARG F 51 -9.49 -47.05 2.59
C ARG F 51 -9.74 -48.14 3.63
N THR F 52 -10.57 -47.80 4.60
CA THR F 52 -11.01 -48.70 5.69
C THR F 52 -12.52 -48.67 5.93
N GLU F 53 -13.17 -47.63 5.44
CA GLU F 53 -14.62 -47.46 5.57
C GLU F 53 -15.23 -47.21 4.19
N ALA F 54 -16.44 -47.70 4.01
CA ALA F 54 -17.16 -47.59 2.71
C ALA F 54 -17.27 -46.15 2.20
N TRP F 55 -17.55 -45.24 3.11
CA TRP F 55 -17.68 -43.78 2.79
C TRP F 55 -16.35 -43.05 2.43
N ASN F 56 -15.24 -43.68 2.76
CA ASN F 56 -13.91 -43.14 2.47
C ASN F 56 -13.74 -43.05 0.98
N GLY F 57 -13.01 -42.03 0.56
CA GLY F 57 -12.57 -41.91 -0.85
C GLY F 57 -11.89 -40.58 -1.20
N PRO F 58 -11.53 -40.40 -2.48
CA PRO F 58 -11.08 -39.11 -2.89
C PRO F 58 -12.28 -38.24 -3.06
N SER F 59 -12.10 -36.98 -2.76
CA SER F 59 -13.18 -36.03 -2.73
C SER F 59 -12.78 -34.70 -3.34
N LEU F 60 -13.81 -33.99 -3.78
CA LEU F 60 -13.64 -32.77 -4.53
C LEU F 60 -14.78 -31.86 -4.19
N SER F 61 -14.42 -30.63 -3.85
CA SER F 61 -15.42 -29.62 -3.50
C SER F 61 -16.03 -29.07 -4.78
N LEU F 62 -17.35 -29.06 -4.83
CA LEU F 62 -18.12 -28.58 -6.02
C LEU F 62 -18.86 -27.31 -5.73
N THR F 63 -18.68 -26.78 -4.55
CA THR F 63 -19.41 -25.59 -4.08
C THR F 63 -19.34 -24.43 -5.08
N ASP F 64 -18.13 -24.20 -5.55
CA ASP F 64 -17.85 -23.09 -6.51
C ASP F 64 -18.02 -23.44 -8.02
N VAL F 65 -18.43 -24.67 -8.28
CA VAL F 65 -18.50 -25.23 -9.64
C VAL F 65 -19.91 -25.45 -10.15
N VAL F 66 -20.75 -25.98 -9.28
CA VAL F 66 -22.13 -26.36 -9.58
C VAL F 66 -23.08 -25.49 -8.80
N HIS F 67 -23.96 -24.85 -9.53
CA HIS F 67 -24.94 -23.94 -8.93
C HIS F 67 -26.36 -24.51 -8.85
N LYS F 68 -27.12 -23.82 -8.04
CA LYS F 68 -28.53 -24.13 -7.80
C LYS F 68 -29.27 -24.35 -9.13
N ASN F 69 -29.93 -25.50 -9.22
CA ASN F 69 -30.83 -25.88 -10.39
C ASN F 69 -30.19 -26.12 -11.77
N GLU F 70 -28.88 -25.93 -11.85
CA GLU F 70 -28.13 -26.34 -13.03
C GLU F 70 -28.16 -27.84 -13.08
N VAL F 71 -28.27 -28.36 -14.29
CA VAL F 71 -28.06 -29.79 -14.53
C VAL F 71 -26.68 -29.98 -15.10
N VAL F 72 -25.88 -30.76 -14.41
CA VAL F 72 -24.54 -31.11 -14.87
C VAL F 72 -24.40 -32.59 -15.12
N GLU F 73 -23.39 -32.88 -15.88
CA GLU F 73 -23.00 -34.25 -16.17
C GLU F 73 -21.59 -34.53 -15.60
N ILE F 74 -21.52 -35.46 -14.68
CA ILE F 74 -20.30 -35.85 -14.00
C ILE F 74 -19.83 -37.20 -14.48
N SER F 75 -18.60 -37.22 -14.96
CA SER F 75 -18.04 -38.42 -15.55
C SER F 75 -16.58 -38.60 -15.22
N GLY F 76 -16.16 -39.85 -15.28
CA GLY F 76 -14.76 -40.19 -15.12
C GLY F 76 -14.48 -41.64 -15.38
N TYR F 77 -13.21 -41.94 -15.59
CA TYR F 77 -12.79 -43.31 -15.82
C TYR F 77 -12.14 -43.85 -14.59
N VAL F 78 -12.53 -45.08 -14.22
CA VAL F 78 -12.01 -45.70 -13.01
C VAL F 78 -11.48 -47.11 -13.22
N LYS F 79 -10.61 -47.50 -12.32
CA LYS F 79 -10.01 -48.81 -12.37
C LYS F 79 -9.45 -49.15 -11.03
N LEU F 80 -9.51 -50.42 -10.68
CA LEU F 80 -8.97 -50.86 -9.42
C LEU F 80 -7.49 -50.98 -9.50
N VAL F 81 -6.88 -50.70 -8.36
CA VAL F 81 -5.47 -50.90 -8.16
C VAL F 81 -5.14 -52.37 -8.35
N ALA F 82 -4.00 -52.62 -8.99
CA ALA F 82 -3.50 -54.00 -9.22
C ALA F 82 -3.55 -54.89 -7.95
N GLY F 83 -4.06 -56.10 -8.15
CA GLY F 83 -4.19 -57.11 -7.07
C GLY F 83 -5.45 -56.96 -6.23
N SER F 84 -6.42 -56.23 -6.76
CA SER F 84 -7.66 -55.89 -6.05
C SER F 84 -8.79 -56.78 -6.50
N ALA F 85 -9.56 -57.23 -5.53
CA ALA F 85 -10.78 -57.97 -5.83
C ALA F 85 -11.84 -57.02 -6.43
N PRO F 86 -12.57 -57.51 -7.44
CA PRO F 86 -13.64 -56.70 -7.99
C PRO F 86 -14.51 -56.07 -6.95
N ALA F 87 -14.93 -54.87 -7.25
CA ALA F 87 -15.75 -54.09 -6.36
C ALA F 87 -16.58 -53.04 -7.09
N ASP F 88 -17.62 -52.62 -6.40
CA ASP F 88 -18.64 -51.72 -6.96
C ASP F 88 -18.33 -50.27 -6.58
N LEU F 89 -18.23 -49.42 -7.59
CA LEU F 89 -17.91 -47.98 -7.45
C LEU F 89 -18.97 -47.05 -7.90
N LYS F 90 -19.04 -45.92 -7.23
CA LYS F 90 -19.98 -44.88 -7.57
C LYS F 90 -19.57 -43.48 -7.08
N PHE F 91 -20.07 -42.47 -7.78
CA PHE F 91 -19.96 -41.09 -7.38
C PHE F 91 -21.15 -40.70 -6.52
N THR F 92 -20.85 -39.96 -5.46
CA THR F 92 -21.83 -39.44 -4.50
C THR F 92 -21.51 -38.02 -4.17
N VAL F 93 -22.55 -37.26 -3.99
CA VAL F 93 -22.42 -35.88 -3.53
C VAL F 93 -22.99 -35.72 -2.13
N GLU F 94 -22.11 -35.34 -1.22
CA GLU F 94 -22.49 -34.90 0.12
C GLU F 94 -22.85 -33.45 0.05
N ARG F 95 -24.08 -33.17 0.44
CA ARG F 95 -24.65 -31.81 0.34
C ARG F 95 -25.19 -31.30 1.67
N ARG F 96 -24.89 -30.06 1.97
CA ARG F 96 -25.55 -29.34 3.06
C ARG F 96 -26.80 -28.66 2.55
N ASP F 97 -27.94 -29.15 3.03
CA ASP F 97 -29.26 -28.63 2.56
C ASP F 97 -29.55 -27.20 3.07
N GLY F 98 -30.76 -26.74 2.77
CA GLY F 98 -31.21 -25.36 3.09
C GLY F 98 -31.15 -25.03 4.57
N ASN F 99 -31.24 -26.08 5.37
CA ASN F 99 -31.24 -26.00 6.86
C ASN F 99 -29.87 -26.30 7.56
N GLY F 100 -28.87 -26.61 6.75
CA GLY F 100 -27.54 -27.09 7.22
C GLY F 100 -27.42 -28.57 7.58
N ASP F 101 -28.45 -29.33 7.27
CA ASP F 101 -28.44 -30.79 7.47
C ASP F 101 -27.68 -31.45 6.32
N THR F 102 -27.00 -32.54 6.62
CA THR F 102 -26.25 -33.30 5.62
C THR F 102 -27.15 -34.25 4.82
N GLN F 103 -27.10 -34.08 3.51
CA GLN F 103 -27.78 -35.00 2.55
C GLN F 103 -26.79 -35.73 1.67
N TYR F 104 -27.17 -36.95 1.31
CA TYR F 104 -26.34 -37.82 0.47
C TYR F 104 -27.02 -38.10 -0.87
N ASP F 105 -26.57 -37.38 -1.87
CA ASP F 105 -27.14 -37.47 -3.24
C ASP F 105 -26.39 -38.47 -4.11
N GLN F 106 -27.13 -39.40 -4.70
CA GLN F 106 -26.58 -40.35 -5.64
C GLN F 106 -26.41 -39.65 -6.97
N VAL F 107 -25.35 -40.02 -7.66
CA VAL F 107 -25.00 -39.38 -8.94
C VAL F 107 -25.30 -40.37 -10.06
N ASN F 108 -24.61 -41.50 -9.96
CA ASN F 108 -24.71 -42.61 -10.87
C ASN F 108 -24.92 -43.90 -10.07
N ALA F 109 -25.48 -44.88 -10.74
CA ALA F 109 -25.69 -46.20 -10.15
C ALA F 109 -24.37 -46.95 -10.15
N ALA F 110 -24.13 -47.64 -9.07
CA ALA F 110 -22.90 -48.38 -8.85
C ALA F 110 -22.58 -49.32 -10.01
N GLU F 111 -21.31 -49.38 -10.35
CA GLU F 111 -20.82 -50.16 -11.49
C GLU F 111 -19.78 -51.10 -10.93
N GLN F 112 -19.79 -52.33 -11.40
CA GLN F 112 -18.71 -53.23 -11.06
C GLN F 112 -17.42 -52.82 -11.79
N VAL F 113 -16.38 -52.73 -11.00
CA VAL F 113 -15.07 -52.32 -11.48
C VAL F 113 -14.07 -53.38 -11.06
N THR F 114 -13.10 -53.52 -11.92
CA THR F 114 -12.12 -54.59 -11.88
C THR F 114 -10.70 -53.97 -11.93
N ASP F 115 -9.68 -54.78 -11.67
CA ASP F 115 -8.27 -54.33 -11.80
C ASP F 115 -7.69 -54.48 -13.22
N GLN F 116 -8.49 -54.98 -14.14
CA GLN F 116 -8.03 -55.37 -15.50
C GLN F 116 -8.34 -54.34 -16.58
N LYS F 117 -9.30 -53.49 -16.29
CA LYS F 117 -9.92 -52.67 -17.32
C LYS F 117 -10.52 -51.39 -16.77
N TRP F 118 -10.31 -50.30 -17.48
CA TRP F 118 -10.90 -48.99 -17.13
C TRP F 118 -12.36 -48.98 -17.50
N VAL F 119 -13.12 -48.35 -16.63
CA VAL F 119 -14.57 -48.29 -16.75
C VAL F 119 -15.03 -46.87 -16.63
N LYS F 120 -15.96 -46.49 -17.49
CA LYS F 120 -16.52 -45.16 -17.45
C LYS F 120 -17.66 -45.09 -16.47
N LEU F 121 -17.56 -44.16 -15.54
CA LEU F 121 -18.64 -43.81 -14.63
C LEU F 121 -19.21 -42.51 -15.06
N GLN F 122 -20.52 -42.42 -15.02
CA GLN F 122 -21.21 -41.25 -15.55
C GLN F 122 -22.59 -41.11 -14.98
N GLY F 123 -22.94 -39.87 -14.74
CA GLY F 123 -24.24 -39.56 -14.20
C GLY F 123 -24.53 -38.08 -14.23
N GLN F 124 -25.80 -37.76 -14.19
CA GLN F 124 -26.26 -36.39 -14.19
C GLN F 124 -26.65 -36.06 -12.79
N TYR F 125 -26.49 -34.79 -12.50
CA TYR F 125 -26.68 -34.27 -11.18
C TYR F 125 -27.25 -32.87 -11.20
N SER F 126 -28.09 -32.61 -10.21
CA SER F 126 -28.56 -31.26 -9.93
C SER F 126 -29.06 -31.19 -8.50
N TYR F 127 -29.13 -29.98 -7.98
CA TYR F 127 -29.71 -29.77 -6.65
C TYR F 127 -30.54 -28.49 -6.63
N GLU F 128 -31.55 -28.49 -5.76
CA GLU F 128 -32.46 -27.33 -5.60
C GLU F 128 -32.00 -26.38 -4.49
N GLN F 129 -31.57 -26.96 -3.40
CA GLN F 129 -31.23 -26.22 -2.18
C GLN F 129 -29.96 -26.71 -1.53
N GLY F 130 -29.04 -25.79 -1.29
CA GLY F 130 -27.81 -26.14 -0.60
C GLY F 130 -26.74 -25.07 -0.58
N SER F 131 -25.87 -25.18 0.42
CA SER F 131 -24.78 -24.19 0.63
C SER F 131 -23.39 -24.76 0.27
N SER F 132 -23.16 -26.02 0.64
CA SER F 132 -21.88 -26.69 0.33
C SER F 132 -22.12 -28.00 -0.40
N LEU F 133 -21.16 -28.34 -1.25
CA LEU F 133 -21.21 -29.58 -2.04
C LEU F 133 -19.86 -30.26 -2.05
N LEU F 134 -19.90 -31.53 -1.70
CA LEU F 134 -18.71 -32.36 -1.72
C LEU F 134 -18.94 -33.64 -2.54
N LEU F 135 -18.24 -33.71 -3.64
CA LEU F 135 -18.28 -34.90 -4.50
C LEU F 135 -17.25 -35.89 -3.99
N TYR F 136 -17.63 -37.15 -3.95
CA TYR F 136 -16.67 -38.22 -3.65
C TYR F 136 -16.93 -39.51 -4.42
N LEU F 137 -15.86 -40.26 -4.57
CA LEU F 137 -15.87 -41.54 -5.24
C LEU F 137 -15.74 -42.69 -4.22
N GLU F 138 -16.81 -43.46 -4.15
CA GLU F 138 -17.11 -44.42 -3.07
C GLU F 138 -17.23 -45.86 -3.54
N SER F 139 -16.90 -46.78 -2.68
CA SER F 139 -17.19 -48.21 -2.89
C SER F 139 -17.79 -48.85 -1.66
N THR F 140 -18.73 -49.77 -1.89
CA THR F 140 -19.32 -50.57 -0.79
C THR F 140 -18.26 -51.50 -0.19
N ASP F 141 -17.31 -51.92 -1.01
CA ASP F 141 -16.09 -52.63 -0.53
C ASP F 141 -15.21 -51.59 0.18
N ALA F 142 -15.20 -51.66 1.50
CA ALA F 142 -14.54 -50.65 2.36
C ALA F 142 -13.01 -50.69 2.30
N LYS F 143 -12.49 -51.76 1.75
CA LYS F 143 -11.04 -51.97 1.62
C LYS F 143 -10.46 -51.66 0.25
N ALA F 144 -11.34 -51.48 -0.71
CA ALA F 144 -10.95 -51.36 -2.11
C ALA F 144 -10.09 -50.12 -2.36
N ALA F 145 -9.11 -50.27 -3.24
CA ALA F 145 -8.26 -49.20 -3.67
C ALA F 145 -8.42 -49.01 -5.16
N TYR F 146 -8.48 -47.75 -5.56
CA TYR F 146 -8.80 -47.44 -6.96
C TYR F 146 -8.25 -46.12 -7.54
N LEU F 147 -8.20 -46.13 -8.85
CA LEU F 147 -7.72 -45.04 -9.67
C LEU F 147 -8.88 -44.32 -10.31
N LEU F 148 -8.64 -43.05 -10.57
CA LEU F 148 -9.56 -42.17 -11.28
C LEU F 148 -8.78 -41.35 -12.27
N ASP F 149 -9.32 -41.23 -13.46
CA ASP F 149 -8.68 -40.46 -14.53
C ASP F 149 -9.70 -39.87 -15.46
N GLU F 150 -9.26 -38.88 -16.21
CA GLU F 150 -10.11 -38.15 -17.18
C GLU F 150 -11.44 -37.85 -16.58
N PHE F 151 -11.37 -37.16 -15.47
CA PHE F 151 -12.54 -36.73 -14.76
C PHE F 151 -13.04 -35.46 -15.40
N GLN F 152 -14.35 -35.37 -15.50
CA GLN F 152 -14.94 -34.24 -16.18
C GLN F 152 -16.32 -33.89 -15.65
N ILE F 153 -16.56 -32.59 -15.64
CA ILE F 153 -17.89 -32.04 -15.35
C ILE F 153 -18.30 -31.08 -16.47
N ARG F 154 -19.44 -31.40 -17.05
CA ARG F 154 -20.01 -30.65 -18.17
C ARG F 154 -21.36 -30.08 -17.74
N LEU F 155 -21.63 -28.86 -18.19
CA LEU F 155 -22.95 -28.26 -18.01
C LEU F 155 -23.93 -28.77 -19.10
N VAL F 156 -25.01 -29.41 -18.66
CA VAL F 156 -26.02 -29.97 -19.58
C VAL F 156 -27.12 -28.96 -19.84
N LYS F 157 -27.61 -28.42 -18.76
CA LYS F 157 -28.69 -27.44 -18.82
C LYS F 157 -28.49 -26.35 -17.78
N ALA F 158 -28.52 -25.13 -18.29
CA ALA F 158 -28.38 -23.93 -17.44
C ALA F 158 -29.59 -23.83 -16.54
N ALA F 159 -29.41 -23.09 -15.46
CA ALA F 159 -30.52 -22.88 -14.53
C ALA F 159 -31.53 -21.93 -15.19
N PRO F 160 -32.84 -22.23 -15.13
CA PRO F 160 -33.87 -21.25 -15.58
C PRO F 160 -33.84 -19.95 -14.72
N GLU F 161 -34.77 -19.02 -14.94
CA GLU F 161 -35.10 -17.98 -13.88
C GLU F 161 -36.60 -17.82 -13.57
N ASN F 162 -36.98 -18.13 -12.30
CA ASN F 162 -38.40 -18.31 -11.86
C ASN F 162 -38.81 -17.50 -10.60
N PRO F 163 -40.15 -17.39 -10.34
CA PRO F 163 -40.66 -16.66 -9.12
C PRO F 163 -40.20 -17.27 -7.80
N GLY F 164 -39.91 -16.43 -6.81
CA GLY F 164 -39.54 -16.90 -5.44
C GLY F 164 -39.87 -15.86 -4.36
N GLN F 171 -49.03 -22.03 -11.93
CA GLN F 171 -49.19 -21.75 -13.35
C GLN F 171 -50.23 -20.59 -13.59
N ALA F 172 -50.82 -20.52 -14.79
CA ALA F 172 -51.61 -19.33 -15.11
C ALA F 172 -52.31 -19.60 -16.42
N LEU F 173 -53.63 -19.42 -16.48
CA LEU F 173 -54.36 -19.81 -17.71
C LEU F 173 -54.17 -18.77 -18.82
N PHE F 174 -54.10 -17.52 -18.39
CA PHE F 174 -53.93 -16.39 -19.29
C PHE F 174 -53.10 -15.30 -18.62
N LYS F 175 -52.19 -14.72 -19.39
CA LYS F 175 -51.33 -13.66 -18.88
C LYS F 175 -50.97 -12.67 -19.98
N ALA F 176 -50.96 -11.40 -19.59
CA ALA F 176 -50.57 -10.33 -20.49
C ALA F 176 -49.91 -9.23 -19.67
N ASP F 177 -48.62 -9.09 -19.94
CA ASP F 177 -47.76 -8.07 -19.30
C ASP F 177 -47.30 -6.99 -20.29
N PHE F 178 -47.46 -7.27 -21.59
CA PHE F 178 -47.14 -6.33 -22.71
C PHE F 178 -45.66 -5.99 -22.88
N GLU F 179 -44.78 -6.71 -22.18
CA GLU F 179 -43.31 -6.41 -22.18
C GLU F 179 -42.62 -6.75 -23.52
N ASP F 180 -43.15 -7.76 -24.19
CA ASP F 180 -42.73 -8.07 -25.59
C ASP F 180 -43.13 -7.01 -26.67
N GLY F 181 -43.81 -5.96 -26.26
CA GLY F 181 -44.29 -4.89 -27.18
C GLY F 181 -45.50 -5.22 -28.07
N ASN F 182 -46.09 -6.40 -27.85
CA ASN F 182 -47.15 -6.94 -28.74
C ASN F 182 -48.55 -6.78 -28.20
N ILE F 183 -49.39 -6.22 -29.07
CA ILE F 183 -50.82 -6.04 -28.81
C ILE F 183 -51.56 -7.38 -28.76
N GLY F 184 -51.02 -8.37 -29.45
CA GLY F 184 -51.65 -9.70 -29.50
C GLY F 184 -53.06 -9.63 -30.06
N ASN F 185 -54.00 -10.23 -29.34
CA ASN F 185 -55.42 -10.32 -29.78
C ASN F 185 -56.33 -9.27 -29.19
N TRP F 186 -55.72 -8.35 -28.47
CA TRP F 186 -56.47 -7.25 -27.87
C TRP F 186 -57.02 -6.38 -29.00
N ARG F 187 -58.22 -5.89 -28.78
CA ARG F 187 -58.91 -5.07 -29.75
C ARG F 187 -59.77 -4.01 -29.10
N ALA F 188 -60.00 -2.97 -29.88
CA ALA F 188 -60.97 -1.96 -29.55
C ALA F 188 -62.39 -2.52 -29.60
N ARG F 189 -63.29 -1.89 -28.84
CA ARG F 189 -64.73 -2.17 -28.94
C ARG F 189 -65.55 -1.35 -29.97
N GLY F 190 -65.08 -0.14 -30.21
CA GLY F 190 -65.66 0.74 -31.21
C GLY F 190 -64.57 1.44 -32.01
N THR F 191 -64.57 2.77 -31.96
CA THR F 191 -63.65 3.59 -32.79
C THR F 191 -62.42 4.07 -32.06
N GLU F 192 -62.28 3.66 -30.81
CA GLU F 192 -61.13 4.05 -29.98
C GLU F 192 -59.84 3.37 -30.46
N LYS F 193 -58.73 3.84 -29.92
CA LYS F 193 -57.38 3.45 -30.33
C LYS F 193 -56.61 2.70 -29.26
N LEU F 194 -56.07 1.55 -29.64
CA LEU F 194 -55.23 0.74 -28.74
C LEU F 194 -53.77 0.79 -29.14
N GLU F 195 -52.93 0.88 -28.13
CA GLU F 195 -51.49 1.01 -28.35
C GLU F 195 -50.70 0.44 -27.17
N VAL F 196 -49.65 -0.33 -27.47
CA VAL F 196 -48.73 -0.77 -26.43
C VAL F 196 -47.67 0.29 -26.28
N VAL F 197 -47.68 0.95 -25.14
CA VAL F 197 -46.72 2.04 -24.90
C VAL F 197 -45.52 1.50 -24.15
N SER F 198 -44.39 2.19 -24.32
CA SER F 198 -43.19 1.94 -23.54
C SER F 198 -42.83 3.20 -22.75
N GLY F 199 -42.31 2.96 -21.56
CA GLY F 199 -42.04 4.04 -20.58
C GLY F 199 -43.16 4.24 -19.56
N ILE F 200 -44.23 3.47 -19.71
CA ILE F 200 -45.35 3.44 -18.75
C ILE F 200 -45.82 2.01 -18.53
N GLY F 201 -45.96 1.66 -17.26
CA GLY F 201 -46.37 0.32 -16.87
C GLY F 201 -46.44 0.14 -15.37
N HIS F 202 -47.06 -0.97 -14.98
CA HIS F 202 -47.19 -1.37 -13.57
C HIS F 202 -45.98 -2.19 -13.15
N ASN F 203 -45.11 -1.53 -12.37
CA ASN F 203 -43.79 -2.10 -11.96
C ASN F 203 -43.08 -2.73 -13.18
N SER F 204 -43.07 -1.95 -14.26
CA SER F 204 -42.65 -2.43 -15.56
C SER F 204 -42.62 -1.32 -16.56
N ASN F 205 -42.00 -1.61 -17.70
CA ASN F 205 -41.79 -0.63 -18.77
C ASN F 205 -43.02 -0.41 -19.71
N ARG F 206 -43.82 -1.45 -19.90
CA ARG F 206 -44.91 -1.43 -20.89
C ARG F 206 -46.27 -1.83 -20.40
N SER F 207 -47.25 -1.25 -21.07
CA SER F 207 -48.66 -1.42 -20.78
C SER F 207 -49.51 -1.10 -21.99
N LEU F 208 -50.78 -1.45 -21.88
CA LEU F 208 -51.74 -1.28 -22.95
C LEU F 208 -52.59 -0.02 -22.74
N LYS F 209 -52.34 0.94 -23.60
CA LYS F 209 -53.04 2.24 -23.58
C LYS F 209 -54.23 2.30 -24.52
N THR F 210 -55.36 2.71 -23.96
CA THR F 210 -56.58 2.99 -24.73
C THR F 210 -56.83 4.51 -24.74
N SER F 211 -56.87 5.07 -25.93
CA SER F 211 -57.06 6.51 -26.11
C SER F 211 -58.06 6.77 -27.26
N SER F 212 -58.26 8.05 -27.61
CA SER F 212 -59.32 8.47 -28.57
C SER F 212 -60.68 7.86 -28.20
N ARG F 213 -60.96 7.78 -26.92
CA ARG F 213 -62.25 7.30 -26.44
C ARG F 213 -63.23 8.44 -26.61
N SER F 214 -64.41 8.09 -27.10
CA SER F 214 -65.57 9.02 -27.28
C SER F 214 -66.86 8.47 -26.73
N GLU F 215 -66.81 7.30 -26.14
CA GLU F 215 -67.97 6.66 -25.50
C GLU F 215 -67.49 5.94 -24.25
N THR F 216 -68.38 5.72 -23.30
CA THR F 216 -67.97 5.11 -22.01
C THR F 216 -67.58 3.64 -22.14
N TYR F 217 -68.29 2.97 -23.04
CA TYR F 217 -68.08 1.53 -23.37
C TYR F 217 -66.79 1.24 -24.13
N HIS F 218 -66.15 2.30 -24.62
CA HIS F 218 -64.82 2.19 -25.24
C HIS F 218 -63.76 1.78 -24.26
N GLY F 219 -63.03 0.75 -24.64
CA GLY F 219 -61.94 0.23 -23.83
C GLY F 219 -61.35 -1.04 -24.41
N PRO F 220 -60.29 -1.59 -23.76
CA PRO F 220 -59.56 -2.69 -24.38
C PRO F 220 -60.24 -3.98 -24.05
N LEU F 221 -60.28 -4.84 -25.06
CA LEU F 221 -61.03 -6.09 -24.99
C LEU F 221 -60.18 -7.21 -25.55
N VAL F 222 -60.33 -8.37 -24.92
CA VAL F 222 -59.68 -9.58 -25.42
C VAL F 222 -60.50 -10.83 -25.18
N GLU F 223 -60.53 -11.66 -26.22
CA GLU F 223 -61.16 -12.98 -26.17
C GLU F 223 -60.31 -13.90 -25.30
N VAL F 224 -60.97 -14.51 -24.31
CA VAL F 224 -60.30 -15.46 -23.36
C VAL F 224 -60.92 -16.86 -23.22
N LEU F 225 -62.03 -17.12 -23.89
CA LEU F 225 -62.71 -18.43 -23.76
C LEU F 225 -61.78 -19.63 -24.03
N PRO F 226 -60.99 -19.59 -25.13
CA PRO F 226 -60.05 -20.67 -25.50
C PRO F 226 -59.11 -21.12 -24.42
N TYR F 227 -58.74 -20.19 -23.54
CA TYR F 227 -57.78 -20.47 -22.45
C TYR F 227 -58.37 -21.14 -21.23
N LEU F 228 -59.67 -21.39 -21.26
CA LEU F 228 -60.44 -21.74 -20.07
C LEU F 228 -61.29 -23.00 -20.14
N GLN F 229 -61.44 -23.62 -18.98
CA GLN F 229 -62.39 -24.72 -18.77
C GLN F 229 -63.79 -24.16 -18.65
N LYS F 230 -64.64 -24.51 -19.61
CA LYS F 230 -66.08 -24.21 -19.48
C LYS F 230 -66.66 -24.85 -18.20
N GLY F 231 -67.49 -24.08 -17.50
CA GLY F 231 -68.06 -24.49 -16.19
C GLY F 231 -67.21 -24.17 -14.97
N SER F 232 -65.91 -23.94 -15.18
CA SER F 232 -64.97 -23.71 -14.07
C SER F 232 -65.17 -22.36 -13.40
N THR F 233 -64.56 -22.25 -12.23
CA THR F 233 -64.49 -20.97 -11.52
C THR F 233 -63.03 -20.51 -11.56
N VAL F 234 -62.87 -19.30 -12.07
CA VAL F 234 -61.54 -18.67 -12.24
C VAL F 234 -61.46 -17.24 -11.67
N HIS F 235 -60.22 -16.83 -11.43
CA HIS F 235 -59.93 -15.51 -10.85
C HIS F 235 -59.37 -14.60 -11.94
N ILE F 236 -60.11 -13.54 -12.25
CA ILE F 236 -59.67 -12.54 -13.23
C ILE F 236 -59.10 -11.36 -12.49
N SER F 237 -57.92 -10.95 -12.91
CA SER F 237 -57.28 -9.76 -12.32
C SER F 237 -56.58 -8.92 -13.38
N PHE F 238 -56.61 -7.62 -13.18
CA PHE F 238 -55.74 -6.73 -13.95
C PHE F 238 -55.50 -5.42 -13.20
N TRP F 239 -54.48 -4.72 -13.66
CA TRP F 239 -54.09 -3.44 -13.12
C TRP F 239 -54.42 -2.34 -14.12
N ALA F 240 -54.90 -1.24 -13.58
CA ALA F 240 -55.28 -0.09 -14.38
C ALA F 240 -54.74 1.19 -13.80
N MET F 241 -54.59 2.16 -14.68
CA MET F 241 -54.09 3.47 -14.29
C MET F 241 -54.54 4.50 -15.31
N TYR F 242 -54.83 5.70 -14.84
CA TYR F 242 -55.04 6.85 -15.71
C TYR F 242 -54.18 8.01 -15.20
N ASP F 243 -53.74 8.84 -16.15
CA ASP F 243 -52.70 9.89 -15.89
C ASP F 243 -53.11 11.34 -16.17
N GLU F 244 -54.35 11.55 -16.61
CA GLU F 244 -54.87 12.91 -16.91
C GLU F 244 -56.35 13.11 -16.53
N GLY F 245 -56.75 14.37 -16.41
CA GLY F 245 -58.15 14.74 -16.12
C GLY F 245 -58.45 14.82 -14.64
N PRO F 246 -59.58 14.23 -14.18
CA PRO F 246 -59.99 14.44 -12.80
C PRO F 246 -59.09 13.81 -11.75
N ALA F 247 -59.35 14.19 -10.50
CA ALA F 247 -58.62 13.67 -9.33
C ALA F 247 -58.89 12.18 -9.10
N THR F 248 -60.14 11.79 -9.32
CA THR F 248 -60.58 10.38 -9.25
C THR F 248 -61.39 9.94 -10.47
N GLN F 249 -61.31 8.66 -10.77
CA GLN F 249 -62.14 8.02 -11.81
C GLN F 249 -62.39 6.55 -11.54
N VAL F 250 -63.61 6.12 -11.86
CA VAL F 250 -64.00 4.72 -11.77
C VAL F 250 -63.67 4.01 -13.08
N ILE F 251 -63.08 2.83 -12.93
CA ILE F 251 -62.83 1.89 -14.03
C ILE F 251 -63.57 0.61 -13.68
N ASN F 252 -64.17 0.03 -14.70
CA ASN F 252 -64.84 -1.27 -14.57
C ASN F 252 -64.10 -2.35 -15.32
N GLY F 253 -64.18 -3.55 -14.77
CA GLY F 253 -63.72 -4.77 -15.42
C GLY F 253 -64.99 -5.58 -15.70
N SER F 254 -65.21 -5.86 -16.98
CA SER F 254 -66.42 -6.56 -17.41
C SER F 254 -66.13 -7.75 -18.32
N LEU F 255 -67.18 -8.54 -18.51
CA LEU F 255 -67.19 -9.67 -19.42
C LEU F 255 -68.25 -9.48 -20.48
N GLU F 256 -67.86 -9.68 -21.73
CA GLU F 256 -68.77 -9.77 -22.87
C GLU F 256 -68.90 -11.26 -23.25
N LYS F 257 -70.14 -11.72 -23.29
CA LYS F 257 -70.46 -13.13 -23.58
C LYS F 257 -71.21 -13.32 -24.91
N GLU F 258 -70.82 -14.38 -25.63
CA GLU F 258 -71.45 -14.80 -26.89
C GLU F 258 -71.90 -16.25 -26.79
N PHE F 259 -73.16 -16.46 -27.12
CA PHE F 259 -73.79 -17.79 -27.10
C PHE F 259 -74.17 -18.27 -28.51
N ASN F 260 -73.79 -19.52 -28.83
CA ASN F 260 -74.15 -20.24 -30.10
C ASN F 260 -73.78 -19.46 -31.35
N ARG F 261 -72.64 -18.82 -31.30
CA ARG F 261 -72.17 -17.92 -32.38
C ARG F 261 -73.17 -16.82 -32.77
N ASP F 262 -74.04 -16.46 -31.84
CA ASP F 262 -75.04 -15.40 -32.06
C ASP F 262 -74.44 -14.03 -31.73
N THR F 263 -73.89 -13.38 -32.76
CA THR F 263 -73.17 -12.09 -32.62
C THR F 263 -74.10 -10.91 -32.34
N ALA F 264 -75.37 -11.07 -32.69
CA ALA F 264 -76.36 -10.01 -32.53
C ALA F 264 -76.95 -9.90 -31.12
N ASN F 265 -76.76 -10.91 -30.28
CA ASN F 265 -77.42 -10.95 -28.95
C ASN F 265 -76.40 -11.25 -27.85
N LEU F 266 -75.51 -10.31 -27.61
CA LEU F 266 -74.47 -10.49 -26.59
C LEU F 266 -75.00 -10.24 -25.19
N GLU F 267 -74.35 -10.83 -24.21
CA GLU F 267 -74.62 -10.53 -22.79
C GLU F 267 -73.41 -9.87 -22.17
N TYR F 268 -73.68 -8.92 -21.30
CA TYR F 268 -72.63 -8.16 -20.63
C TYR F 268 -72.78 -8.30 -19.14
N ALA F 269 -71.64 -8.42 -18.46
CA ALA F 269 -71.61 -8.59 -17.00
C ALA F 269 -70.38 -7.94 -16.41
N MET F 270 -70.62 -7.02 -15.49
CA MET F 270 -69.54 -6.40 -14.72
C MET F 270 -69.09 -7.39 -13.64
N PHE F 271 -67.78 -7.56 -13.50
CA PHE F 271 -67.22 -8.45 -12.43
C PHE F 271 -66.53 -7.69 -11.28
N ALA F 272 -66.04 -6.51 -11.58
CA ALA F 272 -65.44 -5.63 -10.57
C ALA F 272 -65.38 -4.18 -11.03
N SER F 273 -65.31 -3.29 -10.06
CA SER F 273 -64.98 -1.87 -10.29
C SER F 273 -64.27 -1.29 -9.08
N THR F 274 -63.42 -0.29 -9.33
CA THR F 274 -62.80 0.51 -8.27
C THR F 274 -62.67 1.93 -8.71
N THR F 275 -62.50 2.79 -7.70
CA THR F 275 -62.18 4.19 -7.89
C THR F 275 -60.65 4.33 -7.90
N LEU F 276 -60.13 5.00 -8.90
CA LEU F 276 -58.68 5.19 -9.03
C LEU F 276 -58.32 6.63 -8.76
N ASN F 277 -57.15 6.82 -8.16
CA ASN F 277 -56.55 8.15 -8.05
C ASN F 277 -55.64 8.41 -9.25
N LYS F 278 -55.74 9.62 -9.78
CA LYS F 278 -54.89 10.02 -10.90
C LYS F 278 -53.45 9.66 -10.62
N GLY F 279 -52.81 9.06 -11.61
CA GLY F 279 -51.40 8.65 -11.55
C GLY F 279 -51.09 7.37 -10.78
N GLN F 280 -52.09 6.80 -10.13
CA GLN F 280 -51.88 5.59 -9.33
C GLN F 280 -52.46 4.33 -9.99
N TRP F 281 -51.67 3.27 -9.91
CA TRP F 281 -52.08 1.93 -10.35
C TRP F 281 -52.92 1.25 -9.26
N LYS F 282 -53.95 0.54 -9.71
CA LYS F 282 -54.87 -0.14 -8.81
C LYS F 282 -55.40 -1.42 -9.41
N LYS F 283 -55.54 -2.40 -8.55
CA LYS F 283 -55.92 -3.75 -8.96
C LYS F 283 -57.44 -3.88 -9.06
N ILE F 284 -57.87 -4.45 -10.17
CA ILE F 284 -59.29 -4.74 -10.42
C ILE F 284 -59.44 -6.22 -10.61
N GLU F 285 -60.23 -6.84 -9.73
CA GLU F 285 -60.24 -8.29 -9.66
C GLU F 285 -61.54 -8.85 -9.13
N ALA F 286 -61.76 -10.11 -9.49
CA ALA F 286 -62.90 -10.90 -9.02
C ALA F 286 -62.79 -12.35 -9.46
N ASP F 287 -63.56 -13.18 -8.76
CA ASP F 287 -63.82 -14.55 -9.20
C ASP F 287 -65.03 -14.52 -10.13
N ILE F 288 -64.96 -15.31 -11.19
CA ILE F 288 -66.09 -15.43 -12.12
C ILE F 288 -66.32 -16.88 -12.45
N ILE F 289 -67.53 -17.18 -12.88
CA ILE F 289 -67.91 -18.53 -13.30
C ILE F 289 -67.94 -18.56 -14.83
N VAL F 290 -67.06 -19.35 -15.41
CA VAL F 290 -67.06 -19.58 -16.87
C VAL F 290 -68.33 -20.35 -17.20
N PRO F 291 -69.13 -19.85 -18.16
CA PRO F 291 -70.38 -20.57 -18.41
C PRO F 291 -70.15 -21.99 -18.90
N ALA F 292 -71.08 -22.86 -18.51
CA ALA F 292 -71.01 -24.29 -18.83
C ALA F 292 -71.22 -24.52 -20.32
N GLU F 293 -70.76 -25.68 -20.80
CA GLU F 293 -70.85 -26.04 -22.24
C GLU F 293 -72.30 -26.12 -22.72
N SER F 294 -73.13 -26.71 -21.86
CA SER F 294 -74.61 -26.77 -22.06
C SER F 294 -75.29 -25.45 -22.48
N THR F 295 -74.76 -24.33 -21.99
CA THR F 295 -75.20 -22.95 -22.37
C THR F 295 -75.02 -22.62 -23.86
N GLY F 296 -74.12 -23.36 -24.52
CA GLY F 296 -73.77 -23.11 -25.93
C GLY F 296 -72.81 -21.94 -26.11
N ILE F 297 -72.08 -21.64 -25.04
CA ILE F 297 -71.16 -20.49 -25.03
C ILE F 297 -70.03 -20.66 -26.06
N SER F 298 -69.91 -19.65 -26.92
CA SER F 298 -68.92 -19.61 -28.05
C SER F 298 -67.91 -18.44 -28.01
N GLY F 299 -68.17 -17.50 -27.12
CA GLY F 299 -67.28 -16.33 -26.91
C GLY F 299 -67.35 -15.78 -25.50
N LEU F 300 -66.18 -15.45 -24.96
CA LEU F 300 -66.05 -14.87 -23.61
C LEU F 300 -64.85 -13.95 -23.59
N ARG F 301 -65.15 -12.67 -23.45
CA ARG F 301 -64.15 -11.63 -23.61
C ARG F 301 -64.14 -10.68 -22.44
N MET F 302 -62.97 -10.47 -21.87
CA MET F 302 -62.86 -9.51 -20.77
C MET F 302 -62.52 -8.16 -21.35
N TYR F 303 -63.03 -7.14 -20.69
CA TYR F 303 -62.72 -5.77 -21.07
C TYR F 303 -62.80 -4.80 -19.91
N ALA F 304 -62.26 -3.62 -20.16
CA ALA F 304 -62.32 -2.51 -19.23
C ALA F 304 -63.12 -1.36 -19.85
N GLU F 305 -63.86 -0.67 -19.01
CA GLU F 305 -64.67 0.48 -19.44
C GLU F 305 -64.81 1.50 -18.29
N THR F 306 -65.32 2.67 -18.61
CA THR F 306 -65.84 3.61 -17.58
C THR F 306 -67.37 3.44 -17.44
N PRO F 307 -67.95 3.87 -16.31
CA PRO F 307 -69.35 3.55 -16.08
C PRO F 307 -70.26 4.11 -17.13
N TRP F 308 -71.28 3.33 -17.46
CA TRP F 308 -72.12 3.57 -18.62
C TRP F 308 -72.91 4.90 -18.48
N LYS F 309 -72.87 5.70 -19.54
CA LYS F 309 -73.81 6.80 -19.80
C LYS F 309 -74.19 6.81 -21.26
N GLN F 310 -75.36 7.37 -21.56
CA GLN F 310 -75.78 7.52 -22.95
C GLN F 310 -74.95 8.62 -23.63
N SER F 311 -74.79 8.51 -24.94
CA SER F 311 -73.95 9.45 -25.75
C SER F 311 -74.16 10.92 -25.46
N SER F 312 -75.43 11.31 -25.39
CA SER F 312 -75.82 12.73 -25.08
C SER F 312 -75.23 13.27 -23.75
N GLU F 313 -75.13 12.41 -22.73
CA GLU F 313 -74.59 12.76 -21.39
C GLU F 313 -73.06 12.57 -21.22
N VAL F 314 -72.38 12.22 -22.29
CA VAL F 314 -70.95 11.87 -22.24
C VAL F 314 -70.04 13.10 -22.18
N THR F 315 -69.26 13.19 -21.11
CA THR F 315 -68.35 14.36 -20.87
C THR F 315 -66.89 13.98 -21.05
N GLU F 316 -66.05 15.02 -21.08
CA GLU F 316 -64.59 14.89 -21.18
C GLU F 316 -63.94 13.94 -20.18
N THR F 317 -64.53 13.90 -18.98
CA THR F 317 -64.00 13.10 -17.86
C THR F 317 -64.33 11.60 -18.00
N ASP F 318 -65.47 11.30 -18.62
CA ASP F 318 -65.88 9.91 -18.93
C ASP F 318 -64.97 9.22 -19.96
N THR F 319 -64.48 10.03 -20.90
CA THR F 319 -63.69 9.56 -22.04
C THR F 319 -62.16 9.62 -21.86
N ILE F 320 -61.71 9.64 -20.60
CA ILE F 320 -60.26 9.74 -20.33
C ILE F 320 -59.53 8.53 -20.88
N PRO F 321 -58.32 8.74 -21.43
CA PRO F 321 -57.55 7.57 -21.78
C PRO F 321 -57.04 6.89 -20.52
N PHE F 322 -56.87 5.58 -20.62
CA PHE F 322 -56.32 4.80 -19.52
C PHE F 322 -55.49 3.60 -19.98
N TYR F 323 -54.69 3.13 -19.04
CA TYR F 323 -53.72 2.08 -19.27
C TYR F 323 -54.16 0.85 -18.51
N VAL F 324 -53.87 -0.30 -19.10
CA VAL F 324 -54.02 -1.58 -18.41
C VAL F 324 -52.72 -2.36 -18.53
N ASP F 325 -52.51 -3.22 -17.55
CA ASP F 325 -51.27 -4.01 -17.45
C ASP F 325 -51.48 -5.18 -16.51
N ASP F 326 -50.52 -6.12 -16.57
CA ASP F 326 -50.48 -7.33 -15.70
C ASP F 326 -51.85 -7.99 -15.57
N VAL F 327 -52.39 -8.27 -16.74
CA VAL F 327 -53.68 -8.93 -16.89
C VAL F 327 -53.45 -10.40 -16.70
N GLN F 328 -54.34 -11.02 -15.93
CA GLN F 328 -54.12 -12.38 -15.46
C GLN F 328 -55.39 -13.13 -15.06
N ILE F 329 -55.45 -14.37 -15.54
CA ILE F 329 -56.53 -15.30 -15.19
C ILE F 329 -55.92 -16.57 -14.62
N THR F 330 -56.41 -16.93 -13.44
CA THR F 330 -55.92 -18.07 -12.68
C THR F 330 -57.06 -19.00 -12.30
N ALA F 331 -56.74 -20.28 -12.28
CA ALA F 331 -57.66 -21.33 -11.77
C ALA F 331 -57.80 -21.27 -10.25
N THR F 332 -58.92 -21.79 -9.76
CA THR F 332 -59.17 -21.98 -8.31
C THR F 332 -59.39 -23.43 -7.87
CA CA G . 28.15 -8.67 -16.49
CA CA H . -4.67 17.29 -17.18
CA CA I . 42.48 15.40 -18.00
CA CA J . 17.43 16.99 24.84
C1 GOL K . 33.27 15.65 44.75
O1 GOL K . 33.20 15.59 43.32
C2 GOL K . 31.88 15.71 45.42
O2 GOL K . 30.90 16.59 44.76
C3 GOL K . 31.42 14.24 45.59
O3 GOL K . 31.08 13.72 44.30
CA CA L . 45.85 -1.64 5.09
CA CA M . 8.06 -16.73 -10.45
CA CA N . 6.55 18.58 17.64
C1 GOL O . -13.12 -3.03 -4.38
O1 GOL O . -11.94 -3.08 -5.26
C2 GOL O . -12.71 -2.74 -2.89
O2 GOL O . -13.67 -3.26 -1.93
C3 GOL O . -12.28 -1.28 -2.67
O3 GOL O . -12.29 -0.88 -1.28
CA CA P . 5.57 -39.34 8.76
CA CA Q . -4.45 -38.85 -17.06
CA CA R . -46.20 -4.54 -18.04
#